data_6HGT
#
_entry.id   6HGT
#
_cell.length_a   58.440
_cell.length_b   103.410
_cell.length_c   144.520
_cell.angle_alpha   90.00
_cell.angle_beta   99.63
_cell.angle_gamma   90.00
#
_symmetry.space_group_name_H-M   'P 1 21 1'
#
loop_
_entity.id
_entity.type
_entity.pdbx_description
1 polymer 'Lysine-specific demethylase 4A'
2 polymer 'Histone H3.3'
3 non-polymer 'ZINC ION'
4 non-polymer N-OXALYLGLYCINE
5 water water
#
loop_
_entity_poly.entity_id
_entity_poly.type
_entity_poly.pdbx_seq_one_letter_code
_entity_poly.pdbx_strand_id
1 'polypeptide(L)'
;SMASESETLNPSARIMTFYPTMEEFRNFSRYIAYIESQGAHRAGLAKVVPPKEWKPRASYDDIDDLVIPAPIQQLVTGQS
GLFTQYNIQKKAMTVREFRKIANSDKYCTPRYSEFEELERKYWKNLTFNPPIYGADVNGTLYEKHVDEWNIGRLRTILDL
VEKESGITIEGVNTPYLYFGMWKTSFAWHTEDMDLYSINYLHFGEPKSWYSVPPEHGKRLERLAKGFFPGSAQSCEAFLR
HKMTLISPLMLKKYGIPFDKVTQEAGEFMITFPYGYHAGFNHGFNCAESTNFATRRWIEYGKQAVLCSCRKDMVKISMDV
FVRKFQPERYKLWKAGKDNTVIDHTLPTPEAAEFLKESEL
;
A,B,C,D
2 'polypeptide(L)' TKQTARRSTGGKAPR E,F,G,H
#
loop_
_chem_comp.id
_chem_comp.type
_chem_comp.name
_chem_comp.formula
OGA non-polymer N-OXALYLGLYCINE 'C4 H5 N O5'
ZN non-polymer 'ZINC ION' 'Zn 2'
#
# COMPACT_ATOMS: atom_id res chain seq x y z
CA SER A 6 7.48 -3.42 37.31
C SER A 6 8.32 -2.14 37.47
N GLU A 7 9.06 -2.02 38.59
CA GLU A 7 9.92 -0.87 38.90
C GLU A 7 11.38 -1.09 38.43
N THR A 8 11.73 -2.33 38.04
CA THR A 8 13.05 -2.73 37.55
C THR A 8 13.29 -2.38 36.07
N LEU A 9 12.25 -2.57 35.20
CA LEU A 9 12.35 -2.26 33.78
C LEU A 9 11.90 -0.82 33.50
N ASN A 10 12.73 -0.04 32.76
CA ASN A 10 12.57 1.38 32.41
C ASN A 10 12.36 2.27 33.68
N PRO A 11 13.33 2.25 34.62
CA PRO A 11 13.20 3.03 35.86
C PRO A 11 13.38 4.54 35.69
N SER A 12 13.91 4.99 34.53
N SER A 12 13.91 4.96 34.53
CA SER A 12 14.10 6.40 34.23
CA SER A 12 14.14 6.36 34.15
C SER A 12 12.89 6.99 33.45
C SER A 12 12.94 6.97 33.39
N ALA A 13 11.89 6.13 33.11
CA ALA A 13 10.63 6.47 32.40
C ALA A 13 10.82 7.21 31.05
N ARG A 14 11.87 6.81 30.31
CA ARG A 14 12.21 7.38 29.00
C ARG A 14 11.40 6.71 27.87
N ILE A 15 11.11 7.46 26.81
CA ILE A 15 10.35 6.95 25.64
C ILE A 15 11.20 5.88 24.95
N MET A 16 10.60 4.77 24.56
CA MET A 16 11.32 3.63 23.92
C MET A 16 10.85 3.44 22.47
N THR A 17 11.78 3.05 21.60
CA THR A 17 11.50 2.80 20.17
C THR A 17 11.63 1.29 19.89
N PHE A 18 10.70 0.75 19.11
CA PHE A 18 10.69 -0.70 18.79
C PHE A 18 10.76 -0.92 17.27
N TYR A 19 11.53 -1.92 16.87
CA TYR A 19 11.72 -2.28 15.46
C TYR A 19 11.28 -3.74 15.22
N PRO A 20 9.95 -4.05 15.20
CA PRO A 20 9.52 -5.45 14.99
C PRO A 20 9.79 -6.02 13.60
N THR A 21 9.92 -7.36 13.53
CA THR A 21 10.07 -8.11 12.28
C THR A 21 8.65 -8.31 11.76
N MET A 22 8.50 -8.82 10.53
CA MET A 22 7.18 -9.06 9.93
C MET A 22 6.32 -10.07 10.76
N GLU A 23 6.96 -11.11 11.35
CA GLU A 23 6.30 -12.11 12.20
C GLU A 23 5.81 -11.49 13.52
N GLU A 24 6.66 -10.65 14.16
CA GLU A 24 6.36 -9.94 15.41
C GLU A 24 5.25 -8.88 15.22
N PHE A 25 5.25 -8.24 14.03
CA PHE A 25 4.32 -7.18 13.63
C PHE A 25 2.90 -7.65 13.29
N ARG A 26 2.72 -8.93 12.87
CA ARG A 26 1.42 -9.51 12.50
C ARG A 26 0.37 -9.45 13.62
N ASN A 27 0.73 -9.83 14.86
CA ASN A 27 -0.19 -9.80 16.00
C ASN A 27 -0.04 -8.47 16.79
N PHE A 28 -1.07 -7.60 16.69
CA PHE A 28 -1.12 -6.27 17.30
C PHE A 28 -1.09 -6.29 18.81
N SER A 29 -2.11 -6.89 19.43
CA SER A 29 -2.28 -6.95 20.88
C SER A 29 -1.13 -7.69 21.59
N ARG A 30 -0.60 -8.76 20.96
CA ARG A 30 0.52 -9.54 21.48
C ARG A 30 1.79 -8.66 21.52
N TYR A 31 1.93 -7.71 20.57
CA TYR A 31 3.09 -6.83 20.58
C TYR A 31 2.96 -5.72 21.61
N ILE A 32 1.72 -5.23 21.83
CA ILE A 32 1.40 -4.23 22.85
C ILE A 32 1.77 -4.81 24.21
N ALA A 33 1.38 -6.08 24.46
CA ALA A 33 1.71 -6.85 25.68
C ALA A 33 3.23 -7.02 25.83
N TYR A 34 3.94 -7.36 24.71
CA TYR A 34 5.40 -7.51 24.69
C TYR A 34 6.12 -6.22 25.02
N ILE A 35 5.66 -5.06 24.48
CA ILE A 35 6.38 -3.81 24.74
C ILE A 35 6.18 -3.35 26.19
N GLU A 36 5.06 -3.78 26.84
CA GLU A 36 4.74 -3.49 28.25
C GLU A 36 5.63 -4.32 29.18
N SER A 37 6.05 -5.53 28.74
CA SER A 37 6.95 -6.41 29.48
C SER A 37 8.37 -5.82 29.48
N GLN A 38 8.63 -4.86 28.58
CA GLN A 38 9.90 -4.13 28.42
C GLN A 38 9.89 -2.80 29.22
N GLY A 39 8.74 -2.43 29.78
CA GLY A 39 8.55 -1.21 30.57
C GLY A 39 8.18 0.05 29.79
N ALA A 40 7.78 -0.07 28.50
CA ALA A 40 7.45 1.08 27.61
C ALA A 40 6.34 2.00 28.10
N HIS A 41 5.29 1.42 28.74
CA HIS A 41 4.11 2.12 29.26
C HIS A 41 4.47 3.18 30.32
N ARG A 42 5.58 2.99 31.06
CA ARG A 42 6.05 3.89 32.12
C ARG A 42 6.31 5.34 31.64
N ALA A 43 6.68 5.56 30.36
CA ALA A 43 6.91 6.88 29.76
C ALA A 43 5.58 7.58 29.38
N GLY A 44 4.53 6.78 29.19
CA GLY A 44 3.21 7.25 28.76
C GLY A 44 3.06 7.39 27.26
N LEU A 45 4.16 7.09 26.50
CA LEU A 45 4.29 7.20 25.06
C LEU A 45 5.45 6.31 24.56
N ALA A 46 5.24 5.63 23.40
CA ALA A 46 6.19 4.76 22.74
C ALA A 46 6.16 4.95 21.22
N LYS A 47 7.28 4.60 20.53
CA LYS A 47 7.42 4.69 19.08
C LYS A 47 7.63 3.30 18.50
N VAL A 48 6.97 2.99 17.40
CA VAL A 48 7.12 1.69 16.74
C VAL A 48 7.40 1.87 15.27
N VAL A 49 8.61 1.48 14.83
CA VAL A 49 9.03 1.55 13.43
C VAL A 49 8.63 0.22 12.74
N PRO A 50 7.64 0.23 11.79
CA PRO A 50 7.22 -1.03 11.16
C PRO A 50 8.23 -1.64 10.18
N PRO A 51 8.11 -2.93 9.77
CA PRO A 51 9.06 -3.50 8.79
C PRO A 51 9.03 -2.73 7.45
N LYS A 52 10.23 -2.52 6.85
CA LYS A 52 10.42 -1.77 5.60
C LYS A 52 9.57 -2.26 4.43
N GLU A 53 9.27 -3.58 4.38
CA GLU A 53 8.45 -4.20 3.34
C GLU A 53 6.97 -3.81 3.43
N TRP A 54 6.47 -3.55 4.67
CA TRP A 54 5.07 -3.20 4.97
C TRP A 54 4.66 -1.80 4.48
N LYS A 55 3.54 -1.76 3.73
CA LYS A 55 2.92 -0.56 3.18
C LYS A 55 1.39 -0.60 3.36
N PRO A 56 0.75 0.40 4.02
CA PRO A 56 -0.72 0.34 4.19
C PRO A 56 -1.50 0.80 2.94
N ARG A 57 -0.84 1.55 2.03
CA ARG A 57 -1.41 2.08 0.79
C ARG A 57 -0.30 2.19 -0.25
N ALA A 58 -0.62 1.90 -1.54
CA ALA A 58 0.33 1.93 -2.64
C ALA A 58 0.81 3.33 -3.03
N SER A 59 -0.11 4.33 -3.07
CA SER A 59 0.21 5.71 -3.44
C SER A 59 -0.72 6.73 -2.77
N TYR A 60 -0.21 7.94 -2.46
CA TYR A 60 -0.98 9.04 -1.87
C TYR A 60 -1.22 10.17 -2.89
N ASP A 61 -1.20 9.82 -4.19
CA ASP A 61 -1.34 10.75 -5.32
C ASP A 61 -2.79 10.99 -5.77
N ASP A 62 -3.75 10.27 -5.17
CA ASP A 62 -5.16 10.34 -5.52
C ASP A 62 -6.06 10.86 -4.38
N ILE A 63 -5.58 11.81 -3.55
CA ILE A 63 -6.38 12.27 -2.41
C ILE A 63 -6.62 13.81 -2.38
N ASP A 64 -6.37 14.52 -3.50
CA ASP A 64 -6.59 15.97 -3.58
C ASP A 64 -8.08 16.38 -3.52
N ASP A 65 -8.98 15.51 -3.99
CA ASP A 65 -10.43 15.75 -4.01
C ASP A 65 -11.14 15.39 -2.70
N LEU A 66 -10.38 14.87 -1.70
CA LEU A 66 -10.89 14.49 -0.38
C LEU A 66 -11.30 15.77 0.37
N VAL A 67 -12.54 15.78 0.91
CA VAL A 67 -13.14 16.90 1.63
C VAL A 67 -12.87 16.84 3.15
N ILE A 68 -12.44 17.99 3.71
CA ILE A 68 -12.24 18.25 5.13
C ILE A 68 -13.48 19.10 5.54
N PRO A 69 -14.52 18.47 6.15
CA PRO A 69 -15.78 19.19 6.44
C PRO A 69 -15.72 20.39 7.38
N ALA A 70 -14.88 20.31 8.43
CA ALA A 70 -14.79 21.38 9.43
C ALA A 70 -13.34 21.76 9.82
N PRO A 71 -12.57 22.43 8.92
CA PRO A 71 -11.21 22.85 9.31
C PRO A 71 -11.26 23.93 10.39
N ILE A 72 -10.27 23.96 11.29
CA ILE A 72 -10.26 24.89 12.43
C ILE A 72 -9.06 25.83 12.45
N GLN A 73 -9.34 27.16 12.55
CA GLN A 73 -8.28 28.16 12.69
C GLN A 73 -7.96 28.20 14.19
N GLN A 74 -6.69 27.97 14.55
CA GLN A 74 -6.24 27.90 15.94
C GLN A 74 -5.71 29.21 16.49
N LEU A 75 -6.56 29.91 17.27
CA LEU A 75 -6.23 31.17 17.94
C LEU A 75 -5.62 30.89 19.31
N VAL A 76 -4.35 31.27 19.53
CA VAL A 76 -3.64 31.04 20.80
C VAL A 76 -3.42 32.37 21.56
N THR A 77 -3.77 32.38 22.87
CA THR A 77 -3.60 33.52 23.75
C THR A 77 -2.74 33.15 24.97
N GLY A 78 -1.88 34.07 25.40
CA GLY A 78 -1.04 33.86 26.57
C GLY A 78 0.35 34.43 26.53
N GLN A 79 1.13 34.10 27.58
CA GLN A 79 2.51 34.53 27.80
C GLN A 79 3.20 33.60 28.83
N SER A 80 4.53 33.81 29.02
CA SER A 80 5.41 33.09 29.96
C SER A 80 5.20 31.56 30.02
N GLY A 81 5.08 30.93 28.83
CA GLY A 81 4.92 29.49 28.67
C GLY A 81 3.58 28.89 29.03
N LEU A 82 2.57 29.74 29.29
CA LEU A 82 1.18 29.34 29.61
C LEU A 82 0.23 29.90 28.55
N PHE A 83 -0.56 29.04 27.89
CA PHE A 83 -1.44 29.42 26.79
C PHE A 83 -2.82 28.74 26.77
N THR A 84 -3.78 29.42 26.12
CA THR A 84 -5.14 28.92 25.89
C THR A 84 -5.38 28.93 24.37
N GLN A 85 -5.79 27.78 23.82
CA GLN A 85 -6.06 27.62 22.39
C GLN A 85 -7.56 27.55 22.12
N TYR A 86 -8.04 28.46 21.26
CA TYR A 86 -9.43 28.55 20.82
C TYR A 86 -9.53 28.04 19.37
N ASN A 87 -10.30 26.98 19.16
CA ASN A 87 -10.49 26.37 17.83
C ASN A 87 -11.76 26.91 17.16
N ILE A 88 -11.59 27.72 16.09
CA ILE A 88 -12.65 28.38 15.31
C ILE A 88 -12.96 27.58 14.02
N GLN A 89 -14.23 27.16 13.85
CA GLN A 89 -14.67 26.41 12.66
C GLN A 89 -14.73 27.29 11.43
N LYS A 90 -14.15 26.79 10.33
CA LYS A 90 -14.11 27.43 9.03
C LYS A 90 -14.90 26.56 8.03
N LYS A 91 -15.29 27.13 6.87
CA LYS A 91 -16.05 26.39 5.86
C LYS A 91 -15.23 25.22 5.25
N ALA A 92 -15.93 24.17 4.77
CA ALA A 92 -15.34 22.98 4.15
C ALA A 92 -14.36 23.30 3.03
N MET A 93 -13.24 22.58 2.98
CA MET A 93 -12.19 22.72 1.95
C MET A 93 -11.59 21.39 1.56
N THR A 94 -11.05 21.29 0.35
CA THR A 94 -10.42 20.05 -0.13
C THR A 94 -8.97 19.99 0.39
N VAL A 95 -8.32 18.82 0.27
CA VAL A 95 -6.91 18.58 0.64
C VAL A 95 -6.00 19.46 -0.28
N ARG A 96 -6.47 19.70 -1.52
CA ARG A 96 -5.78 20.56 -2.54
C ARG A 96 -5.74 22.03 -2.09
N GLU A 97 -6.85 22.53 -1.56
CA GLU A 97 -7.01 23.89 -1.04
C GLU A 97 -6.21 24.08 0.25
N PHE A 98 -6.17 23.04 1.10
CA PHE A 98 -5.41 23.02 2.36
C PHE A 98 -3.89 23.05 2.10
N ARG A 99 -3.36 22.17 1.20
CA ARG A 99 -1.93 22.07 0.83
C ARG A 99 -1.37 23.39 0.28
N LYS A 100 -2.15 24.14 -0.52
CA LYS A 100 -1.79 25.42 -1.13
C LYS A 100 -1.56 26.48 -0.05
N ILE A 101 -2.45 26.53 0.98
CA ILE A 101 -2.38 27.47 2.09
C ILE A 101 -1.19 27.08 2.99
N ALA A 102 -1.06 25.78 3.31
CA ALA A 102 0.02 25.19 4.13
C ALA A 102 1.41 25.58 3.61
N ASN A 103 1.62 25.43 2.27
CA ASN A 103 2.89 25.66 1.57
C ASN A 103 3.09 27.11 1.07
N SER A 104 2.12 28.01 1.35
CA SER A 104 2.20 29.43 0.99
C SER A 104 3.22 30.13 1.88
N ASP A 105 3.78 31.29 1.40
CA ASP A 105 4.79 32.08 2.11
C ASP A 105 4.34 32.48 3.51
N LYS A 106 3.06 32.78 3.66
CA LYS A 106 2.43 33.16 4.93
C LYS A 106 2.44 32.04 5.99
N TYR A 107 2.17 30.78 5.60
CA TYR A 107 2.05 29.67 6.55
C TYR A 107 3.12 28.55 6.49
N CYS A 108 4.13 28.66 5.59
CA CYS A 108 5.17 27.62 5.41
C CYS A 108 6.17 27.53 6.59
N THR A 109 6.82 26.35 6.71
CA THR A 109 7.82 26.03 7.72
C THR A 109 9.04 26.98 7.64
N PRO A 110 9.50 27.60 8.75
CA PRO A 110 10.69 28.47 8.65
C PRO A 110 11.97 27.67 8.41
N ARG A 111 13.05 28.34 7.93
CA ARG A 111 14.35 27.74 7.65
C ARG A 111 15.04 27.40 8.98
N TYR A 112 15.54 26.15 9.12
CA TYR A 112 16.21 25.69 10.35
C TYR A 112 17.29 24.63 10.13
N SER A 113 18.24 24.54 11.08
CA SER A 113 19.32 23.57 11.06
C SER A 113 18.93 22.35 11.91
N GLU A 114 18.94 22.49 13.25
CA GLU A 114 18.60 21.43 14.21
C GLU A 114 17.14 21.57 14.70
N PHE A 115 16.58 20.49 15.27
CA PHE A 115 15.20 20.48 15.80
C PHE A 115 15.02 21.52 16.91
N GLU A 116 16.03 21.68 17.80
CA GLU A 116 16.05 22.64 18.91
C GLU A 116 15.76 24.05 18.43
N GLU A 117 16.18 24.39 17.19
CA GLU A 117 15.96 25.70 16.56
C GLU A 117 14.48 25.86 16.16
N LEU A 118 13.87 24.81 15.56
CA LEU A 118 12.45 24.82 15.16
C LEU A 118 11.52 24.85 16.38
N GLU A 119 11.89 24.13 17.45
CA GLU A 119 11.21 24.07 18.74
C GLU A 119 11.20 25.45 19.40
N ARG A 120 12.35 26.18 19.36
CA ARG A 120 12.47 27.55 19.90
C ARG A 120 11.55 28.50 19.12
N LYS A 121 11.52 28.34 17.78
CA LYS A 121 10.72 29.10 16.82
C LYS A 121 9.23 28.92 17.06
N TYR A 122 8.79 27.69 17.39
CA TYR A 122 7.41 27.32 17.74
C TYR A 122 6.92 28.06 18.98
N TRP A 123 7.60 27.89 20.13
CA TRP A 123 7.23 28.51 21.40
C TRP A 123 7.33 30.03 21.41
N LYS A 124 8.06 30.62 20.44
CA LYS A 124 8.22 32.08 20.31
C LYS A 124 7.12 32.65 19.41
N ASN A 125 6.63 31.87 18.42
CA ASN A 125 5.67 32.35 17.43
C ASN A 125 4.26 31.72 17.46
N LEU A 126 3.98 30.79 18.40
CA LEU A 126 2.69 30.10 18.50
C LEU A 126 1.44 31.02 18.64
N THR A 127 1.58 32.29 19.09
CA THR A 127 0.44 33.24 19.24
C THR A 127 0.23 34.12 18.00
N PHE A 128 1.19 34.11 17.04
CA PHE A 128 1.10 34.89 15.81
C PHE A 128 0.71 33.99 14.65
N ASN A 129 0.11 34.61 13.60
CA ASN A 129 -0.33 34.00 12.35
C ASN A 129 -1.12 32.69 12.61
N PRO A 130 -2.33 32.71 13.24
CA PRO A 130 -3.05 31.46 13.51
C PRO A 130 -3.22 30.51 12.31
N PRO A 131 -2.70 29.26 12.39
CA PRO A 131 -2.83 28.35 11.25
C PRO A 131 -4.17 27.60 11.21
N ILE A 132 -4.44 26.85 10.15
CA ILE A 132 -5.68 26.05 9.95
C ILE A 132 -5.31 24.56 10.17
N TYR A 133 -6.12 23.83 10.96
CA TYR A 133 -5.89 22.41 11.22
C TYR A 133 -7.05 21.59 10.68
N GLY A 134 -6.77 20.74 9.69
CA GLY A 134 -7.78 19.84 9.12
C GLY A 134 -7.93 18.59 9.97
N ALA A 135 -8.39 18.78 11.23
CA ALA A 135 -8.54 17.74 12.26
C ALA A 135 -9.91 17.07 12.30
N ASP A 136 -9.98 15.88 12.95
CA ASP A 136 -11.20 15.09 13.20
C ASP A 136 -12.00 14.71 11.92
N VAL A 137 -11.31 14.39 10.84
CA VAL A 137 -11.96 13.99 9.60
C VAL A 137 -12.26 12.49 9.69
N ASN A 138 -13.54 12.09 9.54
CA ASN A 138 -13.91 10.68 9.56
C ASN A 138 -13.37 10.04 8.27
N GLY A 139 -12.54 9.01 8.42
CA GLY A 139 -11.99 8.31 7.26
C GLY A 139 -10.74 7.50 7.52
N THR A 140 -10.34 6.71 6.51
CA THR A 140 -9.15 5.87 6.51
C THR A 140 -8.38 6.02 5.21
N LEU A 141 -7.06 5.84 5.25
CA LEU A 141 -6.21 5.87 4.07
C LEU A 141 -5.62 4.47 3.83
N TYR A 142 -5.97 3.52 4.72
CA TYR A 142 -5.57 2.12 4.62
C TYR A 142 -6.35 1.43 3.49
N GLU A 143 -5.69 0.52 2.77
CA GLU A 143 -6.33 -0.29 1.73
C GLU A 143 -7.06 -1.44 2.44
N LYS A 144 -8.18 -1.90 1.88
CA LYS A 144 -9.04 -2.94 2.46
C LYS A 144 -8.34 -4.26 2.79
N HIS A 145 -7.36 -4.68 1.97
CA HIS A 145 -6.64 -5.95 2.11
C HIS A 145 -5.58 -5.97 3.24
N VAL A 146 -5.15 -4.80 3.76
CA VAL A 146 -4.13 -4.69 4.80
C VAL A 146 -4.64 -5.24 6.15
N ASP A 147 -4.03 -6.35 6.61
CA ASP A 147 -4.39 -7.05 7.84
C ASP A 147 -3.58 -6.64 9.08
N GLU A 148 -2.34 -6.18 8.86
CA GLU A 148 -1.41 -5.78 9.93
C GLU A 148 -1.58 -4.32 10.33
N TRP A 149 -1.84 -4.12 11.63
CA TRP A 149 -2.05 -2.86 12.36
C TRP A 149 -3.02 -1.90 11.64
N ASN A 150 -4.14 -2.45 11.11
CA ASN A 150 -5.18 -1.69 10.39
C ASN A 150 -6.01 -0.90 11.40
N ILE A 151 -5.76 0.42 11.50
CA ILE A 151 -6.41 1.37 12.42
C ILE A 151 -7.96 1.23 12.42
N GLY A 152 -8.56 0.99 11.25
CA GLY A 152 -10.00 0.82 11.07
C GLY A 152 -10.59 -0.48 11.62
N ARG A 153 -9.73 -1.46 11.97
CA ARG A 153 -10.10 -2.78 12.51
C ARG A 153 -8.94 -3.47 13.30
N LEU A 154 -8.61 -2.96 14.50
CA LEU A 154 -7.51 -3.48 15.34
C LEU A 154 -7.78 -4.80 16.09
N ARG A 155 -9.07 -5.11 16.37
CA ARG A 155 -9.62 -6.32 17.02
C ARG A 155 -9.20 -6.47 18.53
N THR A 156 -9.24 -5.37 19.30
CA THR A 156 -8.96 -5.35 20.76
C THR A 156 -10.27 -5.56 21.56
N ILE A 157 -10.20 -5.57 22.91
CA ILE A 157 -11.38 -5.78 23.77
C ILE A 157 -12.32 -4.53 23.78
N LEU A 158 -11.90 -3.46 23.12
CA LEU A 158 -12.72 -2.21 23.03
C LEU A 158 -13.92 -2.47 22.10
N ASP A 159 -13.85 -3.58 21.35
CA ASP A 159 -14.88 -4.05 20.36
C ASP A 159 -16.21 -4.40 21.05
N LEU A 160 -16.18 -4.74 22.34
CA LEU A 160 -17.35 -5.09 23.17
C LEU A 160 -18.33 -3.92 23.21
N VAL A 161 -17.85 -2.68 23.25
CA VAL A 161 -18.78 -1.52 23.33
C VAL A 161 -19.69 -1.52 22.10
N GLU A 162 -19.16 -1.70 20.90
CA GLU A 162 -19.99 -1.75 19.66
C GLU A 162 -20.74 -3.08 19.53
N LYS A 163 -20.08 -4.19 19.84
CA LYS A 163 -20.67 -5.55 19.65
C LYS A 163 -21.91 -5.75 20.51
N GLU A 164 -21.88 -5.35 21.78
CA GLU A 164 -23.03 -5.61 22.68
C GLU A 164 -23.96 -4.39 22.81
N SER A 165 -23.42 -3.21 23.08
CA SER A 165 -24.27 -1.99 23.19
C SER A 165 -24.83 -1.54 21.84
N GLY A 166 -24.05 -1.67 20.76
CA GLY A 166 -24.46 -1.17 19.44
C GLY A 166 -24.05 0.27 19.26
N ILE A 167 -23.28 0.79 20.22
CA ILE A 167 -22.80 2.20 20.30
C ILE A 167 -21.62 2.48 19.34
N THR A 168 -21.75 3.54 18.56
CA THR A 168 -20.68 4.00 17.64
C THR A 168 -20.11 5.31 18.19
N ILE A 169 -18.82 5.37 18.49
CA ILE A 169 -18.22 6.67 18.95
C ILE A 169 -17.14 7.07 17.95
N GLU A 170 -17.38 8.17 17.24
CA GLU A 170 -16.46 8.70 16.22
C GLU A 170 -15.10 9.10 16.80
N GLY A 171 -14.04 8.57 16.18
CA GLY A 171 -12.66 8.79 16.59
C GLY A 171 -12.19 7.85 17.70
N VAL A 172 -13.15 7.27 18.46
CA VAL A 172 -12.85 6.35 19.57
C VAL A 172 -12.84 4.90 19.07
N ASN A 173 -13.88 4.48 18.32
CA ASN A 173 -13.89 3.13 17.74
C ASN A 173 -14.09 3.17 16.21
N THR A 174 -13.76 4.32 15.60
CA THR A 174 -13.77 4.61 14.15
C THR A 174 -12.48 5.41 13.85
N PRO A 175 -11.87 5.34 12.63
CA PRO A 175 -10.65 6.12 12.40
C PRO A 175 -10.90 7.60 12.05
N TYR A 176 -9.93 8.44 12.43
CA TYR A 176 -9.91 9.88 12.18
C TYR A 176 -8.64 10.23 11.41
N LEU A 177 -8.73 11.16 10.45
CA LEU A 177 -7.59 11.69 9.70
C LEU A 177 -7.32 13.14 10.17
N TYR A 178 -6.06 13.55 10.15
CA TYR A 178 -5.60 14.87 10.62
C TYR A 178 -4.65 15.45 9.57
N PHE A 179 -5.07 16.48 8.87
CA PHE A 179 -4.25 17.17 7.87
C PHE A 179 -3.62 18.37 8.55
N GLY A 180 -2.29 18.33 8.73
CA GLY A 180 -1.56 19.38 9.42
C GLY A 180 -0.78 20.36 8.57
N MET A 181 -0.36 21.46 9.18
CA MET A 181 0.54 22.47 8.63
C MET A 181 1.43 22.95 9.77
N TRP A 182 2.42 23.83 9.48
CA TRP A 182 3.37 24.36 10.44
C TRP A 182 2.67 25.08 11.61
N LYS A 183 3.08 24.77 12.87
CA LYS A 183 2.60 25.43 14.10
C LYS A 183 1.19 24.97 14.56
N THR A 184 0.59 23.97 13.90
CA THR A 184 -0.72 23.43 14.33
C THR A 184 -0.42 22.53 15.50
N SER A 185 -1.17 22.71 16.60
CA SER A 185 -0.91 22.04 17.88
C SER A 185 -2.01 21.08 18.38
N PHE A 186 -1.61 20.22 19.30
CA PHE A 186 -2.48 19.38 20.11
C PHE A 186 -2.13 19.64 21.58
N ALA A 187 -3.10 20.17 22.35
CA ALA A 187 -2.95 20.57 23.75
C ALA A 187 -2.77 19.37 24.70
N TRP A 188 -2.40 19.63 25.97
CA TRP A 188 -2.19 18.61 27.02
C TRP A 188 -3.48 17.85 27.33
N HIS A 189 -3.43 16.49 27.27
CA HIS A 189 -4.60 15.64 27.49
C HIS A 189 -4.21 14.18 27.64
N THR A 190 -5.12 13.38 28.24
CA THR A 190 -5.10 11.93 28.29
C THR A 190 -6.20 11.50 27.25
N GLU A 191 -6.38 10.21 27.00
CA GLU A 191 -7.42 9.81 26.04
C GLU A 191 -8.79 9.78 26.71
N ASP A 192 -9.86 9.77 25.91
CA ASP A 192 -11.23 9.71 26.48
C ASP A 192 -11.36 8.38 27.22
N MET A 193 -11.79 8.43 28.50
CA MET A 193 -11.98 7.29 29.43
C MET A 193 -10.65 6.63 29.82
N ASP A 194 -9.53 7.34 29.63
CA ASP A 194 -8.12 6.92 29.83
C ASP A 194 -7.77 5.72 28.95
N LEU A 195 -8.27 5.66 27.71
CA LEU A 195 -7.89 4.57 26.81
C LEU A 195 -6.46 4.74 26.23
N TYR A 196 -6.00 3.75 25.43
CA TYR A 196 -4.73 3.83 24.68
C TYR A 196 -5.12 4.49 23.35
N SER A 197 -4.14 4.94 22.57
CA SER A 197 -4.37 5.46 21.22
C SER A 197 -3.21 5.09 20.29
N ILE A 198 -3.52 4.92 19.01
CA ILE A 198 -2.57 4.60 17.95
C ILE A 198 -2.52 5.82 17.00
N ASN A 199 -1.32 6.22 16.59
CA ASN A 199 -1.12 7.34 15.68
C ASN A 199 -0.08 6.99 14.61
N TYR A 200 -0.55 6.76 13.37
CA TYR A 200 0.29 6.50 12.22
C TYR A 200 0.44 7.79 11.35
N LEU A 201 1.68 8.17 11.00
CA LEU A 201 1.86 9.31 10.10
C LEU A 201 1.99 8.75 8.67
N HIS A 202 1.01 9.03 7.77
CA HIS A 202 0.93 8.56 6.37
C HIS A 202 1.98 9.17 5.45
N PHE A 203 2.16 10.49 5.50
CA PHE A 203 3.10 11.22 4.66
C PHE A 203 3.37 12.62 5.19
N GLY A 204 4.33 13.31 4.56
CA GLY A 204 4.68 14.69 4.85
C GLY A 204 5.74 14.94 5.90
N GLU A 205 5.71 16.17 6.44
CA GLU A 205 6.62 16.70 7.46
C GLU A 205 6.36 16.10 8.84
N PRO A 206 7.39 16.04 9.74
CA PRO A 206 7.18 15.40 11.05
C PRO A 206 6.17 16.04 12.01
N LYS A 207 5.86 15.28 13.08
CA LYS A 207 5.02 15.62 14.22
C LYS A 207 5.89 15.34 15.45
N SER A 208 6.05 16.36 16.32
CA SER A 208 6.81 16.29 17.58
C SER A 208 5.84 16.16 18.74
N TRP A 209 6.22 15.37 19.76
CA TRP A 209 5.42 15.03 20.94
C TRP A 209 6.17 15.30 22.26
N TYR A 210 5.41 15.64 23.31
CA TYR A 210 5.86 15.82 24.69
C TYR A 210 5.03 14.86 25.53
N SER A 211 5.66 14.15 26.48
CA SER A 211 4.91 13.24 27.33
C SER A 211 5.30 13.32 28.80
N VAL A 212 4.32 13.08 29.67
CA VAL A 212 4.47 13.08 31.12
C VAL A 212 4.14 11.64 31.61
N PRO A 213 5.06 10.97 32.35
CA PRO A 213 4.76 9.61 32.82
C PRO A 213 3.47 9.46 33.65
N PRO A 214 2.67 8.39 33.41
CA PRO A 214 1.42 8.20 34.18
C PRO A 214 1.54 8.37 35.69
N GLU A 215 2.65 7.87 36.30
CA GLU A 215 2.92 7.93 37.75
C GLU A 215 3.11 9.37 38.29
N HIS A 216 3.34 10.34 37.41
CA HIS A 216 3.52 11.76 37.74
C HIS A 216 2.37 12.63 37.18
N GLY A 217 1.33 12.01 36.62
CA GLY A 217 0.18 12.66 36.01
C GLY A 217 -0.63 13.56 36.92
N LYS A 218 -0.72 13.21 38.23
CA LYS A 218 -1.45 14.00 39.23
C LYS A 218 -0.75 15.33 39.51
N ARG A 219 0.58 15.35 39.39
CA ARG A 219 1.44 16.53 39.60
C ARG A 219 1.21 17.59 38.53
N LEU A 220 0.95 17.17 37.26
CA LEU A 220 0.66 18.07 36.14
C LEU A 220 -0.73 18.68 36.32
N GLU A 221 -1.72 17.86 36.75
CA GLU A 221 -3.10 18.28 37.03
C GLU A 221 -3.13 19.37 38.11
N ARG A 222 -2.35 19.18 39.20
CA ARG A 222 -2.24 20.10 40.34
C ARG A 222 -1.65 21.45 39.91
N LEU A 223 -0.67 21.42 38.99
CA LEU A 223 0.00 22.60 38.44
C LEU A 223 -0.96 23.40 37.54
N ALA A 224 -1.68 22.72 36.60
CA ALA A 224 -2.64 23.31 35.68
C ALA A 224 -3.77 24.03 36.43
N LYS A 225 -4.27 23.43 37.56
CA LYS A 225 -5.31 23.94 38.46
C LYS A 225 -4.90 25.23 39.17
N GLY A 226 -3.60 25.34 39.49
CA GLY A 226 -3.01 26.51 40.13
C GLY A 226 -2.86 27.69 39.19
N PHE A 227 -2.73 27.42 37.88
CA PHE A 227 -2.56 28.42 36.81
C PHE A 227 -3.89 28.88 36.22
N PHE A 228 -4.89 27.99 36.23
CA PHE A 228 -6.24 28.28 35.71
C PHE A 228 -7.29 27.91 36.80
N PRO A 229 -7.35 28.68 37.93
CA PRO A 229 -8.29 28.33 39.01
C PRO A 229 -9.78 28.52 38.70
N GLY A 230 -10.09 29.43 37.78
CA GLY A 230 -11.46 29.70 37.32
C GLY A 230 -12.00 28.55 36.49
N SER A 231 -11.10 27.93 35.69
CA SER A 231 -11.38 26.78 34.83
C SER A 231 -11.58 25.52 35.68
N ALA A 232 -10.77 25.38 36.73
CA ALA A 232 -10.83 24.25 37.68
C ALA A 232 -12.15 24.23 38.47
N GLN A 233 -12.64 25.40 38.91
CA GLN A 233 -13.90 25.51 39.68
C GLN A 233 -15.10 25.08 38.84
N SER A 234 -15.16 25.56 37.60
CA SER A 234 -16.28 25.22 36.68
C SER A 234 -16.28 23.73 36.29
N CYS A 235 -15.11 23.17 36.01
CA CYS A 235 -15.02 21.78 35.56
C CYS A 235 -13.92 21.04 36.30
N GLU A 236 -14.22 19.80 36.76
CA GLU A 236 -13.28 18.91 37.45
C GLU A 236 -12.16 18.48 36.50
N ALA A 237 -12.53 18.01 35.28
CA ALA A 237 -11.57 17.59 34.26
C ALA A 237 -11.53 18.60 33.10
N PHE A 238 -11.11 19.84 33.39
CA PHE A 238 -11.03 20.94 32.41
C PHE A 238 -9.95 20.73 31.34
N LEU A 239 -8.99 19.83 31.60
CA LEU A 239 -7.93 19.50 30.64
C LEU A 239 -8.46 18.65 29.48
N ARG A 240 -9.64 18.01 29.68
CA ARG A 240 -10.34 17.19 28.68
C ARG A 240 -10.98 18.11 27.60
N HIS A 241 -10.98 19.45 27.83
CA HIS A 241 -11.48 20.45 26.87
C HIS A 241 -10.44 20.64 25.75
N LYS A 242 -9.18 20.19 25.98
CA LYS A 242 -8.02 20.23 25.06
C LYS A 242 -7.69 21.67 24.58
N MET A 243 -7.53 22.59 25.55
CA MET A 243 -7.26 24.00 25.28
C MET A 243 -6.00 24.52 25.96
N THR A 244 -5.37 23.73 26.82
CA THR A 244 -4.22 24.16 27.62
C THR A 244 -2.86 23.71 27.02
N LEU A 245 -1.99 24.72 26.71
CA LEU A 245 -0.62 24.60 26.21
C LEU A 245 0.34 25.06 27.35
N ILE A 246 1.28 24.18 27.74
CA ILE A 246 2.27 24.44 28.79
C ILE A 246 3.60 24.03 28.16
N SER A 247 4.58 24.98 28.06
CA SER A 247 5.91 24.78 27.45
C SER A 247 6.85 23.88 28.26
N PRO A 248 7.87 23.20 27.62
CA PRO A 248 8.81 22.36 28.38
C PRO A 248 9.64 23.10 29.43
N LEU A 249 9.88 24.41 29.23
CA LEU A 249 10.60 25.30 30.15
C LEU A 249 9.76 25.55 31.41
N MET A 250 8.44 25.59 31.27
CA MET A 250 7.48 25.78 32.36
C MET A 250 7.40 24.48 33.17
N LEU A 251 7.52 23.31 32.51
CA LEU A 251 7.49 21.99 33.15
C LEU A 251 8.75 21.75 33.99
N LYS A 252 9.91 22.16 33.46
CA LYS A 252 11.21 22.04 34.10
C LYS A 252 11.31 22.95 35.33
N LYS A 253 10.70 24.15 35.26
CA LYS A 253 10.68 25.16 36.32
C LYS A 253 9.92 24.69 37.57
N TYR A 254 8.83 23.94 37.36
CA TYR A 254 7.99 23.46 38.46
C TYR A 254 8.25 21.98 38.83
N GLY A 255 9.36 21.44 38.34
CA GLY A 255 9.80 20.07 38.61
C GLY A 255 8.93 18.94 38.11
N ILE A 256 8.18 19.15 37.02
CA ILE A 256 7.31 18.12 36.45
C ILE A 256 8.16 17.27 35.46
N PRO A 257 8.31 15.95 35.70
CA PRO A 257 9.13 15.12 34.79
C PRO A 257 8.45 14.93 33.44
N PHE A 258 9.25 14.93 32.34
CA PHE A 258 8.76 14.78 30.97
C PHE A 258 9.85 14.29 30.00
N ASP A 259 9.42 13.84 28.82
CA ASP A 259 10.32 13.45 27.73
C ASP A 259 9.76 13.97 26.37
N LYS A 260 10.62 14.05 25.32
CA LYS A 260 10.30 14.56 23.98
C LYS A 260 10.60 13.49 22.92
N VAL A 261 9.92 13.55 21.74
CA VAL A 261 10.13 12.62 20.63
C VAL A 261 9.56 13.20 19.32
N THR A 262 10.23 12.93 18.18
CA THR A 262 9.81 13.34 16.84
C THR A 262 9.43 12.11 15.99
N GLN A 263 8.19 12.12 15.45
CA GLN A 263 7.62 11.08 14.59
C GLN A 263 7.70 11.48 13.13
N GLU A 264 8.33 10.62 12.34
CA GLU A 264 8.49 10.86 10.91
C GLU A 264 7.52 10.01 10.09
N ALA A 265 7.33 10.37 8.78
CA ALA A 265 6.41 9.66 7.89
C ALA A 265 6.75 8.16 7.87
N GLY A 266 5.73 7.33 8.02
CA GLY A 266 5.88 5.88 8.06
C GLY A 266 6.18 5.32 9.44
N GLU A 267 5.92 6.09 10.52
CA GLU A 267 6.15 5.61 11.89
C GLU A 267 4.86 5.64 12.70
N PHE A 268 4.81 4.74 13.69
CA PHE A 268 3.67 4.57 14.63
C PHE A 268 4.06 5.12 16.01
N MET A 269 3.11 5.77 16.65
CA MET A 269 3.24 6.29 18.04
C MET A 269 2.10 5.65 18.85
N ILE A 270 2.41 5.17 20.06
CA ILE A 270 1.41 4.55 20.97
C ILE A 270 1.35 5.39 22.26
N THR A 271 0.14 5.72 22.71
CA THR A 271 -0.10 6.47 23.97
C THR A 271 -0.79 5.50 24.94
N PHE A 272 -0.37 5.50 26.19
CA PHE A 272 -0.86 4.54 27.17
C PHE A 272 -1.86 5.17 28.15
N PRO A 273 -2.71 4.37 28.84
CA PRO A 273 -3.68 4.95 29.80
C PRO A 273 -3.09 5.93 30.83
N TYR A 274 -3.74 7.10 30.94
CA TYR A 274 -3.41 8.21 31.85
C TYR A 274 -2.01 8.84 31.52
N GLY A 275 -1.63 8.74 30.24
CA GLY A 275 -0.39 9.31 29.74
C GLY A 275 -0.68 10.65 29.08
N TYR A 276 -0.33 11.74 29.78
CA TYR A 276 -0.54 13.11 29.30
C TYR A 276 0.44 13.44 28.19
N HIS A 277 -0.07 13.90 27.04
CA HIS A 277 0.72 14.27 25.88
C HIS A 277 0.23 15.55 25.19
N ALA A 278 1.17 16.25 24.52
CA ALA A 278 1.02 17.49 23.76
C ALA A 278 2.05 17.52 22.60
N GLY A 279 1.89 18.45 21.66
CA GLY A 279 2.82 18.57 20.56
C GLY A 279 2.38 19.47 19.42
N PHE A 280 3.17 19.45 18.34
CA PHE A 280 2.96 20.26 17.15
C PHE A 280 3.44 19.57 15.87
N ASN A 281 2.92 20.06 14.72
CA ASN A 281 3.27 19.60 13.37
C ASN A 281 4.33 20.54 12.78
N HIS A 282 5.34 19.95 12.06
CA HIS A 282 6.47 20.67 11.45
C HIS A 282 6.10 21.37 10.15
N GLY A 283 5.14 20.79 9.44
CA GLY A 283 4.64 21.29 8.17
C GLY A 283 3.52 20.42 7.66
N PHE A 284 3.18 20.54 6.36
CA PHE A 284 2.09 19.77 5.74
C PHE A 284 2.29 18.26 5.86
N ASN A 285 1.26 17.57 6.39
CA ASN A 285 1.25 16.11 6.62
C ASN A 285 -0.18 15.53 6.77
N CYS A 286 -0.29 14.23 7.07
CA CYS A 286 -1.53 13.50 7.30
C CYS A 286 -1.28 12.34 8.23
N ALA A 287 -2.09 12.27 9.29
CA ALA A 287 -2.03 11.25 10.34
C ALA A 287 -3.35 10.51 10.46
N GLU A 288 -3.30 9.24 10.91
CA GLU A 288 -4.50 8.44 11.17
C GLU A 288 -4.50 8.01 12.64
N SER A 289 -5.67 8.11 13.30
CA SER A 289 -5.78 7.79 14.71
C SER A 289 -7.11 7.17 15.13
N THR A 290 -7.02 6.31 16.17
CA THR A 290 -8.13 5.67 16.87
C THR A 290 -7.68 5.29 18.30
N ASN A 291 -8.62 4.86 19.14
CA ASN A 291 -8.37 4.42 20.49
C ASN A 291 -8.51 2.90 20.56
N PHE A 292 -7.81 2.28 21.53
CA PHE A 292 -7.87 0.83 21.77
C PHE A 292 -7.72 0.50 23.26
N ALA A 293 -7.93 -0.77 23.64
CA ALA A 293 -7.86 -1.21 25.03
C ALA A 293 -7.16 -2.55 25.20
N THR A 294 -6.74 -2.85 26.43
CA THR A 294 -6.18 -4.13 26.90
C THR A 294 -6.89 -4.44 28.23
N ARG A 295 -6.58 -5.59 28.87
CA ARG A 295 -7.15 -5.98 30.16
C ARG A 295 -6.72 -5.01 31.30
N ARG A 296 -5.55 -4.35 31.13
CA ARG A 296 -5.00 -3.38 32.08
C ARG A 296 -5.86 -2.08 32.13
N TRP A 297 -6.38 -1.65 30.96
CA TRP A 297 -7.22 -0.46 30.82
C TRP A 297 -8.53 -0.47 31.65
N ILE A 298 -9.19 -1.64 31.78
CA ILE A 298 -10.48 -1.78 32.49
C ILE A 298 -10.49 -1.00 33.84
N GLU A 299 -9.44 -1.12 34.66
CA GLU A 299 -9.35 -0.42 35.95
C GLU A 299 -9.26 1.10 35.78
N TYR A 300 -8.54 1.59 34.73
CA TYR A 300 -8.39 3.02 34.40
C TYR A 300 -9.72 3.65 33.95
N GLY A 301 -10.50 2.90 33.19
CA GLY A 301 -11.81 3.32 32.68
C GLY A 301 -12.87 3.48 33.76
N LYS A 302 -12.78 2.64 34.81
CA LYS A 302 -13.66 2.64 35.99
C LYS A 302 -13.36 3.83 36.92
N GLN A 303 -12.11 4.29 36.91
CA GLN A 303 -11.60 5.37 37.77
C GLN A 303 -11.35 6.71 37.06
N ALA A 304 -11.65 6.79 35.74
CA ALA A 304 -11.47 8.01 34.93
C ALA A 304 -12.33 9.18 35.45
N VAL A 305 -11.69 10.35 35.70
CA VAL A 305 -12.38 11.57 36.14
C VAL A 305 -12.78 12.30 34.85
N LEU A 306 -14.09 12.37 34.58
CA LEU A 306 -14.66 12.94 33.36
C LEU A 306 -15.11 14.41 33.45
N CYS A 307 -15.42 15.00 32.28
CA CYS A 307 -15.90 16.39 32.14
C CYS A 307 -17.34 16.46 32.64
N SER A 308 -17.60 17.49 33.46
CA SER A 308 -18.90 17.73 34.10
C SER A 308 -19.77 18.84 33.48
N CYS A 309 -19.14 19.87 32.87
CA CYS A 309 -19.82 21.04 32.32
C CYS A 309 -20.48 20.87 30.92
N ARG A 310 -20.01 19.91 30.09
CA ARG A 310 -20.51 19.67 28.74
C ARG A 310 -21.34 18.35 28.63
N LYS A 311 -22.37 18.34 27.76
CA LYS A 311 -23.30 17.21 27.59
C LYS A 311 -23.07 16.34 26.34
N ASP A 312 -22.04 16.62 25.54
CA ASP A 312 -21.72 15.86 24.32
C ASP A 312 -20.57 14.84 24.54
N MET A 313 -19.83 15.02 25.65
CA MET A 313 -18.65 14.28 26.12
C MET A 313 -18.75 12.76 26.02
N VAL A 314 -17.60 12.09 25.77
CA VAL A 314 -17.51 10.63 25.64
C VAL A 314 -17.50 9.93 27.01
N LYS A 315 -18.49 9.05 27.23
CA LYS A 315 -18.64 8.26 28.44
C LYS A 315 -19.06 6.83 28.06
N ILE A 316 -18.25 5.83 28.45
CA ILE A 316 -18.48 4.43 28.15
C ILE A 316 -19.04 3.69 29.38
N SER A 317 -20.06 2.83 29.16
CA SER A 317 -20.62 1.99 30.22
C SER A 317 -19.58 0.92 30.53
N MET A 318 -19.03 0.93 31.75
N MET A 318 -19.06 0.93 31.77
CA MET A 318 -17.99 -0.01 32.18
CA MET A 318 -18.02 0.04 32.27
C MET A 318 -18.55 -1.38 32.59
C MET A 318 -18.55 -1.36 32.59
N ASP A 319 -19.88 -1.47 32.81
CA ASP A 319 -20.64 -2.69 33.20
C ASP A 319 -20.28 -3.97 32.44
N VAL A 320 -20.26 -3.90 31.10
CA VAL A 320 -19.96 -5.02 30.20
C VAL A 320 -18.52 -5.57 30.39
N PHE A 321 -17.53 -4.69 30.69
CA PHE A 321 -16.13 -5.06 30.92
C PHE A 321 -15.93 -5.72 32.28
N VAL A 322 -16.68 -5.24 33.31
CA VAL A 322 -16.59 -5.76 34.68
C VAL A 322 -17.25 -7.14 34.77
N ARG A 323 -18.38 -7.35 34.06
CA ARG A 323 -19.11 -8.63 34.02
C ARG A 323 -18.29 -9.78 33.45
N LYS A 324 -17.57 -9.53 32.33
CA LYS A 324 -16.78 -10.53 31.61
C LYS A 324 -15.37 -10.79 32.18
N PHE A 325 -14.67 -9.72 32.57
CA PHE A 325 -13.26 -9.78 33.00
C PHE A 325 -13.03 -9.76 34.51
N GLN A 326 -13.98 -9.20 35.29
CA GLN A 326 -13.89 -9.16 36.75
C GLN A 326 -15.22 -9.66 37.38
N PRO A 327 -15.73 -10.89 37.07
CA PRO A 327 -17.02 -11.32 37.63
C PRO A 327 -17.09 -11.39 39.16
N GLU A 328 -15.94 -11.65 39.82
CA GLU A 328 -15.83 -11.75 41.27
C GLU A 328 -16.00 -10.40 41.97
N ARG A 329 -15.61 -9.30 41.29
CA ARG A 329 -15.65 -7.92 41.79
C ARG A 329 -16.92 -7.14 41.44
N TYR A 330 -17.77 -7.69 40.55
CA TYR A 330 -18.99 -7.04 40.04
C TYR A 330 -19.93 -6.51 41.15
N LYS A 331 -20.25 -7.33 42.17
CA LYS A 331 -21.12 -6.92 43.28
C LYS A 331 -20.44 -5.86 44.17
N LEU A 332 -19.11 -5.99 44.39
CA LEU A 332 -18.30 -5.05 45.18
C LEU A 332 -18.26 -3.69 44.51
N TRP A 333 -18.04 -3.68 43.18
CA TRP A 333 -17.97 -2.47 42.34
C TRP A 333 -19.31 -1.75 42.25
N LYS A 334 -20.42 -2.53 42.17
CA LYS A 334 -21.78 -2.00 42.08
C LYS A 334 -22.23 -1.30 43.35
N ALA A 335 -21.80 -1.83 44.51
CA ALA A 335 -22.08 -1.28 45.85
C ALA A 335 -21.15 -0.11 46.21
N GLY A 336 -20.12 0.11 45.38
CA GLY A 336 -19.13 1.15 45.56
C GLY A 336 -18.06 0.81 46.59
N LYS A 337 -17.90 -0.49 46.88
CA LYS A 337 -16.93 -1.01 47.84
C LYS A 337 -15.58 -1.39 47.20
N ASP A 338 -15.48 -1.29 45.85
CA ASP A 338 -14.24 -1.58 45.12
C ASP A 338 -13.31 -0.37 45.26
N ASN A 339 -12.30 -0.48 46.14
CA ASN A 339 -11.35 0.59 46.43
C ASN A 339 -9.91 0.22 45.99
N THR A 340 -9.76 -0.25 44.73
CA THR A 340 -8.48 -0.68 44.16
C THR A 340 -7.59 0.52 43.84
N VAL A 341 -6.33 0.45 44.29
CA VAL A 341 -5.30 1.44 43.98
C VAL A 341 -4.49 0.96 42.77
N ILE A 342 -4.47 1.77 41.70
CA ILE A 342 -3.77 1.46 40.45
C ILE A 342 -2.24 1.61 40.61
N ASP A 343 -1.48 0.62 40.09
CA ASP A 343 -0.01 0.68 40.03
C ASP A 343 0.33 0.93 38.54
N HIS A 344 0.87 2.12 38.24
CA HIS A 344 1.22 2.55 36.88
C HIS A 344 2.43 1.82 36.28
N THR A 345 3.31 1.26 37.12
CA THR A 345 4.53 0.54 36.73
C THR A 345 4.25 -0.90 36.22
N LEU A 346 3.15 -1.52 36.71
CA LEU A 346 2.70 -2.86 36.38
C LEU A 346 2.27 -3.05 34.90
N PRO A 347 2.76 -4.11 34.20
CA PRO A 347 2.33 -4.33 32.80
C PRO A 347 1.00 -5.11 32.69
N THR A 348 0.39 -5.10 31.48
CA THR A 348 -0.88 -5.80 31.16
C THR A 348 -0.79 -7.33 31.44
N PRO A 349 -1.87 -8.02 31.93
CA PRO A 349 -1.76 -9.48 32.20
C PRO A 349 -1.37 -10.37 31.03
N GLU A 350 -1.61 -9.91 29.78
CA GLU A 350 -1.29 -10.59 28.52
C GLU A 350 0.25 -10.70 28.27
N ALA A 351 1.05 -9.95 29.06
CA ALA A 351 2.53 -9.92 28.99
C ALA A 351 3.17 -11.12 29.73
N ALA A 352 2.34 -12.08 30.24
CA ALA A 352 2.74 -13.27 30.99
C ALA A 352 3.72 -14.19 30.25
N GLU A 353 3.51 -14.39 28.93
CA GLU A 353 4.36 -15.24 28.08
C GLU A 353 5.77 -14.67 27.83
N PHE A 354 5.98 -13.37 28.09
CA PHE A 354 7.27 -12.69 27.90
C PHE A 354 8.08 -12.54 29.22
N LEU A 355 7.81 -13.42 30.20
CA LEU A 355 8.49 -13.45 31.50
C LEU A 355 8.72 -14.89 31.97
N THR B 8 28.93 20.91 6.86
CA THR B 8 28.68 20.57 5.46
C THR B 8 29.25 19.19 5.07
N LEU B 9 30.47 18.85 5.53
CA LEU B 9 31.11 17.55 5.24
C LEU B 9 30.76 16.52 6.33
N ASN B 10 30.34 15.30 5.88
CA ASN B 10 29.88 14.17 6.69
C ASN B 10 28.74 14.58 7.66
N PRO B 11 27.59 15.10 7.16
CA PRO B 11 26.51 15.48 8.09
C PRO B 11 25.75 14.28 8.69
N SER B 12 25.92 13.08 8.08
CA SER B 12 25.29 11.84 8.54
C SER B 12 26.13 11.20 9.66
N ALA B 13 27.35 11.74 9.89
CA ALA B 13 28.31 11.33 10.92
C ALA B 13 28.66 9.81 10.90
N ARG B 14 28.72 9.22 9.68
CA ARG B 14 29.03 7.81 9.43
C ARG B 14 30.55 7.57 9.38
N ILE B 15 31.01 6.36 9.77
CA ILE B 15 32.46 6.00 9.76
C ILE B 15 32.93 5.93 8.29
N MET B 16 34.06 6.56 7.98
CA MET B 16 34.62 6.64 6.61
C MET B 16 35.91 5.82 6.48
N THR B 17 36.09 5.18 5.32
CA THR B 17 37.28 4.35 5.00
C THR B 17 38.14 5.05 3.94
N PHE B 18 39.44 5.15 4.18
CA PHE B 18 40.42 5.83 3.29
C PHE B 18 41.45 4.83 2.76
N TYR B 19 41.87 5.04 1.51
CA TYR B 19 42.84 4.20 0.78
C TYR B 19 44.00 5.08 0.25
N PRO B 20 44.94 5.54 1.13
CA PRO B 20 46.04 6.40 0.65
C PRO B 20 47.05 5.71 -0.26
N THR B 21 47.73 6.50 -1.12
CA THR B 21 48.81 6.05 -1.99
C THR B 21 50.06 6.07 -1.12
N MET B 22 51.20 5.54 -1.62
CA MET B 22 52.47 5.51 -0.88
C MET B 22 52.98 6.93 -0.54
N GLU B 23 52.78 7.91 -1.45
CA GLU B 23 53.17 9.32 -1.24
C GLU B 23 52.32 9.98 -0.15
N GLU B 24 51.00 9.74 -0.20
CA GLU B 24 50.01 10.25 0.80
C GLU B 24 50.28 9.65 2.18
N PHE B 25 50.62 8.35 2.21
CA PHE B 25 50.85 7.55 3.41
C PHE B 25 52.14 7.89 4.18
N ARG B 26 53.18 8.41 3.51
CA ARG B 26 54.46 8.77 4.11
C ARG B 26 54.36 9.76 5.29
N ASN B 27 53.55 10.82 5.16
CA ASN B 27 53.36 11.81 6.24
C ASN B 27 52.11 11.48 7.07
N PHE B 28 52.32 11.02 8.33
CA PHE B 28 51.26 10.62 9.24
C PHE B 28 50.35 11.77 9.69
N SER B 29 50.94 12.83 10.30
CA SER B 29 50.25 14.02 10.83
C SER B 29 49.49 14.77 9.77
N ARG B 30 50.05 14.86 8.54
CA ARG B 30 49.45 15.50 7.38
C ARG B 30 48.23 14.70 6.91
N TYR B 31 48.28 13.36 6.98
CA TYR B 31 47.14 12.53 6.57
C TYR B 31 45.99 12.54 7.60
N ILE B 32 46.31 12.67 8.90
CA ILE B 32 45.31 12.82 9.96
C ILE B 32 44.57 14.15 9.72
N ALA B 33 45.33 15.23 9.37
CA ALA B 33 44.79 16.57 9.04
C ALA B 33 43.91 16.51 7.80
N TYR B 34 44.29 15.70 6.81
CA TYR B 34 43.53 15.53 5.56
C TYR B 34 42.21 14.79 5.76
N ILE B 35 42.19 13.72 6.59
CA ILE B 35 40.95 12.97 6.83
C ILE B 35 39.93 13.80 7.66
N GLU B 36 40.38 14.74 8.51
CA GLU B 36 39.52 15.65 9.27
C GLU B 36 38.91 16.73 8.35
N SER B 37 39.58 17.08 7.24
CA SER B 37 39.09 18.06 6.25
C SER B 37 37.95 17.45 5.43
N GLN B 38 37.85 16.10 5.46
CA GLN B 38 36.82 15.28 4.78
C GLN B 38 35.61 15.00 5.70
N GLY B 39 35.73 15.40 6.97
CA GLY B 39 34.70 15.23 8.00
C GLY B 39 34.72 13.91 8.76
N ALA B 40 35.80 13.12 8.66
CA ALA B 40 35.94 11.79 9.31
C ALA B 40 35.80 11.78 10.84
N HIS B 41 36.29 12.84 11.52
CA HIS B 41 36.28 13.01 12.99
C HIS B 41 34.86 13.07 13.62
N ARG B 42 33.85 13.43 12.80
CA ARG B 42 32.44 13.53 13.18
C ARG B 42 31.82 12.18 13.61
N ALA B 43 32.38 11.04 13.15
CA ALA B 43 31.89 9.70 13.49
C ALA B 43 32.48 9.19 14.82
N GLY B 44 33.65 9.71 15.21
CA GLY B 44 34.40 9.35 16.41
C GLY B 44 35.46 8.30 16.12
N LEU B 45 35.34 7.67 14.94
CA LEU B 45 36.14 6.54 14.49
C LEU B 45 36.26 6.54 12.94
N ALA B 46 37.41 6.10 12.40
CA ALA B 46 37.65 6.00 10.96
C ALA B 46 38.63 4.88 10.62
N LYS B 47 38.49 4.26 9.43
CA LYS B 47 39.37 3.18 8.98
C LYS B 47 40.33 3.67 7.89
N VAL B 48 41.59 3.24 7.94
CA VAL B 48 42.60 3.57 6.94
C VAL B 48 43.26 2.29 6.45
N VAL B 49 43.03 1.95 5.17
CA VAL B 49 43.62 0.80 4.50
C VAL B 49 44.99 1.24 3.90
N PRO B 50 46.14 0.75 4.42
CA PRO B 50 47.45 1.17 3.87
C PRO B 50 47.79 0.64 2.47
N PRO B 51 48.78 1.22 1.73
CA PRO B 51 49.12 0.67 0.39
C PRO B 51 49.58 -0.78 0.44
N LYS B 52 49.19 -1.59 -0.55
CA LYS B 52 49.48 -3.02 -0.67
C LYS B 52 50.96 -3.39 -0.55
N GLU B 53 51.87 -2.51 -1.00
CA GLU B 53 53.31 -2.71 -0.94
C GLU B 53 53.87 -2.56 0.47
N TRP B 54 53.21 -1.73 1.34
CA TRP B 54 53.61 -1.48 2.73
C TRP B 54 53.40 -2.66 3.67
N LYS B 55 54.47 -3.04 4.38
CA LYS B 55 54.51 -4.13 5.36
C LYS B 55 55.34 -3.66 6.60
N PRO B 56 54.77 -3.69 7.82
CA PRO B 56 55.55 -3.27 9.01
C PRO B 56 56.56 -4.32 9.50
N ARG B 57 56.37 -5.59 9.09
CA ARG B 57 57.20 -6.75 9.46
C ARG B 57 57.14 -7.81 8.33
N ALA B 58 58.27 -8.49 8.06
CA ALA B 58 58.41 -9.52 7.02
C ALA B 58 57.58 -10.79 7.27
N SER B 59 57.60 -11.31 8.52
CA SER B 59 56.83 -12.49 8.91
C SER B 59 56.44 -12.50 10.39
N TYR B 60 55.29 -13.13 10.73
CA TYR B 60 54.83 -13.25 12.11
C TYR B 60 55.02 -14.71 12.65
N ASP B 61 55.98 -15.44 12.05
CA ASP B 61 56.33 -16.82 12.39
C ASP B 61 57.40 -16.96 13.49
N ASP B 62 57.94 -15.84 13.97
CA ASP B 62 59.02 -15.77 14.95
C ASP B 62 58.62 -15.01 16.26
N ILE B 63 57.36 -15.13 16.71
CA ILE B 63 56.92 -14.43 17.94
C ILE B 63 56.35 -15.36 19.05
N ASP B 64 56.62 -16.66 18.98
CA ASP B 64 56.14 -17.64 19.97
C ASP B 64 56.73 -17.47 21.38
N ASP B 65 57.96 -16.92 21.48
CA ASP B 65 58.68 -16.71 22.75
C ASP B 65 58.36 -15.38 23.42
N LEU B 66 57.46 -14.60 22.81
CA LEU B 66 57.02 -13.32 23.34
C LEU B 66 56.14 -13.56 24.60
N VAL B 67 56.48 -12.86 25.70
CA VAL B 67 55.83 -13.00 27.01
C VAL B 67 54.74 -11.98 27.23
N ILE B 68 53.56 -12.47 27.71
CA ILE B 68 52.38 -11.69 28.13
C ILE B 68 52.42 -11.73 29.69
N PRO B 69 52.96 -10.68 30.35
CA PRO B 69 53.14 -10.72 31.81
C PRO B 69 51.88 -10.85 32.67
N ALA B 70 50.77 -10.21 32.28
CA ALA B 70 49.53 -10.23 33.06
C ALA B 70 48.27 -10.50 32.21
N PRO B 71 48.04 -11.76 31.72
CA PRO B 71 46.80 -12.03 30.96
C PRO B 71 45.58 -11.97 31.89
N ILE B 72 44.41 -11.53 31.36
CA ILE B 72 43.21 -11.35 32.17
C ILE B 72 42.02 -12.23 31.76
N GLN B 73 41.43 -12.95 32.74
CA GLN B 73 40.22 -13.72 32.50
C GLN B 73 39.05 -12.73 32.69
N GLN B 74 38.18 -12.60 31.66
CA GLN B 74 37.09 -11.62 31.65
C GLN B 74 35.75 -12.19 32.10
N LEU B 75 35.39 -11.89 33.36
CA LEU B 75 34.11 -12.30 33.97
C LEU B 75 33.07 -11.21 33.72
N VAL B 76 31.99 -11.55 32.99
CA VAL B 76 30.92 -10.60 32.63
C VAL B 76 29.62 -10.94 33.40
N THR B 77 28.97 -9.92 33.98
CA THR B 77 27.71 -10.02 34.73
C THR B 77 26.65 -9.10 34.14
N GLY B 78 25.40 -9.58 34.11
CA GLY B 78 24.26 -8.82 33.60
C GLY B 78 23.25 -9.57 32.74
N GLN B 79 22.35 -8.78 32.11
CA GLN B 79 21.25 -9.22 31.22
C GLN B 79 20.73 -8.03 30.40
N SER B 80 19.76 -8.27 29.50
CA SER B 80 19.03 -7.32 28.64
C SER B 80 19.88 -6.17 28.07
N GLY B 81 21.03 -6.53 27.51
CA GLY B 81 21.97 -5.59 26.88
C GLY B 81 22.77 -4.66 27.78
N LEU B 82 22.76 -4.90 29.12
CA LEU B 82 23.48 -4.11 30.14
C LEU B 82 24.37 -5.00 30.96
N PHE B 83 25.70 -4.82 30.82
CA PHE B 83 26.68 -5.66 31.49
C PHE B 83 27.78 -4.92 32.24
N THR B 84 28.44 -5.62 33.17
CA THR B 84 29.63 -5.17 33.90
C THR B 84 30.74 -6.25 33.72
N GLN B 85 31.94 -5.82 33.28
CA GLN B 85 33.08 -6.71 33.05
C GLN B 85 34.15 -6.56 34.11
N TYR B 86 34.49 -7.68 34.77
CA TYR B 86 35.53 -7.80 35.81
C TYR B 86 36.75 -8.52 35.25
N ASN B 87 37.89 -7.84 35.21
CA ASN B 87 39.15 -8.35 34.69
C ASN B 87 40.03 -8.94 35.81
N ILE B 88 40.19 -10.29 35.80
CA ILE B 88 40.97 -11.07 36.78
C ILE B 88 42.38 -11.41 36.22
N GLN B 89 43.44 -11.00 36.95
CA GLN B 89 44.83 -11.28 36.55
C GLN B 89 45.19 -12.75 36.74
N LYS B 90 45.82 -13.33 35.72
CA LYS B 90 46.30 -14.70 35.68
C LYS B 90 47.84 -14.69 35.56
N LYS B 91 48.52 -15.83 35.81
CA LYS B 91 49.98 -15.93 35.71
C LYS B 91 50.50 -15.73 34.28
N ALA B 92 51.75 -15.23 34.14
CA ALA B 92 52.42 -14.97 32.85
C ALA B 92 52.43 -16.18 31.92
N MET B 93 52.18 -15.93 30.63
CA MET B 93 52.19 -16.95 29.59
C MET B 93 52.80 -16.44 28.29
N THR B 94 53.35 -17.35 27.49
CA THR B 94 53.93 -16.96 26.21
C THR B 94 52.84 -16.95 25.12
N VAL B 95 53.12 -16.36 23.97
CA VAL B 95 52.13 -16.30 22.86
C VAL B 95 51.83 -17.74 22.40
N ARG B 96 52.83 -18.62 22.41
CA ARG B 96 52.65 -20.03 21.98
C ARG B 96 51.63 -20.71 22.90
N GLU B 97 51.71 -20.45 24.21
CA GLU B 97 50.76 -20.98 25.21
C GLU B 97 49.37 -20.39 24.98
N PHE B 98 49.29 -19.08 24.71
CA PHE B 98 48.05 -18.35 24.48
C PHE B 98 47.31 -18.87 23.23
N ARG B 99 48.03 -19.03 22.09
CA ARG B 99 47.48 -19.50 20.80
C ARG B 99 46.85 -20.91 20.87
N LYS B 100 47.44 -21.81 21.69
CA LYS B 100 46.99 -23.18 21.94
C LYS B 100 45.63 -23.17 22.65
N ILE B 101 45.50 -22.32 23.69
CA ILE B 101 44.25 -22.11 24.46
C ILE B 101 43.18 -21.43 23.56
N ALA B 102 43.56 -20.38 22.81
CA ALA B 102 42.69 -19.63 21.91
C ALA B 102 42.03 -20.51 20.82
N ASN B 103 42.81 -21.46 20.27
CA ASN B 103 42.37 -22.36 19.20
C ASN B 103 41.84 -23.72 19.70
N SER B 104 41.79 -23.92 21.04
CA SER B 104 41.27 -25.13 21.67
C SER B 104 39.75 -25.19 21.53
N ASP B 105 39.17 -26.41 21.59
CA ASP B 105 37.73 -26.65 21.50
C ASP B 105 36.91 -25.83 22.50
N LYS B 106 37.45 -25.66 23.72
CA LYS B 106 36.86 -24.88 24.80
C LYS B 106 36.69 -23.39 24.45
N TYR B 107 37.70 -22.77 23.81
CA TYR B 107 37.69 -21.32 23.54
C TYR B 107 37.65 -20.84 22.08
N CYS B 108 37.66 -21.75 21.07
N CYS B 108 37.61 -21.74 21.08
CA CYS B 108 37.65 -21.31 19.66
CA CYS B 108 37.61 -21.35 19.67
C CYS B 108 36.35 -20.59 19.23
C CYS B 108 36.32 -20.64 19.21
N THR B 109 36.38 -19.95 18.04
CA THR B 109 35.28 -19.23 17.41
C THR B 109 34.16 -20.22 16.96
N PRO B 110 32.86 -19.93 17.25
CA PRO B 110 31.79 -20.82 16.76
C PRO B 110 31.61 -20.73 15.24
N ARG B 111 30.96 -21.75 14.64
CA ARG B 111 30.69 -21.82 13.20
C ARG B 111 29.60 -20.80 12.83
N TYR B 112 29.85 -19.98 11.78
CA TYR B 112 28.90 -18.94 11.35
C TYR B 112 28.96 -18.63 9.86
N SER B 113 27.84 -18.13 9.31
CA SER B 113 27.71 -17.74 7.90
C SER B 113 28.01 -16.24 7.74
N GLU B 114 27.07 -15.37 8.19
CA GLU B 114 27.16 -13.92 8.12
C GLU B 114 27.65 -13.32 9.44
N PHE B 115 28.17 -12.07 9.42
CA PHE B 115 28.62 -11.35 10.61
C PHE B 115 27.50 -11.19 11.64
N GLU B 116 26.27 -10.88 11.19
CA GLU B 116 25.08 -10.70 12.03
C GLU B 116 24.83 -11.92 12.92
N GLU B 117 25.20 -13.14 12.44
CA GLU B 117 25.07 -14.39 13.18
C GLU B 117 26.11 -14.46 14.31
N LEU B 118 27.38 -14.08 14.04
CA LEU B 118 28.45 -14.08 15.05
C LEU B 118 28.21 -13.00 16.11
N GLU B 119 27.63 -11.85 15.69
CA GLU B 119 27.27 -10.73 16.54
C GLU B 119 26.13 -11.13 17.52
N ARG B 120 25.13 -11.90 17.04
CA ARG B 120 24.03 -12.44 17.85
C ARG B 120 24.59 -13.42 18.89
N LYS B 121 25.57 -14.25 18.47
CA LYS B 121 26.25 -15.26 19.28
C LYS B 121 27.05 -14.66 20.43
N TYR B 122 27.72 -13.49 20.19
CA TYR B 122 28.51 -12.78 21.18
C TYR B 122 27.63 -12.16 22.28
N TRP B 123 26.58 -11.42 21.91
CA TRP B 123 25.67 -10.79 22.87
C TRP B 123 24.82 -11.82 23.65
N LYS B 124 24.68 -13.07 23.16
CA LYS B 124 23.92 -14.14 23.81
C LYS B 124 24.82 -14.96 24.75
N ASN B 125 26.15 -15.07 24.45
CA ASN B 125 27.08 -15.91 25.21
C ASN B 125 28.22 -15.22 25.96
N LEU B 126 28.31 -13.88 25.89
CA LEU B 126 29.38 -13.10 26.55
C LEU B 126 29.54 -13.35 28.09
N THR B 127 28.46 -13.80 28.81
CA THR B 127 28.50 -14.07 30.27
C THR B 127 28.94 -15.51 30.62
N PHE B 128 29.00 -16.42 29.61
CA PHE B 128 29.39 -17.82 29.79
C PHE B 128 30.81 -18.04 29.29
N ASN B 129 31.48 -19.11 29.83
CA ASN B 129 32.86 -19.53 29.55
C ASN B 129 33.84 -18.33 29.40
N PRO B 130 34.12 -17.61 30.53
CA PRO B 130 35.01 -16.43 30.46
C PRO B 130 36.35 -16.64 29.74
N PRO B 131 36.63 -15.87 28.66
CA PRO B 131 37.89 -16.05 27.93
C PRO B 131 39.05 -15.29 28.56
N ILE B 132 40.27 -15.49 28.02
CA ILE B 132 41.49 -14.84 28.50
C ILE B 132 41.94 -13.85 27.42
N TYR B 133 42.28 -12.62 27.84
CA TYR B 133 42.74 -11.54 26.96
C TYR B 133 44.16 -11.19 27.36
N GLY B 134 45.09 -11.26 26.40
CA GLY B 134 46.48 -10.88 26.58
C GLY B 134 46.68 -9.41 26.25
N ALA B 135 46.07 -8.53 27.08
CA ALA B 135 46.04 -7.07 26.92
C ALA B 135 47.14 -6.33 27.66
N ASP B 136 47.39 -5.05 27.25
CA ASP B 136 48.35 -4.08 27.83
C ASP B 136 49.80 -4.58 27.90
N VAL B 137 50.24 -5.31 26.88
CA VAL B 137 51.62 -5.81 26.83
C VAL B 137 52.52 -4.71 26.28
N ASN B 138 53.55 -4.29 27.03
CA ASN B 138 54.51 -3.30 26.54
C ASN B 138 55.34 -3.97 25.41
N GLY B 139 55.28 -3.40 24.20
CA GLY B 139 56.02 -3.93 23.06
C GLY B 139 55.55 -3.47 21.70
N THR B 140 56.35 -3.83 20.68
CA THR B 140 56.09 -3.50 19.29
C THR B 140 56.37 -4.71 18.40
N LEU B 141 55.65 -4.82 17.26
CA LEU B 141 55.90 -5.87 16.26
C LEU B 141 56.47 -5.27 14.98
N TYR B 142 56.69 -3.94 14.99
CA TYR B 142 57.27 -3.19 13.89
C TYR B 142 58.77 -3.45 13.83
N GLU B 143 59.31 -3.53 12.59
CA GLU B 143 60.75 -3.64 12.37
C GLU B 143 61.36 -2.24 12.50
N LYS B 144 62.62 -2.16 12.94
CA LYS B 144 63.35 -0.91 13.20
C LYS B 144 63.38 0.10 12.03
N HIS B 145 63.51 -0.40 10.79
CA HIS B 145 63.63 0.41 9.56
C HIS B 145 62.31 1.06 9.07
N VAL B 146 61.15 0.60 9.56
CA VAL B 146 59.84 1.11 9.15
C VAL B 146 59.61 2.55 9.65
N ASP B 147 59.57 3.51 8.71
CA ASP B 147 59.39 4.94 8.99
C ASP B 147 57.94 5.43 8.90
N GLU B 148 57.11 4.75 8.10
CA GLU B 148 55.71 5.12 7.87
C GLU B 148 54.78 4.48 8.90
N TRP B 149 54.00 5.34 9.62
CA TRP B 149 53.00 4.99 10.63
C TRP B 149 53.53 4.05 11.75
N ASN B 150 54.72 4.35 12.29
CA ASN B 150 55.29 3.53 13.37
C ASN B 150 54.68 3.99 14.70
N ILE B 151 53.91 3.10 15.34
CA ILE B 151 53.18 3.32 16.62
C ILE B 151 54.16 3.62 17.77
N GLY B 152 55.38 3.05 17.72
CA GLY B 152 56.45 3.34 18.68
C GLY B 152 57.06 4.73 18.52
N ARG B 153 56.89 5.40 17.37
CA ARG B 153 57.47 6.72 17.11
C ARG B 153 56.68 7.54 16.04
N LEU B 154 55.47 8.03 16.40
CA LEU B 154 54.57 8.77 15.48
C LEU B 154 54.98 10.23 15.20
N ARG B 155 55.69 10.88 16.14
CA ARG B 155 56.24 12.26 16.10
C ARG B 155 55.16 13.39 16.10
N THR B 156 54.10 13.26 16.92
CA THR B 156 53.02 14.27 17.08
C THR B 156 53.38 15.27 18.22
N ILE B 157 52.48 16.25 18.51
CA ILE B 157 52.72 17.25 19.58
C ILE B 157 52.58 16.64 21.00
N LEU B 158 52.15 15.38 21.06
CA LEU B 158 52.03 14.61 22.33
C LEU B 158 53.44 14.33 22.85
N ASP B 159 54.45 14.52 22.00
CA ASP B 159 55.89 14.32 22.31
C ASP B 159 56.38 15.34 23.34
N LEU B 160 55.72 16.49 23.48
CA LEU B 160 56.10 17.57 24.42
C LEU B 160 56.08 17.08 25.87
N VAL B 161 55.16 16.18 26.22
CA VAL B 161 55.11 15.69 27.63
C VAL B 161 56.45 14.99 27.93
N GLU B 162 56.94 14.14 27.02
CA GLU B 162 58.25 13.45 27.20
C GLU B 162 59.46 14.39 27.02
N LYS B 163 59.47 15.23 25.98
CA LYS B 163 60.62 16.11 25.67
C LYS B 163 60.89 17.18 26.74
N GLU B 164 59.84 17.83 27.24
CA GLU B 164 59.99 18.94 28.21
C GLU B 164 59.98 18.49 29.67
N SER B 165 59.03 17.61 30.03
CA SER B 165 58.86 17.19 31.44
C SER B 165 59.54 15.85 31.75
N GLY B 166 60.10 15.16 30.76
CA GLY B 166 60.70 13.83 31.00
C GLY B 166 59.70 12.86 31.60
N ILE B 167 58.46 12.86 31.07
CA ILE B 167 57.39 11.99 31.64
C ILE B 167 57.01 10.86 30.69
N THR B 168 57.11 9.62 31.18
CA THR B 168 56.78 8.41 30.40
C THR B 168 55.45 7.82 30.90
N ILE B 169 54.50 7.66 29.99
CA ILE B 169 53.17 7.06 30.32
C ILE B 169 52.96 5.83 29.43
N GLU B 170 53.06 4.64 30.03
CA GLU B 170 52.89 3.37 29.31
C GLU B 170 51.54 3.26 28.63
N GLY B 171 51.58 2.93 27.33
CA GLY B 171 50.42 2.80 26.46
C GLY B 171 49.93 4.11 25.90
N VAL B 172 50.30 5.24 26.54
CA VAL B 172 49.88 6.59 26.12
C VAL B 172 50.93 7.18 25.19
N ASN B 173 52.21 7.15 25.56
CA ASN B 173 53.28 7.62 24.67
C ASN B 173 54.34 6.51 24.40
N THR B 174 53.94 5.23 24.62
CA THR B 174 54.73 4.00 24.37
C THR B 174 53.77 2.97 23.71
N PRO B 175 54.22 1.98 22.87
CA PRO B 175 53.26 1.04 22.28
C PRO B 175 52.84 -0.12 23.17
N TYR B 176 51.60 -0.60 22.96
CA TYR B 176 50.98 -1.72 23.67
C TYR B 176 50.52 -2.76 22.64
N LEU B 177 50.69 -4.05 22.97
CA LEU B 177 50.20 -5.16 22.15
C LEU B 177 49.01 -5.81 22.85
N TYR B 178 48.05 -6.34 22.06
CA TYR B 178 46.83 -6.96 22.56
C TYR B 178 46.61 -8.27 21.81
N PHE B 179 46.79 -9.40 22.52
CA PHE B 179 46.60 -10.73 21.96
C PHE B 179 45.19 -11.15 22.32
N GLY B 180 44.34 -11.26 21.30
CA GLY B 180 42.94 -11.59 21.48
C GLY B 180 42.55 -13.00 21.14
N MET B 181 41.39 -13.42 21.66
CA MET B 181 40.71 -14.67 21.36
C MET B 181 39.20 -14.38 21.22
N TRP B 182 38.40 -15.37 20.84
CA TRP B 182 36.96 -15.25 20.68
C TRP B 182 36.28 -14.75 21.95
N LYS B 183 35.34 -13.77 21.82
CA LYS B 183 34.52 -13.19 22.87
C LYS B 183 35.30 -12.32 23.90
N THR B 184 36.53 -11.89 23.57
CA THR B 184 37.27 -10.96 24.43
C THR B 184 36.79 -9.58 24.01
N SER B 185 36.42 -8.75 24.99
CA SER B 185 35.81 -7.43 24.75
C SER B 185 36.61 -6.21 25.23
N PHE B 186 36.23 -5.04 24.70
CA PHE B 186 36.68 -3.71 25.14
C PHE B 186 35.42 -2.89 25.39
N ALA B 187 35.24 -2.47 26.66
CA ALA B 187 34.07 -1.71 27.12
C ALA B 187 34.00 -0.28 26.57
N TRP B 188 32.85 0.42 26.74
CA TRP B 188 32.62 1.80 26.30
C TRP B 188 33.56 2.77 26.99
N HIS B 189 34.28 3.60 26.18
CA HIS B 189 35.25 4.57 26.70
C HIS B 189 35.69 5.56 25.65
N THR B 190 36.24 6.69 26.11
CA THR B 190 36.96 7.70 25.32
C THR B 190 38.45 7.44 25.70
N GLU B 191 39.40 8.15 25.08
CA GLU B 191 40.80 7.91 25.43
C GLU B 191 41.19 8.68 26.71
N ASP B 192 42.32 8.32 27.34
CA ASP B 192 42.81 9.03 28.52
C ASP B 192 43.09 10.47 28.06
N MET B 193 42.59 11.48 28.81
CA MET B 193 42.72 12.92 28.51
C MET B 193 42.00 13.34 27.20
N ASP B 194 41.03 12.50 26.73
CA ASP B 194 40.24 12.63 25.48
C ASP B 194 41.13 12.77 24.26
N LEU B 195 42.20 11.99 24.23
CA LEU B 195 43.22 11.95 23.18
C LEU B 195 42.75 11.13 21.98
N TYR B 196 43.54 11.14 20.90
CA TYR B 196 43.28 10.29 19.73
C TYR B 196 43.99 8.96 20.03
N SER B 197 43.68 7.90 19.28
CA SER B 197 44.39 6.64 19.37
C SER B 197 44.50 5.98 18.01
N ILE B 198 45.55 5.17 17.82
CA ILE B 198 45.83 4.42 16.60
C ILE B 198 45.80 2.91 16.97
N ASN B 199 45.24 2.06 16.08
CA ASN B 199 45.17 0.60 16.32
C ASN B 199 45.42 -0.10 15.03
N TYR B 200 46.47 -0.94 14.97
CA TYR B 200 46.81 -1.73 13.77
C TYR B 200 46.62 -3.21 14.02
N LEU B 201 45.86 -3.89 13.15
CA LEU B 201 45.64 -5.34 13.27
C LEU B 201 46.74 -6.08 12.51
N HIS B 202 47.76 -6.57 13.25
CA HIS B 202 48.94 -7.25 12.70
C HIS B 202 48.60 -8.52 11.94
N PHE B 203 47.76 -9.40 12.54
CA PHE B 203 47.38 -10.68 11.96
C PHE B 203 46.17 -11.26 12.68
N GLY B 204 45.67 -12.37 12.13
CA GLY B 204 44.59 -13.18 12.69
C GLY B 204 43.18 -12.78 12.31
N GLU B 205 42.23 -13.20 13.18
CA GLU B 205 40.80 -13.00 13.04
C GLU B 205 40.38 -11.54 13.29
N PRO B 206 39.26 -11.07 12.69
CA PRO B 206 38.88 -9.65 12.86
C PRO B 206 38.55 -9.16 14.29
N LYS B 207 38.51 -7.82 14.40
CA LYS B 207 38.11 -7.04 15.58
C LYS B 207 36.92 -6.16 15.11
N SER B 208 35.80 -6.20 15.86
CA SER B 208 34.60 -5.42 15.55
C SER B 208 34.48 -4.23 16.50
N TRP B 209 34.01 -3.10 15.97
CA TRP B 209 33.92 -1.86 16.72
C TRP B 209 32.53 -1.22 16.62
N TYR B 210 32.11 -0.52 17.69
CA TYR B 210 30.88 0.27 17.78
C TYR B 210 31.33 1.69 18.16
N SER B 211 30.75 2.71 17.53
CA SER B 211 31.13 4.09 17.85
C SER B 211 29.95 5.03 17.96
N VAL B 212 30.09 6.01 18.84
CA VAL B 212 29.05 7.05 19.04
C VAL B 212 29.73 8.39 18.69
N PRO B 213 29.14 9.24 17.84
CA PRO B 213 29.76 10.51 17.49
C PRO B 213 30.00 11.41 18.73
N PRO B 214 31.10 12.18 18.75
CA PRO B 214 31.43 13.08 19.87
C PRO B 214 30.35 14.13 20.18
N GLU B 215 29.62 14.61 19.16
CA GLU B 215 28.51 15.58 19.32
C GLU B 215 27.34 14.98 20.13
N HIS B 216 27.15 13.66 20.04
CA HIS B 216 26.09 12.92 20.77
C HIS B 216 26.65 12.19 22.00
N GLY B 217 27.91 12.43 22.35
CA GLY B 217 28.64 11.82 23.45
C GLY B 217 28.01 11.98 24.82
N LYS B 218 27.43 13.18 25.07
CA LYS B 218 26.78 13.52 26.33
C LYS B 218 25.51 12.71 26.57
N ARG B 219 24.81 12.34 25.48
CA ARG B 219 23.56 11.54 25.46
C ARG B 219 23.81 10.11 25.93
N LEU B 220 24.97 9.52 25.56
CA LEU B 220 25.39 8.19 26.00
C LEU B 220 25.74 8.20 27.50
N GLU B 221 26.46 9.25 27.95
CA GLU B 221 26.83 9.46 29.35
C GLU B 221 25.59 9.53 30.24
N ARG B 222 24.55 10.28 29.80
CA ARG B 222 23.29 10.46 30.53
C ARG B 222 22.52 9.14 30.67
N LEU B 223 22.56 8.30 29.62
CA LEU B 223 21.92 6.99 29.56
C LEU B 223 22.64 5.99 30.49
N ALA B 224 23.99 5.97 30.45
CA ALA B 224 24.79 5.11 31.32
C ALA B 224 24.55 5.42 32.80
N LYS B 225 24.48 6.71 33.17
CA LYS B 225 24.23 7.22 34.53
C LYS B 225 22.83 6.83 35.07
N GLY B 226 21.84 6.69 34.20
CA GLY B 226 20.49 6.29 34.59
C GLY B 226 20.42 4.79 34.90
N PHE B 227 21.24 3.99 34.20
CA PHE B 227 21.34 2.54 34.33
C PHE B 227 22.22 2.10 35.49
N PHE B 228 23.25 2.90 35.84
CA PHE B 228 24.17 2.63 36.93
C PHE B 228 24.26 3.88 37.84
N PRO B 229 23.17 4.21 38.60
CA PRO B 229 23.19 5.44 39.43
C PRO B 229 24.12 5.41 40.64
N GLY B 230 24.38 4.20 41.16
CA GLY B 230 25.28 3.97 42.29
C GLY B 230 26.72 4.21 41.90
N SER B 231 27.07 3.84 40.66
CA SER B 231 28.39 4.02 40.06
C SER B 231 28.63 5.51 39.76
N ALA B 232 27.59 6.23 39.27
CA ALA B 232 27.62 7.64 38.93
C ALA B 232 27.77 8.55 40.16
N GLN B 233 27.18 8.15 41.31
CA GLN B 233 27.28 8.90 42.56
C GLN B 233 28.65 8.80 43.19
N SER B 234 29.31 7.62 43.07
CA SER B 234 30.66 7.36 43.60
C SER B 234 31.80 7.99 42.76
N CYS B 235 31.65 7.99 41.41
CA CYS B 235 32.62 8.57 40.50
C CYS B 235 31.94 9.38 39.39
N GLU B 236 32.47 10.58 39.10
CA GLU B 236 31.98 11.49 38.04
C GLU B 236 32.17 10.84 36.66
N ALA B 237 33.40 10.34 36.38
CA ALA B 237 33.73 9.66 35.12
C ALA B 237 33.92 8.15 35.34
N PHE B 238 32.85 7.46 35.76
CA PHE B 238 32.86 6.01 36.04
C PHE B 238 33.07 5.15 34.77
N LEU B 239 32.82 5.71 33.57
CA LEU B 239 33.01 5.04 32.30
C LEU B 239 34.49 4.84 31.98
N ARG B 240 35.36 5.66 32.62
CA ARG B 240 36.83 5.61 32.50
C ARG B 240 37.42 4.40 33.24
N HIS B 241 36.58 3.68 34.03
CA HIS B 241 36.93 2.42 34.71
C HIS B 241 36.98 1.28 33.68
N LYS B 242 36.35 1.46 32.50
CA LYS B 242 36.29 0.53 31.34
C LYS B 242 35.67 -0.83 31.70
N MET B 243 34.49 -0.77 32.35
CA MET B 243 33.76 -1.95 32.81
C MET B 243 32.35 -2.07 32.25
N THR B 244 31.85 -1.00 31.60
CA THR B 244 30.48 -0.95 31.12
C THR B 244 30.32 -1.34 29.63
N LEU B 245 29.52 -2.40 29.39
CA LEU B 245 29.12 -2.97 28.11
C LEU B 245 27.65 -2.66 27.89
N ILE B 246 27.32 -1.98 26.78
CA ILE B 246 25.94 -1.64 26.37
C ILE B 246 25.81 -2.11 24.91
N SER B 247 24.85 -3.02 24.64
CA SER B 247 24.60 -3.60 23.31
C SER B 247 24.01 -2.61 22.28
N PRO B 248 24.22 -2.86 20.94
CA PRO B 248 23.62 -1.97 19.93
C PRO B 248 22.09 -1.89 19.94
N LEU B 249 21.42 -2.99 20.39
CA LEU B 249 19.96 -3.09 20.53
C LEU B 249 19.44 -2.18 21.64
N MET B 250 20.25 -2.00 22.69
CA MET B 250 19.96 -1.12 23.82
C MET B 250 20.12 0.34 23.41
N LEU B 251 21.12 0.63 22.54
CA LEU B 251 21.37 1.97 22.02
C LEU B 251 20.23 2.44 21.13
N LYS B 252 19.75 1.55 20.22
CA LYS B 252 18.68 1.78 19.26
C LYS B 252 17.35 2.03 19.98
N LYS B 253 17.12 1.31 21.08
CA LYS B 253 15.91 1.40 21.92
C LYS B 253 15.73 2.78 22.57
N TYR B 254 16.84 3.40 22.98
CA TYR B 254 16.82 4.70 23.65
C TYR B 254 17.19 5.88 22.71
N GLY B 255 17.22 5.63 21.41
CA GLY B 255 17.51 6.63 20.38
C GLY B 255 18.91 7.26 20.38
N ILE B 256 19.93 6.50 20.83
CA ILE B 256 21.30 6.99 20.83
C ILE B 256 21.91 6.68 19.43
N PRO B 257 22.40 7.70 18.67
CA PRO B 257 23.01 7.41 17.37
C PRO B 257 24.37 6.70 17.50
N PHE B 258 24.63 5.74 16.60
CA PHE B 258 25.83 4.93 16.57
C PHE B 258 26.08 4.33 15.19
N ASP B 259 27.30 3.84 14.97
CA ASP B 259 27.69 3.13 13.76
C ASP B 259 28.58 1.93 14.13
N LYS B 260 28.67 0.94 13.20
CA LYS B 260 29.45 -0.29 13.37
C LYS B 260 30.50 -0.40 12.26
N VAL B 261 31.61 -1.13 12.54
CA VAL B 261 32.69 -1.38 11.58
C VAL B 261 33.50 -2.61 12.00
N THR B 262 33.95 -3.41 11.02
CA THR B 262 34.78 -4.59 11.27
C THR B 262 36.16 -4.34 10.68
N GLN B 263 37.19 -4.42 11.56
CA GLN B 263 38.60 -4.26 11.24
C GLN B 263 39.24 -5.62 10.93
N GLU B 264 39.85 -5.77 9.73
CA GLU B 264 40.52 -7.01 9.33
C GLU B 264 42.03 -6.86 9.39
N ALA B 265 42.77 -7.99 9.38
CA ALA B 265 44.24 -8.00 9.44
C ALA B 265 44.83 -7.11 8.35
N GLY B 266 45.75 -6.24 8.75
CA GLY B 266 46.40 -5.30 7.86
C GLY B 266 45.71 -3.96 7.76
N GLU B 267 44.71 -3.68 8.61
CA GLU B 267 44.01 -2.40 8.58
C GLU B 267 44.24 -1.60 9.86
N PHE B 268 44.15 -0.27 9.73
CA PHE B 268 44.34 0.73 10.80
C PHE B 268 42.99 1.34 11.19
N MET B 269 42.79 1.58 12.48
CA MET B 269 41.56 2.24 13.00
C MET B 269 42.00 3.52 13.72
N ILE B 270 41.32 4.64 13.48
CA ILE B 270 41.68 5.91 14.16
C ILE B 270 40.50 6.38 15.02
N THR B 271 40.74 6.64 16.30
CA THR B 271 39.70 7.16 17.21
C THR B 271 40.01 8.63 17.45
N PHE B 272 38.98 9.46 17.56
CA PHE B 272 39.14 10.88 17.68
C PHE B 272 38.77 11.39 19.08
N PRO B 273 39.22 12.61 19.49
CA PRO B 273 38.86 13.11 20.84
C PRO B 273 37.37 13.09 21.18
N TYR B 274 37.04 12.51 22.36
CA TYR B 274 35.69 12.38 22.92
C TYR B 274 34.78 11.44 22.05
N GLY B 275 35.42 10.49 21.37
CA GLY B 275 34.76 9.49 20.53
C GLY B 275 34.60 8.20 21.32
N TYR B 276 33.39 7.92 21.82
CA TYR B 276 33.10 6.71 22.59
C TYR B 276 33.07 5.50 21.70
N HIS B 277 33.86 4.47 22.06
CA HIS B 277 33.93 3.21 21.32
C HIS B 277 33.97 1.97 22.23
N ALA B 278 33.46 0.84 21.69
CA ALA B 278 33.38 -0.51 22.30
C ALA B 278 33.49 -1.59 21.21
N GLY B 279 33.64 -2.86 21.60
CA GLY B 279 33.74 -3.95 20.64
C GLY B 279 34.26 -5.27 21.16
N PHE B 280 34.49 -6.23 20.22
CA PHE B 280 34.96 -7.58 20.53
C PHE B 280 35.88 -8.17 19.44
N ASN B 281 36.66 -9.19 19.81
CA ASN B 281 37.54 -9.94 18.92
C ASN B 281 36.82 -11.22 18.43
N HIS B 282 36.98 -11.55 17.13
CA HIS B 282 36.34 -12.71 16.45
C HIS B 282 37.06 -14.02 16.78
N GLY B 283 38.36 -13.95 17.01
CA GLY B 283 39.19 -15.09 17.34
C GLY B 283 40.62 -14.66 17.60
N PHE B 284 41.58 -15.62 17.56
CA PHE B 284 43.00 -15.33 17.81
C PHE B 284 43.57 -14.28 16.85
N ASN B 285 44.17 -13.22 17.41
CA ASN B 285 44.75 -12.09 16.68
C ASN B 285 45.75 -11.29 17.53
N CYS B 286 46.28 -10.19 16.96
CA CYS B 286 47.20 -9.27 17.62
C CYS B 286 47.06 -7.88 17.04
N ALA B 287 46.85 -6.90 17.93
CA ALA B 287 46.71 -5.48 17.62
C ALA B 287 47.73 -4.66 18.42
N GLU B 288 48.23 -3.55 17.80
CA GLU B 288 49.19 -2.63 18.42
C GLU B 288 48.50 -1.29 18.58
N SER B 289 48.73 -0.63 19.72
CA SER B 289 48.07 0.64 20.00
C SER B 289 48.90 1.64 20.83
N THR B 290 48.65 2.93 20.59
CA THR B 290 49.19 4.09 21.29
C THR B 290 48.21 5.28 21.12
N ASN B 291 48.46 6.36 21.87
CA ASN B 291 47.69 7.59 21.81
C ASN B 291 48.51 8.67 21.13
N PHE B 292 47.84 9.62 20.47
CA PHE B 292 48.48 10.75 19.81
C PHE B 292 47.63 12.03 19.92
N ALA B 293 48.19 13.19 19.51
CA ALA B 293 47.52 14.47 19.60
C ALA B 293 47.72 15.33 18.36
N THR B 294 46.87 16.37 18.20
CA THR B 294 46.93 17.44 17.19
C THR B 294 46.68 18.74 17.97
N ARG B 295 46.75 19.91 17.30
CA ARG B 295 46.49 21.22 17.89
C ARG B 295 45.03 21.36 18.39
N ARG B 296 44.08 20.62 17.75
CA ARG B 296 42.65 20.60 18.09
C ARG B 296 42.35 19.82 19.39
N TRP B 297 43.24 18.87 19.79
CA TRP B 297 43.12 18.12 21.05
C TRP B 297 43.35 18.98 22.31
N ILE B 298 44.30 19.98 22.27
CA ILE B 298 44.66 20.84 23.42
C ILE B 298 43.42 21.32 24.22
N GLU B 299 42.36 21.81 23.52
CA GLU B 299 41.13 22.26 24.16
C GLU B 299 40.36 21.12 24.84
N TYR B 300 40.35 19.90 24.22
CA TYR B 300 39.68 18.70 24.77
C TYR B 300 40.36 18.20 26.05
N GLY B 301 41.69 18.29 26.10
CA GLY B 301 42.50 17.87 27.25
C GLY B 301 42.33 18.74 28.47
N LYS B 302 42.08 20.05 28.23
CA LYS B 302 41.83 21.11 29.25
C LYS B 302 40.44 20.95 29.87
N GLN B 303 39.49 20.38 29.10
CA GLN B 303 38.08 20.23 29.47
C GLN B 303 37.64 18.79 29.77
N ALA B 304 38.58 17.82 29.71
CA ALA B 304 38.33 16.39 29.96
C ALA B 304 37.87 16.16 31.40
N VAL B 305 36.73 15.45 31.58
CA VAL B 305 36.19 15.12 32.91
C VAL B 305 36.83 13.79 33.32
N LEU B 306 37.69 13.82 34.34
CA LEU B 306 38.50 12.68 34.78
C LEU B 306 37.94 11.89 35.97
N CYS B 307 38.52 10.71 36.22
CA CYS B 307 38.16 9.81 37.33
C CYS B 307 38.60 10.42 38.67
N SER B 308 37.69 10.41 39.65
CA SER B 308 37.89 10.97 40.98
C SER B 308 38.18 9.97 42.12
N CYS B 309 37.64 8.73 42.02
CA CYS B 309 37.76 7.71 43.07
C CYS B 309 39.10 6.93 43.13
N ARG B 310 39.86 6.85 42.01
CA ARG B 310 41.12 6.09 41.92
C ARG B 310 42.36 6.99 41.79
N MET B 313 45.19 6.59 37.98
CA MET B 313 44.55 7.15 36.79
C MET B 313 45.51 8.09 36.02
N VAL B 314 45.40 8.12 34.67
CA VAL B 314 46.24 8.96 33.82
C VAL B 314 45.77 10.42 33.80
N LYS B 315 46.68 11.34 34.18
CA LYS B 315 46.42 12.77 34.20
C LYS B 315 47.67 13.49 33.64
N ILE B 316 47.46 14.26 32.56
CA ILE B 316 48.51 15.04 31.91
C ILE B 316 48.32 16.53 32.28
N SER B 317 49.41 17.18 32.71
CA SER B 317 49.39 18.61 33.00
C SER B 317 49.37 19.33 31.65
N MET B 318 48.32 20.14 31.47
CA MET B 318 48.06 20.90 30.24
C MET B 318 48.84 22.19 30.13
N ASP B 319 49.46 22.62 31.23
CA ASP B 319 50.27 23.84 31.39
C ASP B 319 51.28 24.04 30.23
N VAL B 320 52.10 23.01 29.91
CA VAL B 320 53.12 23.02 28.84
C VAL B 320 52.49 23.26 27.44
N PHE B 321 51.26 22.74 27.17
CA PHE B 321 50.56 22.91 25.88
C PHE B 321 49.96 24.31 25.74
N VAL B 322 49.49 24.91 26.85
CA VAL B 322 48.91 26.25 26.92
C VAL B 322 50.01 27.33 26.76
N ARG B 323 51.19 27.12 27.37
CA ARG B 323 52.34 28.03 27.28
C ARG B 323 52.86 28.19 25.84
N LYS B 324 53.00 27.07 25.09
CA LYS B 324 53.54 27.03 23.73
C LYS B 324 52.54 27.39 22.61
N PHE B 325 51.30 26.88 22.71
CA PHE B 325 50.29 27.00 21.66
C PHE B 325 49.24 28.09 21.91
N GLN B 326 49.00 28.46 23.18
CA GLN B 326 48.02 29.50 23.55
C GLN B 326 48.66 30.50 24.54
N PRO B 327 49.85 31.12 24.28
CA PRO B 327 50.44 32.03 25.28
C PRO B 327 49.58 33.23 25.70
N GLU B 328 48.70 33.71 24.78
CA GLU B 328 47.80 34.84 25.04
C GLU B 328 46.69 34.52 26.05
N ARG B 329 46.26 33.24 26.11
CA ARG B 329 45.20 32.71 26.98
C ARG B 329 45.70 32.13 28.33
N TYR B 330 47.04 32.02 28.49
CA TYR B 330 47.69 31.43 29.68
C TYR B 330 47.21 32.03 31.02
N LYS B 331 47.17 33.36 31.15
CA LYS B 331 46.72 34.05 32.38
C LYS B 331 45.21 33.87 32.61
N LEU B 332 44.41 33.87 31.52
CA LEU B 332 42.95 33.65 31.54
C LEU B 332 42.64 32.23 32.00
N TRP B 333 43.37 31.23 31.48
CA TRP B 333 43.21 29.81 31.82
C TRP B 333 43.67 29.49 33.25
N LYS B 334 44.72 30.18 33.74
CA LYS B 334 45.25 30.00 35.09
C LYS B 334 44.27 30.51 36.15
N ALA B 335 43.55 31.61 35.84
CA ALA B 335 42.55 32.22 36.71
C ALA B 335 41.17 31.51 36.62
N GLY B 336 41.04 30.60 35.65
CA GLY B 336 39.83 29.83 35.40
C GLY B 336 38.77 30.60 34.64
N LYS B 337 39.18 31.70 33.96
CA LYS B 337 38.30 32.58 33.20
C LYS B 337 38.18 32.20 31.72
N ASP B 338 38.91 31.15 31.27
CA ASP B 338 38.86 30.65 29.89
C ASP B 338 37.55 29.84 29.74
N ASN B 339 36.54 30.45 29.08
CA ASN B 339 35.22 29.85 28.89
C ASN B 339 34.91 29.50 27.42
N THR B 340 35.88 28.83 26.74
CA THR B 340 35.74 28.42 25.34
C THR B 340 34.82 27.22 25.19
N VAL B 341 33.86 27.31 24.25
CA VAL B 341 32.89 26.24 23.95
C VAL B 341 33.40 25.45 22.76
N ILE B 342 33.59 24.13 22.92
CA ILE B 342 34.11 23.24 21.88
C ILE B 342 33.05 22.95 20.80
N ASP B 343 33.45 23.04 19.51
CA ASP B 343 32.61 22.67 18.37
C ASP B 343 33.20 21.36 17.84
N HIS B 344 32.46 20.24 17.97
CA HIS B 344 32.89 18.90 17.56
C HIS B 344 32.99 18.70 16.01
N THR B 345 32.27 19.53 15.20
CA THR B 345 32.26 19.45 13.73
C THR B 345 33.51 20.08 13.10
N LEU B 346 34.13 21.04 13.81
CA LEU B 346 35.33 21.77 13.37
C LEU B 346 36.60 20.88 13.25
N PRO B 347 37.34 20.93 12.10
CA PRO B 347 38.57 20.11 11.98
C PRO B 347 39.80 20.82 12.57
N THR B 348 40.92 20.08 12.73
CA THR B 348 42.19 20.58 13.30
C THR B 348 42.74 21.77 12.44
N PRO B 349 43.42 22.78 13.05
CA PRO B 349 43.94 23.91 12.25
C PRO B 349 44.91 23.57 11.09
N GLU B 350 45.56 22.38 11.14
CA GLU B 350 46.51 21.86 10.13
C GLU B 350 45.82 21.40 8.82
N ALA B 351 44.47 21.24 8.85
CA ALA B 351 43.67 20.85 7.69
C ALA B 351 43.51 22.01 6.69
N ALA B 352 43.96 23.25 7.08
CA ALA B 352 43.90 24.49 6.29
C ALA B 352 44.40 24.37 4.84
N GLU B 353 45.47 23.57 4.62
CA GLU B 353 46.05 23.34 3.29
C GLU B 353 45.14 22.51 2.35
N PHE B 354 44.14 21.81 2.90
CA PHE B 354 43.20 20.95 2.16
C PHE B 354 41.83 21.66 1.98
N GLU C 7 -24.09 -20.37 -26.88
CA GLU C 7 -25.35 -21.11 -26.84
C GLU C 7 -25.71 -21.75 -28.21
N THR C 8 -25.02 -21.34 -29.29
CA THR C 8 -25.24 -21.84 -30.65
C THR C 8 -24.52 -23.18 -30.92
N LEU C 9 -23.28 -23.35 -30.40
CA LEU C 9 -22.50 -24.59 -30.55
C LEU C 9 -22.77 -25.55 -29.38
N ASN C 10 -23.07 -26.82 -29.72
CA ASN C 10 -23.45 -27.93 -28.83
C ASN C 10 -24.66 -27.56 -27.92
N PRO C 11 -25.83 -27.18 -28.49
CA PRO C 11 -26.98 -26.82 -27.63
C PRO C 11 -27.64 -28.03 -26.95
N SER C 12 -27.34 -29.25 -27.45
CA SER C 12 -27.87 -30.51 -26.91
C SER C 12 -27.01 -30.99 -25.72
N ALA C 13 -25.84 -30.33 -25.51
CA ALA C 13 -24.88 -30.56 -24.44
C ALA C 13 -24.39 -32.05 -24.35
N ARG C 14 -24.22 -32.70 -25.52
CA ARG C 14 -23.77 -34.10 -25.66
C ARG C 14 -22.26 -34.22 -25.68
N ILE C 15 -21.74 -35.38 -25.24
CA ILE C 15 -20.27 -35.66 -25.16
C ILE C 15 -19.72 -35.74 -26.58
N MET C 16 -18.64 -34.99 -26.83
CA MET C 16 -18.00 -34.90 -28.16
C MET C 16 -16.66 -35.64 -28.19
N THR C 17 -16.34 -36.27 -29.31
CA THR C 17 -15.07 -37.03 -29.52
C THR C 17 -14.22 -36.31 -30.57
N PHE C 18 -12.93 -36.13 -30.31
CA PHE C 18 -12.01 -35.42 -31.24
C PHE C 18 -10.85 -36.33 -31.65
N TYR C 19 -10.39 -36.16 -32.90
CA TYR C 19 -9.31 -36.93 -33.51
C TYR C 19 -8.24 -35.95 -34.07
N PRO C 20 -7.38 -35.34 -33.19
CA PRO C 20 -6.38 -34.39 -33.69
C PRO C 20 -5.25 -35.02 -34.51
N THR C 21 -4.64 -34.20 -35.39
CA THR C 21 -3.47 -34.60 -36.19
C THR C 21 -2.25 -34.37 -35.28
N MET C 22 -1.06 -34.89 -35.64
CA MET C 22 0.17 -34.74 -34.84
C MET C 22 0.54 -33.26 -34.60
N GLU C 23 0.28 -32.38 -35.60
CA GLU C 23 0.52 -30.94 -35.51
C GLU C 23 -0.45 -30.28 -34.49
N GLU C 24 -1.76 -30.67 -34.50
CA GLU C 24 -2.80 -30.19 -33.56
C GLU C 24 -2.52 -30.69 -32.14
N PHE C 25 -2.04 -31.95 -32.02
CA PHE C 25 -1.73 -32.65 -30.78
C PHE C 25 -0.49 -32.10 -30.01
N ARG C 26 0.46 -31.41 -30.71
CA ARG C 26 1.68 -30.86 -30.10
C ARG C 26 1.42 -29.79 -29.01
N ASN C 27 0.51 -28.83 -29.27
CA ASN C 27 0.16 -27.79 -28.30
C ASN C 27 -1.10 -28.19 -27.52
N PHE C 28 -0.92 -28.55 -26.23
CA PHE C 28 -1.99 -29.03 -25.34
C PHE C 28 -3.04 -27.95 -25.00
N SER C 29 -2.59 -26.80 -24.43
CA SER C 29 -3.42 -25.67 -24.01
C SER C 29 -4.22 -25.05 -25.18
N ARG C 30 -3.60 -24.99 -26.37
CA ARG C 30 -4.20 -24.47 -27.60
C ARG C 30 -5.30 -25.44 -28.09
N TYR C 31 -5.12 -26.75 -27.90
CA TYR C 31 -6.14 -27.73 -28.29
C TYR C 31 -7.34 -27.76 -27.33
N ILE C 32 -7.10 -27.55 -26.01
CA ILE C 32 -8.17 -27.44 -25.02
C ILE C 32 -9.01 -26.23 -25.41
N ALA C 33 -8.37 -25.07 -25.69
CA ALA C 33 -9.03 -23.83 -26.13
C ALA C 33 -9.84 -24.03 -27.43
N TYR C 34 -9.32 -24.83 -28.39
CA TYR C 34 -9.99 -25.18 -29.66
C TYR C 34 -11.25 -26.06 -29.44
N ILE C 35 -11.20 -27.03 -28.51
CA ILE C 35 -12.35 -27.92 -28.28
C ILE C 35 -13.49 -27.17 -27.57
N GLU C 36 -13.17 -26.12 -26.79
CA GLU C 36 -14.13 -25.25 -26.12
C GLU C 36 -14.83 -24.31 -27.14
N SER C 37 -14.14 -23.97 -28.26
CA SER C 37 -14.70 -23.14 -29.33
C SER C 37 -15.74 -23.95 -30.14
N GLN C 38 -15.68 -25.29 -30.02
CA GLN C 38 -16.58 -26.27 -30.65
C GLN C 38 -17.80 -26.61 -29.72
N GLY C 39 -17.75 -26.11 -28.49
CA GLY C 39 -18.79 -26.31 -27.48
C GLY C 39 -18.67 -27.56 -26.62
N ALA C 40 -17.51 -28.24 -26.62
CA ALA C 40 -17.27 -29.50 -25.87
C ALA C 40 -17.45 -29.40 -24.35
N HIS C 41 -17.06 -28.25 -23.77
CA HIS C 41 -17.13 -27.98 -22.31
C HIS C 41 -18.56 -28.05 -21.74
N ARG C 42 -19.61 -27.78 -22.59
CA ARG C 42 -21.03 -27.80 -22.25
C ARG C 42 -21.55 -29.17 -21.75
N ALA C 43 -20.88 -30.29 -22.12
CA ALA C 43 -21.24 -31.66 -21.69
C ALA C 43 -20.65 -32.00 -20.31
N GLY C 44 -19.55 -31.34 -19.96
CA GLY C 44 -18.83 -31.54 -18.70
C GLY C 44 -17.71 -32.56 -18.84
N LEU C 45 -17.68 -33.23 -20.00
CA LEU C 45 -16.76 -34.30 -20.33
C LEU C 45 -16.61 -34.43 -21.85
N ALA C 46 -15.41 -34.85 -22.29
CA ALA C 46 -15.10 -35.07 -23.70
C ALA C 46 -13.99 -36.09 -23.90
N LYS C 47 -14.01 -36.74 -25.06
CA LYS C 47 -13.00 -37.74 -25.42
C LYS C 47 -12.08 -37.20 -26.52
N VAL C 48 -10.79 -37.49 -26.40
CA VAL C 48 -9.76 -37.14 -27.37
C VAL C 48 -8.96 -38.40 -27.73
N VAL C 49 -9.11 -38.88 -28.98
CA VAL C 49 -8.39 -40.05 -29.49
C VAL C 49 -7.07 -39.53 -30.10
N PRO C 50 -5.88 -39.91 -29.54
CA PRO C 50 -4.61 -39.35 -30.05
C PRO C 50 -4.16 -39.87 -31.42
N PRO C 51 -3.22 -39.19 -32.16
CA PRO C 51 -2.77 -39.75 -33.46
C PRO C 51 -2.19 -41.16 -33.31
N LYS C 52 -2.42 -42.03 -34.31
CA LYS C 52 -1.99 -43.44 -34.34
C LYS C 52 -0.49 -43.65 -34.03
N GLU C 53 0.36 -42.71 -34.47
CA GLU C 53 1.80 -42.73 -34.28
C GLU C 53 2.23 -42.46 -32.83
N TRP C 54 1.42 -41.68 -32.07
CA TRP C 54 1.72 -41.31 -30.67
C TRP C 54 1.51 -42.43 -29.67
N LYS C 55 2.55 -42.69 -28.86
CA LYS C 55 2.59 -43.68 -27.78
C LYS C 55 3.43 -43.15 -26.60
N PRO C 56 2.88 -43.05 -25.37
CA PRO C 56 3.67 -42.50 -24.24
C PRO C 56 4.77 -43.39 -23.65
N ARG C 57 4.74 -44.70 -23.96
CA ARG C 57 5.68 -45.68 -23.48
C ARG C 57 5.82 -46.81 -24.53
N ALA C 58 7.05 -47.39 -24.66
CA ALA C 58 7.36 -48.46 -25.59
C ALA C 58 6.66 -49.77 -25.25
N SER C 59 6.67 -50.16 -23.95
CA SER C 59 6.02 -51.38 -23.46
C SER C 59 5.67 -51.31 -21.97
N TYR C 60 4.60 -52.00 -21.54
CA TYR C 60 4.18 -52.09 -20.13
C TYR C 60 4.59 -53.47 -19.49
N ASP C 61 5.58 -54.17 -20.08
CA ASP C 61 6.06 -55.51 -19.67
C ASP C 61 6.98 -55.52 -18.44
N ASP C 62 7.40 -54.33 -17.97
CA ASP C 62 8.34 -54.17 -16.86
C ASP C 62 7.73 -53.47 -15.62
N ILE C 63 6.45 -53.74 -15.30
CA ILE C 63 5.80 -53.04 -14.18
C ILE C 63 5.21 -53.97 -13.10
N ASP C 64 5.59 -55.26 -13.07
CA ASP C 64 5.09 -56.20 -12.06
C ASP C 64 5.55 -55.90 -10.63
N ASP C 65 6.75 -55.30 -10.47
CA ASP C 65 7.33 -54.99 -9.16
C ASP C 65 6.93 -53.61 -8.64
N LEU C 66 6.06 -52.89 -9.38
CA LEU C 66 5.54 -51.59 -9.00
C LEU C 66 4.58 -51.80 -7.80
N VAL C 67 4.80 -51.02 -6.73
CA VAL C 67 4.06 -51.11 -5.47
C VAL C 67 2.87 -50.16 -5.44
N ILE C 68 1.71 -50.71 -5.01
CA ILE C 68 0.44 -50.00 -4.77
C ILE C 68 0.39 -49.88 -3.24
N PRO C 69 0.77 -48.71 -2.64
CA PRO C 69 0.88 -48.60 -1.17
C PRO C 69 -0.39 -48.79 -0.37
N ALA C 70 -1.53 -48.30 -0.88
CA ALA C 70 -2.79 -48.38 -0.15
C ALA C 70 -3.98 -48.86 -1.01
N PRO C 71 -4.06 -50.16 -1.39
CA PRO C 71 -5.23 -50.63 -2.15
C PRO C 71 -6.48 -50.62 -1.28
N ILE C 72 -7.66 -50.33 -1.88
CA ILE C 72 -8.90 -50.19 -1.13
C ILE C 72 -9.98 -51.19 -1.52
N GLN C 73 -10.55 -51.90 -0.52
CA GLN C 73 -11.67 -52.80 -0.75
C GLN C 73 -12.92 -51.91 -0.67
N GLN C 74 -13.74 -51.92 -1.73
CA GLN C 74 -14.93 -51.06 -1.85
C GLN C 74 -16.24 -51.72 -1.39
N LEU C 75 -16.67 -51.37 -0.18
CA LEU C 75 -17.92 -51.83 0.42
C LEU C 75 -19.06 -50.86 0.07
N VAL C 76 -20.08 -51.36 -0.65
CA VAL C 76 -21.22 -50.55 -1.11
C VAL C 76 -22.51 -50.95 -0.38
N THR C 77 -23.28 -49.94 0.09
CA THR C 77 -24.56 -50.09 0.78
C THR C 77 -25.66 -49.27 0.10
N GLY C 78 -26.86 -49.83 -0.02
CA GLY C 78 -27.99 -49.14 -0.63
C GLY C 78 -29.01 -50.00 -1.34
N GLN C 79 -29.95 -49.34 -2.01
CA GLN C 79 -31.05 -49.90 -2.82
C GLN C 79 -31.65 -48.78 -3.69
N SER C 80 -32.63 -49.13 -4.56
CA SER C 80 -33.39 -48.23 -5.44
C SER C 80 -32.55 -47.15 -6.15
N GLY C 81 -31.38 -47.53 -6.68
CA GLY C 81 -30.49 -46.63 -7.40
C GLY C 81 -29.69 -45.61 -6.58
N LEU C 82 -29.76 -45.69 -5.25
CA LEU C 82 -29.05 -44.81 -4.32
C LEU C 82 -28.15 -45.63 -3.42
N PHE C 83 -26.85 -45.33 -3.46
CA PHE C 83 -25.87 -46.10 -2.71
C PHE C 83 -24.82 -45.21 -2.01
N THR C 84 -24.09 -45.78 -1.03
CA THR C 84 -22.97 -45.17 -0.28
C THR C 84 -21.79 -46.15 -0.33
N GLN C 85 -20.61 -45.65 -0.76
CA GLN C 85 -19.40 -46.44 -0.90
C GLN C 85 -18.38 -46.13 0.21
N TYR C 86 -17.98 -47.17 0.94
CA TYR C 86 -16.99 -47.13 2.01
C TYR C 86 -15.70 -47.77 1.53
N ASN C 87 -14.61 -46.99 1.48
CA ASN C 87 -13.30 -47.42 1.01
C ASN C 87 -12.42 -47.85 2.21
N ILE C 88 -12.13 -49.17 2.30
CA ILE C 88 -11.34 -49.81 3.37
C ILE C 88 -9.90 -50.03 2.89
N GLN C 89 -8.92 -49.45 3.62
CA GLN C 89 -7.50 -49.59 3.29
C GLN C 89 -6.97 -50.97 3.63
N LYS C 90 -6.26 -51.56 2.67
CA LYS C 90 -5.65 -52.89 2.78
C LYS C 90 -4.13 -52.71 2.71
N LYS C 91 -3.35 -53.74 3.11
CA LYS C 91 -1.89 -53.69 3.06
C LYS C 91 -1.34 -53.59 1.62
N ALA C 92 -0.14 -53.00 1.47
CA ALA C 92 0.56 -52.81 0.19
C ALA C 92 0.72 -54.10 -0.62
N MET C 93 0.45 -54.01 -1.92
CA MET C 93 0.57 -55.13 -2.86
C MET C 93 1.22 -54.69 -4.17
N THR C 94 1.84 -55.62 -4.88
CA THR C 94 2.47 -55.32 -6.15
C THR C 94 1.40 -55.32 -7.26
N VAL C 95 1.79 -54.90 -8.46
CA VAL C 95 0.87 -54.96 -9.63
C VAL C 95 0.66 -56.44 -9.99
N ARG C 96 1.68 -57.26 -9.74
CA ARG C 96 1.65 -58.72 -10.04
C ARG C 96 0.58 -59.39 -9.19
N GLU C 97 0.52 -59.05 -7.91
CA GLU C 97 -0.46 -59.58 -6.93
C GLU C 97 -1.88 -59.10 -7.29
N PHE C 98 -1.98 -57.84 -7.71
CA PHE C 98 -3.26 -57.21 -8.08
C PHE C 98 -3.87 -57.89 -9.34
N ARG C 99 -3.06 -58.07 -10.44
CA ARG C 99 -3.49 -58.70 -11.70
C ARG C 99 -4.00 -60.14 -11.54
N LYS C 100 -3.40 -60.92 -10.63
CA LYS C 100 -3.77 -62.29 -10.31
C LYS C 100 -5.16 -62.34 -9.67
N ILE C 101 -5.44 -61.43 -8.72
CA ILE C 101 -6.74 -61.29 -8.04
C ILE C 101 -7.82 -60.77 -9.03
N ALA C 102 -7.50 -59.73 -9.83
CA ALA C 102 -8.40 -59.10 -10.83
C ALA C 102 -8.81 -60.07 -11.97
N ASN C 103 -7.96 -61.06 -12.32
CA ASN C 103 -8.24 -62.07 -13.36
C ASN C 103 -8.71 -63.42 -12.79
N SER C 104 -8.81 -63.55 -11.45
CA SER C 104 -9.27 -64.76 -10.78
C SER C 104 -10.77 -64.96 -11.01
N ASP C 105 -11.25 -66.23 -10.91
CA ASP C 105 -12.66 -66.58 -11.10
C ASP C 105 -13.61 -65.77 -10.22
N LYS C 106 -13.18 -65.48 -8.97
CA LYS C 106 -13.89 -64.70 -7.98
C LYS C 106 -14.15 -63.25 -8.40
N TYR C 107 -13.15 -62.57 -9.02
CA TYR C 107 -13.24 -61.15 -9.35
C TYR C 107 -13.23 -60.77 -10.85
N CYS C 108 -13.18 -61.75 -11.78
CA CYS C 108 -13.14 -61.48 -13.22
C CYS C 108 -14.48 -60.93 -13.79
N THR C 109 -14.38 -60.26 -14.96
CA THR C 109 -15.51 -59.68 -15.70
C THR C 109 -16.52 -60.78 -16.11
N PRO C 110 -17.85 -60.60 -15.86
CA PRO C 110 -18.82 -61.60 -16.33
C PRO C 110 -18.96 -61.61 -17.87
N ARG C 111 -19.51 -62.71 -18.42
CA ARG C 111 -19.74 -62.88 -19.86
C ARG C 111 -20.87 -61.97 -20.33
N TYR C 112 -20.64 -61.21 -21.41
CA TYR C 112 -21.64 -60.28 -21.94
C TYR C 112 -21.55 -60.06 -23.46
N SER C 113 -22.68 -59.68 -24.08
CA SER C 113 -22.79 -59.40 -25.50
C SER C 113 -22.63 -57.89 -25.74
N GLU C 114 -23.66 -57.08 -25.39
CA GLU C 114 -23.67 -55.63 -25.55
C GLU C 114 -23.30 -54.90 -24.23
N PHE C 115 -22.89 -53.61 -24.31
CA PHE C 115 -22.53 -52.80 -23.13
C PHE C 115 -23.69 -52.67 -22.16
N GLU C 116 -24.93 -52.51 -22.69
CA GLU C 116 -26.17 -52.39 -21.91
C GLU C 116 -26.35 -53.57 -20.94
N GLU C 117 -25.85 -54.77 -21.33
CA GLU C 117 -25.89 -55.98 -20.52
C GLU C 117 -24.90 -55.89 -19.35
N LEU C 118 -23.66 -55.40 -19.60
CA LEU C 118 -22.63 -55.24 -18.56
C LEU C 118 -23.01 -54.13 -17.55
N GLU C 119 -23.64 -53.06 -18.05
CA GLU C 119 -24.15 -51.92 -17.29
C GLU C 119 -25.28 -52.38 -16.34
N ARG C 120 -26.19 -53.27 -16.82
CA ARG C 120 -27.27 -53.84 -16.02
C ARG C 120 -26.69 -54.72 -14.89
N LYS C 121 -25.64 -55.50 -15.23
CA LYS C 121 -24.92 -56.39 -14.33
C LYS C 121 -24.21 -55.62 -13.21
N TYR C 122 -23.65 -54.44 -13.53
CA TYR C 122 -22.96 -53.57 -12.58
C TYR C 122 -23.93 -53.02 -11.50
N TRP C 123 -25.06 -52.36 -11.93
CA TRP C 123 -26.05 -51.78 -11.04
C TRP C 123 -26.84 -52.83 -10.21
N LYS C 124 -26.84 -54.11 -10.65
CA LYS C 124 -27.54 -55.21 -9.96
C LYS C 124 -26.64 -55.88 -8.93
N ASN C 125 -25.30 -55.90 -9.18
CA ASN C 125 -24.34 -56.62 -8.33
C ASN C 125 -23.32 -55.75 -7.56
N LEU C 126 -23.43 -54.42 -7.64
CA LEU C 126 -22.45 -53.52 -7.01
C LEU C 126 -22.39 -53.60 -5.44
N THR C 127 -23.39 -54.21 -4.76
CA THR C 127 -23.35 -54.36 -3.30
C THR C 127 -22.77 -55.73 -2.87
N PHE C 128 -22.59 -56.68 -3.84
CA PHE C 128 -22.05 -58.01 -3.59
C PHE C 128 -20.59 -58.09 -4.01
N ASN C 129 -19.86 -59.06 -3.41
CA ASN C 129 -18.44 -59.37 -3.65
C ASN C 129 -17.56 -58.10 -3.80
N PRO C 130 -17.37 -57.32 -2.70
CA PRO C 130 -16.56 -56.08 -2.80
C PRO C 130 -15.18 -56.24 -3.45
N PRO C 131 -14.93 -55.52 -4.58
CA PRO C 131 -13.61 -55.62 -5.24
C PRO C 131 -12.54 -54.73 -4.60
N ILE C 132 -11.29 -54.84 -5.08
CA ILE C 132 -10.15 -54.06 -4.60
C ILE C 132 -9.71 -53.13 -5.72
N TYR C 133 -9.53 -51.84 -5.40
CA TYR C 133 -9.11 -50.78 -6.33
C TYR C 133 -7.74 -50.26 -5.90
N GLY C 134 -6.78 -50.31 -6.81
CA GLY C 134 -5.43 -49.79 -6.60
C GLY C 134 -5.35 -48.34 -7.03
N ALA C 135 -6.07 -47.48 -6.30
CA ALA C 135 -6.22 -46.04 -6.57
C ALA C 135 -5.21 -45.15 -5.85
N ASP C 136 -5.07 -43.88 -6.34
CA ASP C 136 -4.22 -42.81 -5.78
C ASP C 136 -2.75 -43.15 -5.61
N VAL C 137 -2.18 -43.91 -6.56
CA VAL C 137 -0.77 -44.27 -6.52
C VAL C 137 0.06 -43.12 -7.10
N ASN C 138 1.02 -42.56 -6.33
CA ASN C 138 1.89 -41.49 -6.83
C ASN C 138 2.84 -42.12 -7.87
N GLY C 139 2.80 -41.61 -9.10
CA GLY C 139 3.65 -42.14 -10.16
C GLY C 139 3.20 -41.84 -11.57
N THR C 140 4.09 -42.14 -12.53
CA THR C 140 3.87 -41.95 -13.96
C THR C 140 4.29 -43.17 -14.75
N LEU C 141 3.64 -43.41 -15.90
CA LEU C 141 4.02 -44.49 -16.82
C LEU C 141 4.61 -43.91 -18.12
N TYR C 142 4.68 -42.55 -18.22
CA TYR C 142 5.24 -41.82 -19.36
C TYR C 142 6.75 -41.83 -19.36
N GLU C 143 7.35 -42.02 -20.54
CA GLU C 143 8.80 -41.98 -20.71
C GLU C 143 9.26 -40.52 -20.65
N LYS C 144 10.49 -40.27 -20.15
CA LYS C 144 11.06 -38.94 -19.95
C LYS C 144 11.07 -38.02 -21.19
N HIS C 145 11.30 -38.59 -22.38
CA HIS C 145 11.40 -37.87 -23.65
C HIS C 145 10.06 -37.38 -24.24
N VAL C 146 8.91 -37.92 -23.78
CA VAL C 146 7.58 -37.56 -24.29
C VAL C 146 7.21 -36.10 -23.93
N ASP C 147 7.13 -35.22 -24.93
CA ASP C 147 6.82 -33.80 -24.80
C ASP C 147 5.34 -33.45 -24.99
N GLU C 148 4.62 -34.26 -25.78
CA GLU C 148 3.19 -34.06 -26.09
C GLU C 148 2.26 -34.74 -25.06
N TRP C 149 1.33 -33.95 -24.46
CA TRP C 149 0.30 -34.38 -23.51
C TRP C 149 0.87 -35.23 -22.31
N ASN C 150 2.03 -34.83 -21.78
CA ASN C 150 2.66 -35.57 -20.65
C ASN C 150 1.96 -35.11 -19.37
N ILE C 151 1.25 -36.01 -18.70
CA ILE C 151 0.43 -35.70 -17.49
C ILE C 151 1.32 -35.21 -16.32
N GLY C 152 2.59 -35.63 -16.26
CA GLY C 152 3.54 -35.19 -15.23
C GLY C 152 4.06 -33.77 -15.43
N ARG C 153 3.80 -33.15 -16.58
CA ARG C 153 4.28 -31.79 -16.93
C ARG C 153 3.48 -31.16 -18.12
N LEU C 154 2.21 -30.77 -17.89
CA LEU C 154 1.30 -30.23 -18.92
C LEU C 154 1.56 -28.76 -19.39
N ARG C 155 2.23 -27.91 -18.57
CA ARG C 155 2.58 -26.51 -18.89
C ARG C 155 1.38 -25.50 -18.83
N THR C 156 0.35 -25.75 -17.96
CA THR C 156 -0.83 -24.87 -17.80
C THR C 156 -0.59 -23.79 -16.72
N ILE C 157 -1.56 -22.87 -16.54
CA ILE C 157 -1.45 -21.78 -15.54
C ILE C 157 -1.58 -22.31 -14.09
N LEU C 158 -1.87 -23.60 -13.93
CA LEU C 158 -1.98 -24.25 -12.59
C LEU C 158 -0.58 -24.38 -11.97
N ASP C 159 0.46 -24.24 -12.80
CA ASP C 159 1.90 -24.35 -12.42
C ASP C 159 2.35 -23.23 -11.47
N LEU C 160 1.62 -22.10 -11.40
CA LEU C 160 1.89 -20.95 -10.50
C LEU C 160 1.79 -21.38 -9.02
N VAL C 161 0.94 -22.33 -8.69
CA VAL C 161 0.79 -22.79 -7.28
C VAL C 161 2.13 -23.35 -6.77
N GLU C 162 2.87 -24.09 -7.60
CA GLU C 162 4.17 -24.62 -7.11
C GLU C 162 5.33 -23.70 -7.50
N LYS C 163 5.25 -23.06 -8.67
CA LYS C 163 6.33 -22.15 -9.12
C LYS C 163 6.41 -20.89 -8.25
N GLU C 164 5.27 -20.30 -7.89
CA GLU C 164 5.26 -19.04 -7.11
C GLU C 164 4.99 -19.30 -5.62
N SER C 165 3.96 -20.10 -5.31
CA SER C 165 3.60 -20.35 -3.89
C SER C 165 4.41 -21.52 -3.29
N GLY C 166 5.13 -22.28 -4.11
CA GLY C 166 5.98 -23.39 -3.61
C GLY C 166 5.20 -24.53 -2.98
N ILE C 167 3.93 -24.71 -3.36
CA ILE C 167 3.06 -25.75 -2.72
C ILE C 167 2.82 -26.93 -3.66
N THR C 168 3.08 -28.14 -3.18
CA THR C 168 2.87 -29.37 -3.99
C THR C 168 1.60 -30.06 -3.49
N ILE C 169 0.65 -30.34 -4.37
CA ILE C 169 -0.57 -31.08 -3.94
C ILE C 169 -0.62 -32.39 -4.71
N GLU C 170 -0.49 -33.52 -4.02
CA GLU C 170 -0.52 -34.85 -4.64
C GLU C 170 -1.80 -35.14 -5.39
N GLY C 171 -1.67 -35.56 -6.64
CA GLY C 171 -2.77 -35.84 -7.54
C GLY C 171 -3.33 -34.62 -8.23
N VAL C 172 -3.11 -33.42 -7.67
CA VAL C 172 -3.61 -32.15 -8.22
C VAL C 172 -2.56 -31.53 -9.15
N ASN C 173 -1.30 -31.43 -8.72
CA ASN C 173 -0.24 -30.92 -9.59
C ASN C 173 0.94 -31.94 -9.70
N THR C 174 0.65 -33.23 -9.39
CA THR C 174 1.53 -34.40 -9.51
C THR C 174 0.70 -35.53 -10.15
N PRO C 175 1.27 -36.51 -10.90
CA PRO C 175 0.43 -37.58 -11.47
C PRO C 175 0.09 -38.72 -10.50
N TYR C 176 -1.09 -39.33 -10.74
CA TYR C 176 -1.64 -40.46 -9.97
C TYR C 176 -1.94 -41.60 -10.94
N LEU C 177 -1.67 -42.84 -10.51
CA LEU C 177 -2.00 -44.05 -11.27
C LEU C 177 -3.16 -44.77 -10.59
N TYR C 178 -4.05 -45.43 -11.38
CA TYR C 178 -5.22 -46.15 -10.88
C TYR C 178 -5.26 -47.52 -11.53
N PHE C 179 -5.04 -48.58 -10.73
CA PHE C 179 -5.09 -49.95 -11.20
C PHE C 179 -6.48 -50.48 -10.86
N GLY C 180 -7.26 -50.76 -11.91
CA GLY C 180 -8.63 -51.22 -11.72
C GLY C 180 -8.89 -52.68 -11.95
N MET C 181 -10.07 -53.13 -11.51
CA MET C 181 -10.62 -54.45 -11.76
C MET C 181 -12.14 -54.29 -11.98
N TRP C 182 -12.83 -55.37 -12.34
CA TRP C 182 -14.27 -55.39 -12.57
C TRP C 182 -15.05 -54.88 -11.34
N LYS C 183 -16.06 -54.00 -11.57
CA LYS C 183 -16.96 -53.43 -10.56
C LYS C 183 -16.31 -52.41 -9.59
N THR C 184 -15.10 -51.91 -9.91
CA THR C 184 -14.48 -50.86 -9.08
C THR C 184 -15.05 -49.53 -9.60
N SER C 185 -15.52 -48.68 -8.69
CA SER C 185 -16.23 -47.44 -9.03
C SER C 185 -15.57 -46.12 -8.61
N PHE C 186 -16.03 -45.03 -9.25
CA PHE C 186 -15.73 -43.65 -8.88
C PHE C 186 -17.07 -42.93 -8.73
N ALA C 187 -17.33 -42.44 -7.51
CA ALA C 187 -18.59 -41.78 -7.14
C ALA C 187 -18.76 -40.40 -7.80
N TRP C 188 -19.97 -39.79 -7.69
CA TRP C 188 -20.31 -38.47 -8.25
C TRP C 188 -19.48 -37.36 -7.59
N HIS C 189 -18.80 -36.53 -8.42
CA HIS C 189 -17.93 -35.47 -7.95
C HIS C 189 -17.51 -34.51 -9.06
N THR C 190 -17.09 -33.30 -8.66
CA THR C 190 -16.44 -32.30 -9.51
C THR C 190 -14.95 -32.39 -9.07
N GLU C 191 -14.05 -31.66 -9.72
CA GLU C 191 -12.64 -31.72 -9.32
C GLU C 191 -12.38 -30.80 -8.12
N ASP C 192 -11.25 -31.02 -7.42
CA ASP C 192 -10.86 -30.18 -6.29
C ASP C 192 -10.69 -28.77 -6.83
N MET C 193 -11.31 -27.79 -6.13
CA MET C 193 -11.32 -26.36 -6.50
C MET C 193 -12.05 -26.10 -7.85
N ASP C 194 -12.89 -27.08 -8.29
CA ASP C 194 -13.67 -27.13 -9.54
C ASP C 194 -12.78 -26.91 -10.77
N LEU C 195 -11.66 -27.65 -10.82
CA LEU C 195 -10.65 -27.62 -11.88
C LEU C 195 -11.02 -28.52 -13.05
N TYR C 196 -10.11 -28.60 -14.02
CA TYR C 196 -10.23 -29.55 -15.13
C TYR C 196 -9.40 -30.77 -14.70
N SER C 197 -9.58 -31.92 -15.38
CA SER C 197 -8.75 -33.10 -15.17
C SER C 197 -8.53 -33.83 -16.48
N ILE C 198 -7.40 -34.53 -16.57
CA ILE C 198 -6.98 -35.32 -17.72
C ILE C 198 -6.90 -36.79 -17.27
N ASN C 199 -7.42 -37.71 -18.09
CA ASN C 199 -7.43 -39.14 -17.76
C ASN C 199 -6.95 -39.98 -18.97
N TYR C 200 -5.87 -40.76 -18.83
CA TYR C 200 -5.39 -41.58 -19.95
C TYR C 200 -5.44 -43.04 -19.57
N LEU C 201 -6.06 -43.89 -20.39
CA LEU C 201 -6.11 -45.33 -20.16
C LEU C 201 -4.89 -45.99 -20.87
N HIS C 202 -3.83 -46.28 -20.08
CA HIS C 202 -2.57 -46.88 -20.55
C HIS C 202 -2.76 -48.23 -21.24
N PHE C 203 -3.55 -49.14 -20.61
CA PHE C 203 -3.81 -50.49 -21.12
C PHE C 203 -5.01 -51.13 -20.40
N GLY C 204 -5.41 -52.29 -20.90
CA GLY C 204 -6.45 -53.12 -20.30
C GLY C 204 -7.87 -52.89 -20.76
N GLU C 205 -8.82 -53.34 -19.93
CA GLU C 205 -10.27 -53.27 -20.13
C GLU C 205 -10.83 -51.85 -19.99
N PRO C 206 -11.95 -51.51 -20.68
CA PRO C 206 -12.47 -50.13 -20.61
C PRO C 206 -12.90 -49.60 -19.24
N LYS C 207 -13.12 -48.28 -19.21
CA LYS C 207 -13.66 -47.48 -18.14
C LYS C 207 -14.85 -46.72 -18.74
N SER C 208 -16.06 -46.86 -18.12
CA SER C 208 -17.28 -46.18 -18.53
C SER C 208 -17.56 -45.00 -17.59
N TRP C 209 -18.06 -43.91 -18.17
CA TRP C 209 -18.30 -42.62 -17.51
C TRP C 209 -19.74 -42.14 -17.69
N TYR C 210 -20.27 -41.43 -16.69
CA TYR C 210 -21.56 -40.73 -16.68
C TYR C 210 -21.24 -39.25 -16.42
N SER C 211 -21.89 -38.33 -17.12
CA SER C 211 -21.64 -36.91 -16.91
C SER C 211 -22.91 -36.06 -16.89
N VAL C 212 -22.89 -35.01 -16.08
CA VAL C 212 -23.97 -34.06 -15.93
C VAL C 212 -23.43 -32.68 -16.41
N PRO C 213 -24.12 -32.00 -17.36
CA PRO C 213 -23.63 -30.69 -17.83
C PRO C 213 -23.46 -29.62 -16.72
N PRO C 214 -22.35 -28.83 -16.73
CA PRO C 214 -22.16 -27.79 -15.69
C PRO C 214 -23.32 -26.83 -15.44
N GLU C 215 -24.14 -26.51 -16.49
CA GLU C 215 -25.31 -25.63 -16.39
C GLU C 215 -26.51 -26.27 -15.62
N HIS C 216 -26.47 -27.60 -15.41
CA HIS C 216 -27.49 -28.36 -14.69
C HIS C 216 -26.93 -28.94 -13.38
N GLY C 217 -25.71 -28.54 -13.05
CA GLY C 217 -24.96 -29.01 -11.89
C GLY C 217 -25.64 -28.83 -10.55
N LYS C 218 -26.31 -27.67 -10.37
CA LYS C 218 -27.02 -27.29 -9.14
C LYS C 218 -28.24 -28.19 -8.88
N ARG C 219 -28.86 -28.69 -9.96
CA ARG C 219 -30.03 -29.57 -9.93
C ARG C 219 -29.68 -30.94 -9.35
N LEU C 220 -28.46 -31.46 -9.63
CA LEU C 220 -27.95 -32.73 -9.10
C LEU C 220 -27.64 -32.57 -7.60
N GLU C 221 -27.03 -31.44 -7.21
CA GLU C 221 -26.73 -31.10 -5.81
C GLU C 221 -28.01 -31.07 -4.95
N ARG C 222 -29.08 -30.44 -5.47
CA ARG C 222 -30.39 -30.31 -4.82
C ARG C 222 -31.06 -31.67 -4.61
N LEU C 223 -30.89 -32.59 -5.58
CA LEU C 223 -31.42 -33.95 -5.55
C LEU C 223 -30.66 -34.80 -4.51
N ALA C 224 -29.32 -34.66 -4.47
CA ALA C 224 -28.44 -35.36 -3.52
C ALA C 224 -28.70 -34.93 -2.05
N LYS C 225 -29.08 -33.66 -1.82
CA LYS C 225 -29.39 -33.16 -0.47
C LYS C 225 -30.79 -33.59 0.00
N GLY C 226 -31.67 -33.88 -0.96
CA GLY C 226 -33.00 -34.44 -0.67
C GLY C 226 -32.92 -35.88 -0.19
N PHE C 227 -32.11 -36.70 -0.86
CA PHE C 227 -31.92 -38.15 -0.58
C PHE C 227 -30.94 -38.43 0.57
N PHE C 228 -30.03 -37.50 0.83
CA PHE C 228 -29.08 -37.70 1.94
C PHE C 228 -29.09 -36.42 2.78
N PRO C 229 -30.16 -36.16 3.58
CA PRO C 229 -30.27 -34.90 4.34
C PRO C 229 -29.38 -34.77 5.57
N GLY C 230 -29.01 -35.91 6.16
CA GLY C 230 -28.13 -35.98 7.32
C GLY C 230 -26.71 -35.59 6.96
N SER C 231 -26.29 -35.99 5.75
CA SER C 231 -24.97 -35.70 5.18
C SER C 231 -24.87 -34.22 4.79
N ALA C 232 -25.97 -33.65 4.25
CA ALA C 232 -26.08 -32.25 3.82
C ALA C 232 -26.05 -31.27 5.01
N GLN C 233 -26.63 -31.67 6.17
CA GLN C 233 -26.67 -30.85 7.39
C GLN C 233 -25.29 -30.78 8.06
N SER C 234 -24.50 -31.88 8.00
CA SER C 234 -23.15 -31.99 8.57
C SER C 234 -22.08 -31.27 7.73
N CYS C 235 -22.19 -31.34 6.39
CA CYS C 235 -21.26 -30.70 5.46
C CYS C 235 -21.98 -30.04 4.30
N GLU C 236 -21.55 -28.82 3.94
CA GLU C 236 -22.10 -28.03 2.81
C GLU C 236 -21.83 -28.75 1.47
N ALA C 237 -20.56 -29.17 1.24
CA ALA C 237 -20.14 -29.89 0.04
C ALA C 237 -19.84 -31.38 0.37
N PHE C 238 -20.88 -32.12 0.82
CA PHE C 238 -20.77 -33.55 1.18
C PHE C 238 -20.42 -34.47 -0.03
N LEU C 239 -20.69 -34.00 -1.27
CA LEU C 239 -20.38 -34.77 -2.48
C LEU C 239 -18.88 -34.86 -2.74
N ARG C 240 -18.10 -33.93 -2.13
CA ARG C 240 -16.63 -33.87 -2.21
C ARG C 240 -15.98 -34.98 -1.38
N HIS C 241 -16.79 -35.71 -0.56
CA HIS C 241 -16.37 -36.87 0.22
C HIS C 241 -16.20 -38.09 -0.72
N LYS C 242 -16.82 -38.04 -1.94
CA LYS C 242 -16.76 -39.06 -3.01
C LYS C 242 -17.26 -40.44 -2.56
N MET C 243 -18.45 -40.46 -1.94
CA MET C 243 -19.08 -41.67 -1.42
C MET C 243 -20.45 -41.97 -2.03
N THR C 244 -21.04 -40.99 -2.76
CA THR C 244 -22.39 -41.07 -3.30
C THR C 244 -22.44 -41.54 -4.76
N LEU C 245 -23.11 -42.68 -4.96
CA LEU C 245 -23.37 -43.31 -6.25
C LEU C 245 -24.88 -43.23 -6.52
N ILE C 246 -25.28 -42.62 -7.64
CA ILE C 246 -26.68 -42.44 -8.09
C ILE C 246 -26.74 -43.03 -9.52
N SER C 247 -27.61 -44.03 -9.76
CA SER C 247 -27.79 -44.72 -11.05
C SER C 247 -28.43 -43.86 -12.17
N PRO C 248 -28.18 -44.19 -13.47
CA PRO C 248 -28.81 -43.42 -14.56
C PRO C 248 -30.34 -43.44 -14.59
N LEU C 249 -30.96 -44.52 -14.06
CA LEU C 249 -32.40 -44.69 -13.94
C LEU C 249 -32.98 -43.72 -12.91
N MET C 250 -32.21 -43.43 -11.86
CA MET C 250 -32.57 -42.49 -10.80
C MET C 250 -32.48 -41.04 -11.32
N LEU C 251 -31.50 -40.75 -12.21
CA LEU C 251 -31.31 -39.43 -12.84
C LEU C 251 -32.42 -39.11 -13.82
N LYS C 252 -32.86 -40.11 -14.60
CA LYS C 252 -33.93 -40.01 -15.59
C LYS C 252 -35.30 -39.81 -14.90
N LYS C 253 -35.51 -40.47 -13.74
CA LYS C 253 -36.74 -40.42 -12.95
C LYS C 253 -37.00 -39.02 -12.37
N TYR C 254 -35.94 -38.31 -11.96
CA TYR C 254 -36.06 -36.98 -11.38
C TYR C 254 -35.70 -35.84 -12.35
N GLY C 255 -35.68 -36.16 -13.64
CA GLY C 255 -35.41 -35.18 -14.72
C GLY C 255 -34.06 -34.50 -14.65
N ILE C 256 -32.99 -35.25 -14.37
CA ILE C 256 -31.64 -34.64 -14.37
C ILE C 256 -31.00 -34.99 -15.72
N PRO C 257 -30.54 -34.00 -16.53
CA PRO C 257 -29.90 -34.30 -17.82
C PRO C 257 -28.54 -34.98 -17.62
N PHE C 258 -28.25 -35.99 -18.45
CA PHE C 258 -26.95 -36.70 -18.35
C PHE C 258 -26.60 -37.39 -19.66
N ASP C 259 -25.33 -37.72 -19.83
CA ASP C 259 -24.86 -38.49 -20.98
C ASP C 259 -23.86 -39.56 -20.50
N LYS C 260 -23.64 -40.61 -21.34
CA LYS C 260 -22.76 -41.76 -21.07
C LYS C 260 -21.68 -41.87 -22.13
N VAL C 261 -20.50 -42.46 -21.77
CA VAL C 261 -19.37 -42.69 -22.70
C VAL C 261 -18.45 -43.78 -22.16
N THR C 262 -17.88 -44.60 -23.05
CA THR C 262 -16.93 -45.67 -22.72
C THR C 262 -15.55 -45.30 -23.29
N GLN C 263 -14.54 -45.21 -22.40
CA GLN C 263 -13.15 -44.94 -22.78
C GLN C 263 -12.41 -46.27 -22.90
N GLU C 264 -11.69 -46.44 -24.02
CA GLU C 264 -10.91 -47.64 -24.29
C GLU C 264 -9.42 -47.35 -24.15
N ALA C 265 -8.58 -48.41 -24.02
CA ALA C 265 -7.12 -48.27 -23.89
C ALA C 265 -6.55 -47.41 -24.99
N GLY C 266 -5.76 -46.42 -24.60
CA GLY C 266 -5.12 -45.47 -25.51
C GLY C 266 -5.95 -44.26 -25.84
N GLU C 267 -7.00 -43.98 -25.03
CA GLU C 267 -7.84 -42.80 -25.24
C GLU C 267 -7.74 -41.90 -24.03
N PHE C 268 -7.91 -40.59 -24.27
CA PHE C 268 -7.90 -39.51 -23.26
C PHE C 268 -9.34 -39.04 -22.94
N MET C 269 -9.59 -38.67 -21.69
CA MET C 269 -10.90 -38.09 -21.32
C MET C 269 -10.62 -36.72 -20.68
N ILE C 270 -11.42 -35.70 -21.02
CA ILE C 270 -11.22 -34.35 -20.41
C ILE C 270 -12.47 -33.98 -19.60
N THR C 271 -12.27 -33.59 -18.34
CA THR C 271 -13.36 -33.17 -17.44
C THR C 271 -13.23 -31.65 -17.27
N PHE C 272 -14.35 -30.94 -17.37
CA PHE C 272 -14.34 -29.48 -17.34
C PHE C 272 -14.79 -28.91 -15.99
N PRO C 273 -14.45 -27.64 -15.65
CA PRO C 273 -14.89 -27.06 -14.36
C PRO C 273 -16.38 -27.20 -14.06
N TYR C 274 -16.68 -27.71 -12.84
CA TYR C 274 -18.03 -27.93 -12.30
C TYR C 274 -18.82 -29.01 -13.11
N GLY C 275 -18.08 -29.94 -13.71
CA GLY C 275 -18.62 -31.05 -14.47
C GLY C 275 -18.67 -32.29 -13.61
N TYR C 276 -19.86 -32.64 -13.12
CA TYR C 276 -20.09 -33.80 -12.27
C TYR C 276 -19.98 -35.08 -13.08
N HIS C 277 -19.12 -36.01 -12.61
CA HIS C 277 -18.91 -37.29 -13.28
C HIS C 277 -18.80 -38.46 -12.27
N ALA C 278 -19.18 -39.66 -12.75
CA ALA C 278 -19.17 -40.96 -12.06
C ALA C 278 -18.91 -42.09 -13.07
N GLY C 279 -18.65 -43.31 -12.59
CA GLY C 279 -18.42 -44.45 -13.48
C GLY C 279 -17.82 -45.68 -12.83
N PHE C 280 -17.47 -46.67 -13.66
CA PHE C 280 -16.89 -47.95 -13.25
C PHE C 280 -15.89 -48.51 -14.28
N ASN C 281 -15.04 -49.45 -13.81
CA ASN C 281 -14.06 -50.18 -14.62
C ASN C 281 -14.64 -51.53 -15.06
N HIS C 282 -14.40 -51.93 -16.34
CA HIS C 282 -14.91 -53.17 -16.94
C HIS C 282 -14.10 -54.40 -16.51
N GLY C 283 -12.82 -54.20 -16.24
CA GLY C 283 -11.90 -55.25 -15.81
C GLY C 283 -10.53 -54.68 -15.51
N PHE C 284 -9.48 -55.55 -15.45
CA PHE C 284 -8.10 -55.13 -15.16
C PHE C 284 -7.57 -54.09 -16.15
N ASN C 285 -7.07 -52.95 -15.63
CA ASN C 285 -6.56 -51.82 -16.40
C ASN C 285 -5.65 -50.89 -15.58
N CYS C 286 -5.19 -49.78 -16.20
CA CYS C 286 -4.37 -48.75 -15.58
C CYS C 286 -4.61 -47.41 -16.29
N ALA C 287 -4.88 -46.36 -15.50
CA ALA C 287 -5.13 -44.99 -15.94
C ALA C 287 -4.22 -44.03 -15.20
N GLU C 288 -3.81 -42.93 -15.86
CA GLU C 288 -2.99 -41.88 -15.27
C GLU C 288 -3.81 -40.60 -15.26
N SER C 289 -3.73 -39.84 -14.15
CA SER C 289 -4.53 -38.63 -13.99
C SER C 289 -3.83 -37.50 -13.19
N THR C 290 -4.22 -36.27 -13.53
CA THR C 290 -3.82 -35.02 -12.89
C THR C 290 -4.88 -33.95 -13.19
N ASN C 291 -4.78 -32.78 -12.52
CA ASN C 291 -5.67 -31.66 -12.69
C ASN C 291 -4.93 -30.56 -13.44
N PHE C 292 -5.67 -29.70 -14.16
CA PHE C 292 -5.09 -28.57 -14.88
C PHE C 292 -6.07 -27.37 -14.90
N ALA C 293 -5.61 -26.20 -15.40
CA ALA C 293 -6.41 -24.98 -15.44
C ALA C 293 -6.23 -24.20 -16.74
N THR C 294 -7.17 -23.26 -17.01
CA THR C 294 -7.17 -22.28 -18.10
C THR C 294 -7.59 -20.96 -17.46
N ARG C 295 -7.61 -19.85 -18.25
CA ARG C 295 -8.04 -18.52 -17.77
C ARG C 295 -9.51 -18.51 -17.32
N ARG C 296 -10.34 -19.39 -17.92
CA ARG C 296 -11.76 -19.57 -17.63
C ARG C 296 -11.96 -20.08 -16.19
N TRP C 297 -11.12 -21.05 -15.76
CA TRP C 297 -11.18 -21.69 -14.44
C TRP C 297 -11.08 -20.72 -13.25
N ILE C 298 -10.25 -19.64 -13.34
CA ILE C 298 -10.01 -18.66 -12.28
C ILE C 298 -11.31 -18.23 -11.55
N GLU C 299 -12.39 -17.92 -12.30
CA GLU C 299 -13.67 -17.54 -11.71
C GLU C 299 -14.36 -18.70 -10.95
N TYR C 300 -14.22 -19.96 -11.45
CA TYR C 300 -14.77 -21.17 -10.83
C TYR C 300 -14.10 -21.48 -9.49
N GLY C 301 -12.79 -21.26 -9.39
CA GLY C 301 -12.01 -21.50 -8.18
C GLY C 301 -12.35 -20.52 -7.07
N LYS C 302 -12.62 -19.25 -7.45
CA LYS C 302 -13.00 -18.17 -6.55
C LYS C 302 -14.39 -18.41 -5.93
N GLN C 303 -15.26 -19.14 -6.66
CA GLN C 303 -16.65 -19.40 -6.29
C GLN C 303 -16.93 -20.86 -5.85
N ALA C 304 -15.90 -21.73 -5.83
CA ALA C 304 -16.01 -23.15 -5.45
C ALA C 304 -16.48 -23.33 -4.01
N VAL C 305 -17.56 -24.12 -3.81
CA VAL C 305 -18.11 -24.42 -2.48
C VAL C 305 -17.36 -25.66 -1.97
N LEU C 306 -16.54 -25.47 -0.93
CA LEU C 306 -15.65 -26.50 -0.39
C LEU C 306 -16.18 -27.24 0.85
N CYS C 307 -15.52 -28.35 1.20
CA CYS C 307 -15.83 -29.19 2.36
C CYS C 307 -15.47 -28.45 3.65
N SER C 308 -16.39 -28.48 4.63
CA SER C 308 -16.27 -27.80 5.93
C SER C 308 -15.90 -28.70 7.12
N CYS C 309 -16.32 -29.98 7.10
CA CYS C 309 -16.12 -30.93 8.21
C CYS C 309 -14.71 -31.57 8.34
N ARG C 310 -13.94 -31.66 7.23
CA ARG C 310 -12.61 -32.28 7.21
C ARG C 310 -11.46 -31.27 7.05
N LYS C 311 -10.31 -31.60 7.68
CA LYS C 311 -9.10 -30.75 7.74
C LYS C 311 -7.95 -31.16 6.77
N ASP C 312 -8.16 -32.20 5.95
CA ASP C 312 -7.14 -32.66 4.99
C ASP C 312 -7.39 -32.12 3.56
N MET C 313 -8.63 -31.68 3.30
CA MET C 313 -9.22 -31.15 2.07
C MET C 313 -8.33 -30.16 1.30
N VAL C 314 -8.41 -30.21 -0.03
CA VAL C 314 -7.62 -29.37 -0.95
C VAL C 314 -8.22 -27.97 -1.09
N LYS C 315 -7.43 -26.95 -0.76
CA LYS C 315 -7.80 -25.54 -0.84
C LYS C 315 -6.64 -24.75 -1.40
N ILE C 316 -6.86 -24.06 -2.53
CA ILE C 316 -5.84 -23.26 -3.20
C ILE C 316 -6.14 -21.77 -2.96
N SER C 317 -5.11 -20.99 -2.64
CA SER C 317 -5.23 -19.53 -2.48
C SER C 317 -5.34 -18.95 -3.89
N MET C 318 -6.46 -18.25 -4.15
CA MET C 318 -6.77 -17.66 -5.46
C MET C 318 -6.12 -16.32 -5.69
N ASP C 319 -5.57 -15.71 -4.62
CA ASP C 319 -4.88 -14.42 -4.60
C ASP C 319 -3.87 -14.23 -5.75
N VAL C 320 -2.95 -15.21 -5.95
CA VAL C 320 -1.90 -15.20 -7.00
C VAL C 320 -2.52 -15.15 -8.44
N PHE C 321 -3.67 -15.83 -8.67
CA PHE C 321 -4.36 -15.86 -9.97
C PHE C 321 -5.09 -14.54 -10.27
N VAL C 322 -5.71 -13.91 -9.25
CA VAL C 322 -6.45 -12.65 -9.38
C VAL C 322 -5.48 -11.46 -9.59
N ARG C 323 -4.28 -11.51 -8.96
CA ARG C 323 -3.25 -10.46 -9.09
C ARG C 323 -2.68 -10.36 -10.52
N LYS C 324 -2.38 -11.51 -11.14
CA LYS C 324 -1.78 -11.61 -12.47
C LYS C 324 -2.76 -11.50 -13.65
N PHE C 325 -3.94 -12.14 -13.53
CA PHE C 325 -4.92 -12.25 -14.61
C PHE C 325 -6.12 -11.28 -14.52
N GLN C 326 -6.47 -10.87 -13.31
CA GLN C 326 -7.56 -9.89 -13.09
C GLN C 326 -7.02 -8.82 -12.13
N PRO C 327 -6.03 -8.01 -12.55
CA PRO C 327 -5.47 -6.98 -11.67
C PRO C 327 -6.51 -5.92 -11.28
N GLU C 328 -7.33 -5.53 -12.26
CA GLU C 328 -8.36 -4.48 -12.10
C GLU C 328 -9.39 -4.87 -11.04
N ARG C 329 -9.78 -6.14 -10.96
CA ARG C 329 -10.81 -6.58 -9.98
C ARG C 329 -10.21 -6.96 -8.62
N TYR C 330 -8.88 -6.97 -8.50
CA TYR C 330 -8.20 -7.34 -7.24
C TYR C 330 -8.73 -6.63 -6.00
N LYS C 331 -8.89 -5.28 -6.03
CA LYS C 331 -9.41 -4.51 -4.90
C LYS C 331 -10.90 -4.78 -4.66
N LEU C 332 -11.69 -4.99 -5.74
CA LEU C 332 -13.11 -5.32 -5.68
C LEU C 332 -13.31 -6.71 -5.05
N TRP C 333 -12.49 -7.70 -5.44
CA TRP C 333 -12.52 -9.08 -4.91
C TRP C 333 -12.05 -9.17 -3.45
N LYS C 334 -11.07 -8.33 -3.07
CA LYS C 334 -10.53 -8.27 -1.71
C LYS C 334 -11.56 -7.71 -0.72
N ALA C 335 -12.36 -6.73 -1.16
CA ALA C 335 -13.42 -6.09 -0.38
C ALA C 335 -14.73 -6.92 -0.37
N GLY C 336 -14.78 -7.95 -1.21
CA GLY C 336 -15.92 -8.85 -1.36
C GLY C 336 -17.04 -8.27 -2.21
N LYS C 337 -16.72 -7.24 -3.02
CA LYS C 337 -17.66 -6.55 -3.90
C LYS C 337 -17.74 -7.13 -5.33
N ASP C 338 -16.91 -8.17 -5.63
CA ASP C 338 -16.91 -8.86 -6.92
C ASP C 338 -18.13 -9.81 -6.96
N ASN C 339 -19.19 -9.39 -7.69
CA ASN C 339 -20.45 -10.13 -7.82
C ASN C 339 -20.68 -10.67 -9.24
N THR C 340 -19.65 -11.33 -9.81
CA THR C 340 -19.70 -11.89 -11.16
C THR C 340 -20.50 -13.17 -11.22
N VAL C 341 -21.44 -13.26 -12.18
CA VAL C 341 -22.27 -14.44 -12.42
C VAL C 341 -21.63 -15.24 -13.55
N ILE C 342 -21.29 -16.53 -13.27
CA ILE C 342 -20.63 -17.41 -14.24
C ILE C 342 -21.59 -17.87 -15.35
N ASP C 343 -21.13 -17.81 -16.62
CA ASP C 343 -21.86 -18.35 -17.76
C ASP C 343 -21.13 -19.64 -18.17
N HIS C 344 -21.79 -20.81 -17.97
CA HIS C 344 -21.23 -22.14 -18.26
C HIS C 344 -21.07 -22.45 -19.76
N THR C 345 -21.85 -21.75 -20.63
CA THR C 345 -21.84 -21.92 -22.10
C THR C 345 -20.63 -21.26 -22.77
N LEU C 346 -20.08 -20.21 -22.14
CA LEU C 346 -18.94 -19.41 -22.62
C LEU C 346 -17.60 -20.16 -22.63
N PRO C 347 -16.84 -20.14 -23.76
CA PRO C 347 -15.52 -20.80 -23.77
C PRO C 347 -14.40 -19.89 -23.22
N THR C 348 -13.22 -20.48 -22.95
CA THR C 348 -12.05 -19.77 -22.43
C THR C 348 -11.62 -18.59 -23.34
N PRO C 349 -11.05 -17.48 -22.79
CA PRO C 349 -10.60 -16.36 -23.63
C PRO C 349 -9.56 -16.74 -24.70
N GLU C 350 -8.79 -17.84 -24.48
CA GLU C 350 -7.75 -18.38 -25.38
C GLU C 350 -8.33 -18.94 -26.70
N ALA C 351 -9.67 -19.16 -26.75
CA ALA C 351 -10.39 -19.67 -27.91
C ALA C 351 -10.68 -18.60 -28.98
N ALA C 352 -10.15 -17.36 -28.77
CA ALA C 352 -10.31 -16.19 -29.64
C ALA C 352 -9.82 -16.39 -31.09
N GLU C 353 -8.69 -17.11 -31.27
CA GLU C 353 -8.10 -17.40 -32.59
C GLU C 353 -8.93 -18.38 -33.44
N PHE C 354 -9.87 -19.11 -32.82
CA PHE C 354 -10.72 -20.11 -33.48
C PHE C 354 -12.13 -19.58 -33.81
N PRO D 11 -38.13 5.75 -26.48
CA PRO D 11 -38.98 4.66 -26.99
C PRO D 11 -39.45 4.95 -28.42
N SER D 12 -39.91 6.18 -28.62
CA SER D 12 -40.34 6.78 -29.88
C SER D 12 -39.28 7.85 -30.28
N ALA D 13 -38.20 7.97 -29.43
CA ALA D 13 -37.07 8.89 -29.54
C ALA D 13 -37.49 10.39 -29.69
N ARG D 14 -38.59 10.79 -28.99
CA ARG D 14 -39.15 12.14 -28.96
C ARG D 14 -38.45 13.04 -27.93
N ILE D 15 -38.41 14.38 -28.19
CA ILE D 15 -37.80 15.39 -27.31
C ILE D 15 -38.58 15.49 -25.99
N MET D 16 -37.86 15.29 -24.86
CA MET D 16 -38.41 15.33 -23.50
C MET D 16 -38.11 16.65 -22.78
N THR D 17 -39.08 17.09 -21.93
CA THR D 17 -39.02 18.30 -21.11
C THR D 17 -38.98 17.95 -19.62
N PHE D 18 -38.04 18.54 -18.87
CA PHE D 18 -37.87 18.30 -17.43
C PHE D 18 -38.06 19.56 -16.60
N TYR D 19 -38.70 19.40 -15.43
CA TYR D 19 -39.01 20.49 -14.50
C TYR D 19 -38.37 20.20 -13.10
N PRO D 20 -37.01 20.34 -12.94
CA PRO D 20 -36.40 20.06 -11.63
C PRO D 20 -36.76 21.03 -10.51
N THR D 21 -36.67 20.54 -9.26
CA THR D 21 -36.87 21.33 -8.04
C THR D 21 -35.53 22.02 -7.77
N MET D 22 -35.48 22.95 -6.81
CA MET D 22 -34.24 23.65 -6.45
C MET D 22 -33.14 22.68 -5.93
N GLU D 23 -33.53 21.62 -5.19
CA GLU D 23 -32.61 20.59 -4.67
C GLU D 23 -32.02 19.75 -5.82
N GLU D 24 -32.88 19.33 -6.78
CA GLU D 24 -32.51 18.55 -7.97
C GLU D 24 -31.64 19.39 -8.91
N PHE D 25 -31.89 20.71 -8.95
CA PHE D 25 -31.21 21.70 -9.81
C PHE D 25 -29.78 22.06 -9.36
N ARG D 26 -29.46 21.93 -8.07
CA ARG D 26 -28.15 22.28 -7.50
C ARG D 26 -26.98 21.48 -8.11
N ASN D 27 -27.15 20.16 -8.33
CA ASN D 27 -26.10 19.31 -8.92
C ASN D 27 -26.35 19.14 -10.42
N PHE D 28 -25.50 19.79 -11.26
CA PHE D 28 -25.58 19.78 -12.72
C PHE D 28 -25.35 18.40 -13.34
N SER D 29 -24.17 17.80 -13.08
CA SER D 29 -23.74 16.50 -13.61
C SER D 29 -24.65 15.34 -13.20
N ARG D 30 -25.20 15.40 -11.97
CA ARG D 30 -26.13 14.42 -11.43
C ARG D 30 -27.48 14.54 -12.15
N TYR D 31 -27.87 15.78 -12.52
CA TYR D 31 -29.14 15.99 -13.24
C TYR D 31 -29.06 15.52 -14.68
N ILE D 32 -27.90 15.71 -15.33
CA ILE D 32 -27.64 15.24 -16.70
C ILE D 32 -27.68 13.70 -16.70
N ALA D 33 -27.06 13.06 -15.69
CA ALA D 33 -27.06 11.59 -15.52
C ALA D 33 -28.48 11.04 -15.30
N TYR D 34 -29.32 11.77 -14.53
CA TYR D 34 -30.72 11.41 -14.26
C TYR D 34 -31.61 11.49 -15.51
N ILE D 35 -31.43 12.51 -16.36
CA ILE D 35 -32.26 12.67 -17.57
C ILE D 35 -31.93 11.59 -18.62
N GLU D 36 -30.68 11.07 -18.60
CA GLU D 36 -30.27 9.98 -19.48
C GLU D 36 -30.91 8.66 -19.04
N SER D 37 -31.12 8.47 -17.72
CA SER D 37 -31.76 7.27 -17.16
C SER D 37 -33.25 7.21 -17.53
N GLN D 38 -33.81 8.37 -17.97
CA GLN D 38 -35.18 8.54 -18.43
C GLN D 38 -35.30 8.35 -19.96
N GLY D 39 -34.16 8.20 -20.64
CA GLY D 39 -34.10 7.99 -22.09
C GLY D 39 -34.04 9.26 -22.94
N ALA D 40 -33.78 10.45 -22.34
CA ALA D 40 -33.74 11.76 -23.02
C ALA D 40 -32.72 11.89 -24.15
N HIS D 41 -31.56 11.22 -23.99
CA HIS D 41 -30.42 11.21 -24.91
C HIS D 41 -30.74 10.58 -26.28
N ARG D 42 -31.79 9.75 -26.35
CA ARG D 42 -32.24 9.08 -27.56
C ARG D 42 -32.80 10.04 -28.66
N ALA D 43 -33.29 11.24 -28.26
CA ALA D 43 -33.83 12.25 -29.19
C ALA D 43 -32.71 13.12 -29.80
N GLY D 44 -31.59 13.22 -29.09
CA GLY D 44 -30.44 14.03 -29.47
C GLY D 44 -30.49 15.43 -28.91
N LEU D 45 -31.62 15.78 -28.31
CA LEU D 45 -31.95 17.10 -27.76
C LEU D 45 -33.01 16.97 -26.65
N ALA D 46 -32.87 17.77 -25.57
CA ALA D 46 -33.80 17.83 -24.42
C ALA D 46 -33.98 19.25 -23.89
N LYS D 47 -35.16 19.58 -23.32
CA LYS D 47 -35.45 20.88 -22.69
C LYS D 47 -35.52 20.72 -21.17
N VAL D 48 -34.95 21.69 -20.44
CA VAL D 48 -34.96 21.72 -18.98
C VAL D 48 -35.45 23.08 -18.52
N VAL D 49 -36.63 23.11 -17.90
CA VAL D 49 -37.24 24.32 -17.36
C VAL D 49 -36.72 24.50 -15.91
N PRO D 50 -35.88 25.53 -15.62
CA PRO D 50 -35.34 25.70 -14.24
C PRO D 50 -36.39 26.14 -13.21
N PRO D 51 -36.13 26.01 -11.87
CA PRO D 51 -37.13 26.48 -10.88
C PRO D 51 -37.44 27.96 -11.00
N LYS D 52 -38.72 28.33 -10.79
CA LYS D 52 -39.26 29.69 -10.90
C LYS D 52 -38.51 30.75 -10.07
N GLU D 53 -37.98 30.34 -8.90
CA GLU D 53 -37.21 31.20 -8.01
C GLU D 53 -35.82 31.58 -8.56
N TRP D 54 -35.22 30.68 -9.38
CA TRP D 54 -33.88 30.85 -9.96
C TRP D 54 -33.80 31.91 -11.05
N LYS D 55 -32.83 32.84 -10.87
CA LYS D 55 -32.51 33.95 -11.79
C LYS D 55 -30.97 34.09 -11.95
N PRO D 56 -30.41 34.01 -13.19
CA PRO D 56 -28.95 34.14 -13.34
C PRO D 56 -28.42 35.59 -13.26
N ARG D 57 -29.31 36.58 -13.48
CA ARG D 57 -29.00 38.01 -13.49
C ARG D 57 -30.24 38.80 -13.07
N ALA D 58 -30.04 39.91 -12.32
CA ALA D 58 -31.13 40.76 -11.82
C ALA D 58 -31.86 41.57 -12.90
N SER D 59 -31.11 42.15 -13.86
CA SER D 59 -31.69 42.96 -14.94
C SER D 59 -30.86 42.91 -16.23
N TYR D 60 -31.51 42.99 -17.40
CA TYR D 60 -30.85 42.99 -18.71
C TYR D 60 -30.91 44.39 -19.37
N ASP D 61 -31.11 45.45 -18.54
CA ASP D 61 -31.25 46.84 -18.99
C ASP D 61 -29.93 47.63 -19.05
N ASP D 62 -28.81 47.00 -18.68
CA ASP D 62 -27.48 47.59 -18.61
C ASP D 62 -26.47 46.99 -19.62
N ILE D 63 -26.93 46.55 -20.81
CA ILE D 63 -26.02 45.92 -21.78
C ILE D 63 -26.01 46.58 -23.18
N ASP D 64 -26.49 47.83 -23.33
CA ASP D 64 -26.50 48.52 -24.63
C ASP D 64 -25.10 48.86 -25.17
N ASP D 65 -24.12 49.08 -24.28
CA ASP D 65 -22.75 49.43 -24.64
C ASP D 65 -21.85 48.22 -24.93
N LEU D 66 -22.40 46.98 -24.78
CA LEU D 66 -21.72 45.72 -25.05
C LEU D 66 -21.42 45.62 -26.55
N VAL D 67 -20.14 45.35 -26.90
CA VAL D 67 -19.65 45.28 -28.27
C VAL D 67 -19.69 43.86 -28.83
N ILE D 68 -20.22 43.74 -30.07
CA ILE D 68 -20.26 42.52 -30.89
C ILE D 68 -19.14 42.76 -31.93
N PRO D 69 -17.91 42.18 -31.72
CA PRO D 69 -16.78 42.48 -32.61
C PRO D 69 -16.90 42.08 -34.08
N ALA D 70 -17.56 40.94 -34.37
CA ALA D 70 -17.69 40.46 -35.74
C ALA D 70 -19.11 39.95 -36.09
N PRO D 71 -20.11 40.88 -36.25
CA PRO D 71 -21.47 40.42 -36.64
C PRO D 71 -21.46 39.91 -38.08
N ILE D 72 -22.32 38.90 -38.38
CA ILE D 72 -22.32 38.26 -39.70
C ILE D 72 -23.63 38.40 -40.46
N GLN D 73 -23.56 38.88 -41.70
CA GLN D 73 -24.74 38.95 -42.57
C GLN D 73 -24.85 37.57 -43.23
N GLN D 74 -26.01 36.91 -43.07
CA GLN D 74 -26.23 35.55 -43.57
C GLN D 74 -26.89 35.50 -44.95
N LEU D 75 -26.05 35.24 -45.98
CA LEU D 75 -26.49 35.10 -47.37
C LEU D 75 -26.81 33.63 -47.66
N VAL D 76 -28.07 33.34 -48.02
CA VAL D 76 -28.54 31.97 -48.29
C VAL D 76 -28.85 31.79 -49.80
N THR D 77 -28.33 30.69 -50.38
CA THR D 77 -28.54 30.32 -51.79
C THR D 77 -29.18 28.91 -51.90
N GLY D 78 -30.09 28.73 -52.84
CA GLY D 78 -30.74 27.44 -53.08
C GLY D 78 -32.22 27.47 -53.43
N GLN D 79 -32.80 26.26 -53.50
CA GLN D 79 -34.21 25.99 -53.81
C GLN D 79 -34.58 24.56 -53.38
N SER D 80 -35.89 24.22 -53.50
CA SER D 80 -36.49 22.92 -53.20
C SER D 80 -36.06 22.30 -51.83
N GLY D 81 -36.00 23.13 -50.78
CA GLY D 81 -35.65 22.71 -49.43
C GLY D 81 -34.19 22.39 -49.16
N LEU D 82 -33.29 22.71 -50.13
CA LEU D 82 -31.84 22.50 -50.04
C LEU D 82 -31.14 23.84 -50.23
N PHE D 83 -30.35 24.26 -49.22
CA PHE D 83 -29.70 25.58 -49.23
C PHE D 83 -28.28 25.60 -48.65
N THR D 84 -27.47 26.59 -49.10
CA THR D 84 -26.10 26.85 -48.63
C THR D 84 -26.06 28.25 -48.02
N GLN D 85 -25.54 28.36 -46.79
CA GLN D 85 -25.45 29.62 -46.05
C GLN D 85 -24.01 30.13 -46.00
N TYR D 86 -23.81 31.36 -46.49
CA TYR D 86 -22.53 32.08 -46.50
C TYR D 86 -22.56 33.18 -45.45
N ASN D 87 -21.66 33.10 -44.46
CA ASN D 87 -21.57 34.07 -43.37
C ASN D 87 -20.52 35.12 -43.68
N ILE D 88 -20.96 36.37 -43.93
CA ILE D 88 -20.13 37.53 -44.28
C ILE D 88 -19.88 38.42 -43.05
N GLN D 89 -18.61 38.65 -42.71
CA GLN D 89 -18.23 39.50 -41.57
C GLN D 89 -18.48 40.97 -41.87
N LYS D 90 -19.10 41.65 -40.91
CA LYS D 90 -19.43 43.07 -40.95
C LYS D 90 -18.65 43.77 -39.83
N LYS D 91 -18.54 45.12 -39.88
CA LYS D 91 -17.82 45.90 -38.87
C LYS D 91 -18.48 45.81 -37.48
N ALA D 92 -17.68 45.99 -36.40
CA ALA D 92 -18.15 45.93 -35.01
C ALA D 92 -19.33 46.88 -34.74
N MET D 93 -20.30 46.38 -33.97
CA MET D 93 -21.48 47.15 -33.58
C MET D 93 -21.89 46.85 -32.14
N THR D 94 -22.56 47.81 -31.49
CA THR D 94 -23.03 47.64 -30.12
C THR D 94 -24.36 46.88 -30.12
N VAL D 95 -24.78 46.49 -28.92
CA VAL D 95 -26.09 45.81 -28.70
C VAL D 95 -27.18 46.78 -29.12
N ARG D 96 -26.96 48.08 -28.87
CA ARG D 96 -27.89 49.19 -29.20
C ARG D 96 -28.11 49.28 -30.71
N GLU D 97 -27.03 49.20 -31.47
CA GLU D 97 -27.05 49.28 -32.96
C GLU D 97 -27.75 48.05 -33.53
N PHE D 98 -27.51 46.89 -32.92
CA PHE D 98 -28.08 45.60 -33.34
C PHE D 98 -29.60 45.55 -33.15
N ARG D 99 -30.10 45.85 -31.94
CA ARG D 99 -31.54 45.81 -31.64
C ARG D 99 -32.37 46.79 -32.52
N LYS D 100 -31.84 48.01 -32.82
CA LYS D 100 -32.48 49.00 -33.68
C LYS D 100 -32.73 48.42 -35.07
N ILE D 101 -31.73 47.72 -35.64
CA ILE D 101 -31.81 47.04 -36.95
C ILE D 101 -32.80 45.85 -36.84
N ALA D 102 -32.69 45.04 -35.76
CA ALA D 102 -33.54 43.87 -35.46
C ALA D 102 -35.03 44.21 -35.39
N ASN D 103 -35.37 45.33 -34.76
CA ASN D 103 -36.75 45.79 -34.55
C ASN D 103 -37.25 46.76 -35.64
N SER D 104 -36.40 47.07 -36.66
CA SER D 104 -36.78 47.95 -37.76
C SER D 104 -37.76 47.25 -38.69
N ASP D 105 -38.57 48.04 -39.44
CA ASP D 105 -39.58 47.54 -40.38
C ASP D 105 -39.02 46.54 -41.39
N LYS D 106 -37.78 46.79 -41.85
CA LYS D 106 -37.06 45.94 -42.80
C LYS D 106 -36.75 44.53 -42.25
N TYR D 107 -36.34 44.41 -40.96
CA TYR D 107 -35.91 43.12 -40.38
C TYR D 107 -36.78 42.53 -39.24
N CYS D 108 -37.91 43.18 -38.87
CA CYS D 108 -38.79 42.70 -37.78
C CYS D 108 -39.59 41.44 -38.15
N THR D 109 -40.01 40.69 -37.10
CA THR D 109 -40.80 39.45 -37.18
C THR D 109 -42.14 39.69 -37.90
N PRO D 110 -42.52 38.88 -38.91
CA PRO D 110 -43.84 39.07 -39.55
C PRO D 110 -45.01 38.70 -38.63
N ARG D 111 -46.23 39.19 -38.93
CA ARG D 111 -47.44 38.91 -38.15
C ARG D 111 -47.88 37.47 -38.39
N TYR D 112 -48.15 36.72 -37.31
CA TYR D 112 -48.55 35.31 -37.38
C TYR D 112 -49.47 34.86 -36.25
N SER D 113 -50.26 33.81 -36.52
CA SER D 113 -51.19 33.21 -35.56
C SER D 113 -50.52 32.03 -34.86
N GLU D 114 -50.35 30.88 -35.57
CA GLU D 114 -49.73 29.67 -35.05
C GLU D 114 -48.26 29.56 -35.47
N PHE D 115 -47.46 28.73 -34.78
CA PHE D 115 -46.03 28.51 -35.09
C PHE D 115 -45.83 27.98 -36.50
N GLU D 116 -46.71 27.06 -36.95
CA GLU D 116 -46.71 26.46 -38.30
C GLU D 116 -46.71 27.53 -39.40
N GLU D 117 -47.37 28.68 -39.14
CA GLU D 117 -47.42 29.81 -40.06
C GLU D 117 -46.05 30.53 -40.13
N LEU D 118 -45.40 30.77 -38.97
CA LEU D 118 -44.07 31.42 -38.92
C LEU D 118 -42.98 30.52 -39.54
N GLU D 119 -43.08 29.20 -39.33
CA GLU D 119 -42.21 28.17 -39.86
C GLU D 119 -42.31 28.13 -41.40
N ARG D 120 -43.55 28.24 -41.96
CA ARG D 120 -43.80 28.29 -43.41
C ARG D 120 -43.17 29.56 -44.02
N LYS D 121 -43.30 30.70 -43.29
CA LYS D 121 -42.76 32.01 -43.65
C LYS D 121 -41.23 31.99 -43.69
N TYR D 122 -40.59 31.24 -42.77
CA TYR D 122 -39.14 31.07 -42.64
C TYR D 122 -38.53 30.37 -43.86
N TRP D 123 -39.04 29.18 -44.18
CA TRP D 123 -38.58 28.36 -45.31
C TRP D 123 -38.90 28.95 -46.68
N LYS D 124 -39.87 29.89 -46.76
CA LYS D 124 -40.25 30.56 -48.01
C LYS D 124 -39.41 31.82 -48.25
N ASN D 125 -38.94 32.49 -47.16
CA ASN D 125 -38.24 33.77 -47.25
C ASN D 125 -36.76 33.78 -46.82
N LEU D 126 -36.16 32.64 -46.42
CA LEU D 126 -34.76 32.55 -45.95
C LEU D 126 -33.68 33.00 -46.98
N THR D 127 -34.00 33.06 -48.30
CA THR D 127 -33.04 33.53 -49.33
C THR D 127 -33.15 35.04 -49.62
N PHE D 128 -34.21 35.71 -49.10
CA PHE D 128 -34.45 37.15 -49.27
C PHE D 128 -34.11 37.91 -47.97
N ASN D 129 -33.81 39.21 -48.11
N ASN D 129 -33.82 39.21 -48.10
CA ASN D 129 -33.42 40.15 -47.06
CA ASN D 129 -33.48 40.12 -46.99
C ASN D 129 -32.46 39.51 -46.02
C ASN D 129 -32.47 39.50 -46.00
N PRO D 130 -31.20 39.20 -46.41
CA PRO D 130 -30.25 38.58 -45.46
C PRO D 130 -30.09 39.29 -44.10
N PRO D 131 -30.40 38.60 -42.99
CA PRO D 131 -30.30 39.26 -41.68
C PRO D 131 -28.89 39.24 -41.10
N ILE D 132 -28.68 39.91 -39.96
CA ILE D 132 -27.40 40.01 -39.25
C ILE D 132 -27.49 39.20 -37.96
N TYR D 133 -26.50 38.33 -37.73
CA TYR D 133 -26.43 37.51 -36.54
C TYR D 133 -25.20 37.94 -35.74
N GLY D 134 -25.41 38.33 -34.49
CA GLY D 134 -24.34 38.70 -33.56
C GLY D 134 -23.88 37.47 -32.79
N ALA D 135 -23.28 36.49 -33.54
CA ALA D 135 -22.83 35.20 -33.04
C ALA D 135 -21.38 35.17 -32.57
N ASP D 136 -21.03 34.11 -31.78
CA ASP D 136 -19.69 33.79 -31.25
C ASP D 136 -19.02 34.93 -30.45
N VAL D 137 -19.80 35.66 -29.66
CA VAL D 137 -19.27 36.76 -28.84
C VAL D 137 -18.73 36.17 -27.54
N ASN D 138 -17.44 36.40 -27.23
CA ASN D 138 -16.86 35.89 -25.98
C ASN D 138 -17.45 36.68 -24.82
N GLY D 139 -18.10 35.98 -23.90
CA GLY D 139 -18.71 36.63 -22.75
C GLY D 139 -19.77 35.83 -22.04
N THR D 140 -20.21 36.34 -20.88
CA THR D 140 -21.24 35.76 -20.04
C THR D 140 -22.20 36.84 -19.55
N LEU D 141 -23.47 36.48 -19.30
CA LEU D 141 -24.45 37.40 -18.74
C LEU D 141 -24.84 36.97 -17.31
N TYR D 142 -24.20 35.87 -16.83
CA TYR D 142 -24.36 35.29 -15.50
C TYR D 142 -23.63 36.16 -14.47
N GLU D 143 -24.28 36.42 -13.32
CA GLU D 143 -23.65 37.16 -12.22
C GLU D 143 -22.66 36.22 -11.53
N LYS D 144 -21.59 36.76 -10.92
CA LYS D 144 -20.51 36.00 -10.27
C LYS D 144 -20.96 35.00 -9.18
N HIS D 145 -21.99 35.37 -8.41
CA HIS D 145 -22.52 34.58 -7.29
C HIS D 145 -23.37 33.36 -7.69
N VAL D 146 -23.86 33.28 -8.94
CA VAL D 146 -24.69 32.18 -9.44
C VAL D 146 -23.90 30.88 -9.55
N ASP D 147 -24.25 29.89 -8.70
CA ASP D 147 -23.58 28.58 -8.61
C ASP D 147 -24.27 27.48 -9.43
N GLU D 148 -25.58 27.62 -9.67
CA GLU D 148 -26.42 26.64 -10.35
C GLU D 148 -26.46 26.81 -11.86
N TRP D 149 -26.04 25.77 -12.59
CA TRP D 149 -26.01 25.64 -14.07
C TRP D 149 -25.31 26.84 -14.81
N ASN D 150 -24.22 27.39 -14.20
CA ASN D 150 -23.41 28.49 -14.73
C ASN D 150 -22.56 28.04 -15.92
N ILE D 151 -22.91 28.53 -17.13
CA ILE D 151 -22.27 28.23 -18.42
C ILE D 151 -20.75 28.56 -18.50
N GLY D 152 -20.28 29.41 -17.57
CA GLY D 152 -18.88 29.80 -17.46
C GLY D 152 -18.02 28.92 -16.57
N ARG D 153 -18.66 28.05 -15.75
CA ARG D 153 -17.99 27.12 -14.81
C ARG D 153 -18.87 25.90 -14.41
N LEU D 154 -19.09 24.95 -15.36
CA LEU D 154 -19.94 23.77 -15.18
C LEU D 154 -19.31 22.64 -14.34
N ARG D 155 -17.96 22.53 -14.33
CA ARG D 155 -17.11 21.57 -13.57
C ARG D 155 -17.26 20.07 -14.03
N THR D 156 -17.34 19.82 -15.35
CA THR D 156 -17.42 18.46 -15.93
C THR D 156 -16.00 17.88 -16.20
N ILE D 157 -15.91 16.65 -16.72
CA ILE D 157 -14.62 16.00 -17.02
C ILE D 157 -13.90 16.64 -18.24
N LEU D 158 -14.54 17.59 -18.89
CA LEU D 158 -13.95 18.33 -20.05
C LEU D 158 -12.80 19.21 -19.56
N ASP D 159 -12.80 19.53 -18.26
CA ASP D 159 -11.81 20.41 -17.55
C ASP D 159 -10.39 19.82 -17.52
N LEU D 160 -10.24 18.52 -17.74
CA LEU D 160 -8.95 17.79 -17.72
C LEU D 160 -7.97 18.40 -18.73
N VAL D 161 -8.44 18.82 -19.92
CA VAL D 161 -7.50 19.40 -20.92
C VAL D 161 -6.87 20.66 -20.33
N GLU D 162 -7.66 21.54 -19.72
CA GLU D 162 -7.15 22.79 -19.10
C GLU D 162 -6.32 22.48 -17.84
N LYS D 163 -6.74 21.49 -17.07
CA LYS D 163 -6.07 21.11 -15.80
C LYS D 163 -4.62 20.66 -16.02
N GLU D 164 -4.36 19.85 -17.04
CA GLU D 164 -2.97 19.37 -17.26
C GLU D 164 -2.17 20.28 -18.21
N SER D 165 -2.82 21.16 -18.99
CA SER D 165 -2.06 21.99 -19.96
C SER D 165 -2.29 23.52 -19.83
N GLY D 166 -3.48 23.96 -19.42
CA GLY D 166 -3.81 25.39 -19.33
C GLY D 166 -4.43 25.91 -20.62
N ILE D 167 -4.49 25.06 -21.64
CA ILE D 167 -5.08 25.41 -22.97
C ILE D 167 -6.60 25.43 -22.88
N THR D 168 -7.24 26.46 -23.42
CA THR D 168 -8.71 26.54 -23.49
C THR D 168 -9.12 26.85 -24.93
N ILE D 169 -10.22 26.26 -25.39
CA ILE D 169 -10.73 26.59 -26.76
C ILE D 169 -11.97 27.47 -26.58
N GLU D 170 -12.02 28.59 -27.30
CA GLU D 170 -13.14 29.52 -27.22
C GLU D 170 -14.43 28.87 -27.70
N GLY D 171 -15.48 28.98 -26.89
CA GLY D 171 -16.79 28.40 -27.20
C GLY D 171 -16.96 26.98 -26.71
N VAL D 172 -15.91 26.18 -26.88
CA VAL D 172 -15.83 24.78 -26.37
C VAL D 172 -15.65 24.75 -24.85
N ASN D 173 -14.71 25.50 -24.28
CA ASN D 173 -14.55 25.42 -22.79
C ASN D 173 -14.60 26.80 -22.14
N THR D 174 -15.14 27.77 -22.87
CA THR D 174 -15.38 29.17 -22.42
C THR D 174 -16.79 29.55 -22.90
N PRO D 175 -17.50 30.53 -22.31
CA PRO D 175 -18.87 30.83 -22.83
C PRO D 175 -18.96 31.82 -24.01
N TYR D 176 -19.95 31.59 -24.90
CA TYR D 176 -20.28 32.42 -26.07
C TYR D 176 -21.68 32.99 -25.94
N LEU D 177 -21.87 34.25 -26.38
CA LEU D 177 -23.17 34.91 -26.45
C LEU D 177 -23.61 34.99 -27.91
N TYR D 178 -24.93 34.90 -28.17
CA TYR D 178 -25.51 34.93 -29.51
C TYR D 178 -26.69 35.90 -29.51
N PHE D 179 -26.53 37.05 -30.20
CA PHE D 179 -27.58 38.06 -30.33
C PHE D 179 -28.27 37.81 -31.66
N GLY D 180 -29.51 37.34 -31.63
CA GLY D 180 -30.25 37.02 -32.83
C GLY D 180 -31.33 38.03 -33.20
N MET D 181 -31.86 37.86 -34.39
CA MET D 181 -32.97 38.60 -34.98
C MET D 181 -33.77 37.63 -35.83
N TRP D 182 -34.91 38.05 -36.40
CA TRP D 182 -35.79 37.23 -37.22
C TRP D 182 -35.04 36.62 -38.41
N LYS D 183 -35.20 35.29 -38.63
CA LYS D 183 -34.68 34.50 -39.75
C LYS D 183 -33.18 34.13 -39.66
N THR D 184 -32.50 34.49 -38.55
CA THR D 184 -31.08 34.13 -38.36
C THR D 184 -31.05 32.66 -38.02
N SER D 185 -30.21 31.88 -38.72
CA SER D 185 -30.18 30.43 -38.64
C SER D 185 -28.90 29.79 -38.10
N PHE D 186 -29.03 28.53 -37.68
CA PHE D 186 -27.94 27.62 -37.34
C PHE D 186 -28.14 26.35 -38.18
N ALA D 187 -27.16 26.06 -39.07
CA ALA D 187 -27.18 24.92 -40.00
C ALA D 187 -27.05 23.57 -39.29
N TRP D 188 -27.28 22.44 -40.02
CA TRP D 188 -27.19 21.07 -39.50
C TRP D 188 -25.78 20.73 -39.04
N HIS D 189 -25.62 20.23 -37.80
CA HIS D 189 -24.31 19.91 -37.21
C HIS D 189 -24.43 19.12 -35.92
N THR D 190 -23.35 18.43 -35.55
CA THR D 190 -23.13 17.79 -34.26
C THR D 190 -22.12 18.75 -33.54
N GLU D 191 -21.76 18.48 -32.29
CA GLU D 191 -20.82 19.39 -31.61
C GLU D 191 -19.38 19.07 -31.99
N ASP D 192 -18.44 20.00 -31.73
CA ASP D 192 -17.01 19.78 -32.00
C ASP D 192 -16.58 18.59 -31.15
N MET D 193 -15.92 17.58 -31.79
CA MET D 193 -15.44 16.30 -31.21
C MET D 193 -16.63 15.40 -30.77
N ASP D 194 -17.86 15.74 -31.23
CA ASP D 194 -19.15 15.12 -30.92
C ASP D 194 -19.46 15.23 -29.39
N LEU D 195 -19.24 16.42 -28.81
CA LEU D 195 -19.47 16.73 -27.40
C LEU D 195 -20.96 17.05 -27.11
N TYR D 196 -21.31 17.31 -25.82
CA TYR D 196 -22.64 17.77 -25.42
C TYR D 196 -22.55 19.29 -25.48
N SER D 197 -23.70 19.99 -25.45
CA SER D 197 -23.73 21.46 -25.37
C SER D 197 -24.92 21.92 -24.55
N ILE D 198 -24.77 23.07 -23.90
CA ILE D 198 -25.80 23.71 -23.08
C ILE D 198 -26.19 25.05 -23.74
N ASN D 199 -27.48 25.39 -23.73
CA ASN D 199 -27.99 26.64 -24.32
C ASN D 199 -29.13 27.26 -23.46
N TYR D 200 -28.84 28.43 -22.85
CA TYR D 200 -29.82 29.17 -22.07
C TYR D 200 -30.24 30.43 -22.84
N LEU D 201 -31.57 30.67 -22.93
CA LEU D 201 -32.10 31.87 -23.57
C LEU D 201 -32.32 32.90 -22.47
N HIS D 202 -31.49 33.96 -22.46
CA HIS D 202 -31.53 35.03 -21.45
C HIS D 202 -32.78 35.90 -21.51
N PHE D 203 -33.15 36.35 -22.72
CA PHE D 203 -34.31 37.22 -22.94
C PHE D 203 -34.72 37.24 -24.41
N GLY D 204 -35.86 37.88 -24.69
CA GLY D 204 -36.39 38.11 -26.03
C GLY D 204 -37.29 37.03 -26.61
N GLU D 205 -37.38 37.04 -27.96
CA GLU D 205 -38.20 36.16 -28.79
C GLU D 205 -37.66 34.73 -28.86
N PRO D 206 -38.52 33.69 -29.09
CA PRO D 206 -38.02 32.30 -29.09
C PRO D 206 -37.01 31.90 -30.16
N LYS D 207 -36.52 30.66 -30.03
CA LYS D 207 -35.60 29.95 -30.89
C LYS D 207 -36.19 28.56 -31.09
N SER D 208 -36.47 28.21 -32.34
CA SER D 208 -36.95 26.88 -32.75
C SER D 208 -35.76 26.00 -33.14
N TRP D 209 -35.88 24.71 -32.81
CA TRP D 209 -34.86 23.68 -33.05
C TRP D 209 -35.47 22.47 -33.78
N TYR D 210 -34.64 21.81 -34.62
CA TYR D 210 -34.94 20.55 -35.31
C TYR D 210 -33.86 19.57 -34.87
N SER D 211 -34.23 18.31 -34.56
CA SER D 211 -33.25 17.32 -34.15
C SER D 211 -33.44 15.96 -34.81
N VAL D 212 -32.34 15.29 -35.06
CA VAL D 212 -32.35 13.91 -35.63
C VAL D 212 -31.69 13.03 -34.56
N PRO D 213 -32.29 11.91 -34.14
CA PRO D 213 -31.70 11.05 -33.12
C PRO D 213 -30.34 10.47 -33.52
N PRO D 214 -29.38 10.31 -32.58
CA PRO D 214 -28.05 9.78 -32.90
C PRO D 214 -28.04 8.42 -33.61
N GLU D 215 -28.94 7.50 -33.28
CA GLU D 215 -29.00 6.18 -33.97
C GLU D 215 -29.32 6.33 -35.48
N HIS D 216 -30.07 7.37 -35.87
CA HIS D 216 -30.38 7.66 -37.30
C HIS D 216 -29.42 8.70 -37.89
N GLY D 217 -28.37 9.10 -37.17
CA GLY D 217 -27.40 10.12 -37.58
C GLY D 217 -26.63 9.85 -38.87
N LYS D 218 -26.35 8.55 -39.14
CA LYS D 218 -25.64 8.10 -40.34
C LYS D 218 -26.50 8.25 -41.60
N ARG D 219 -27.83 8.12 -41.43
CA ARG D 219 -28.84 8.22 -42.49
C ARG D 219 -28.94 9.65 -43.02
N LEU D 220 -28.77 10.67 -42.14
CA LEU D 220 -28.78 12.09 -42.52
C LEU D 220 -27.50 12.41 -43.29
N GLU D 221 -26.35 11.89 -42.82
CA GLU D 221 -25.03 12.06 -43.46
C GLU D 221 -25.06 11.54 -44.90
N ARG D 222 -25.66 10.34 -45.11
CA ARG D 222 -25.79 9.67 -46.41
C ARG D 222 -26.65 10.49 -47.38
N LEU D 223 -27.72 11.13 -46.86
CA LEU D 223 -28.63 11.98 -47.61
C LEU D 223 -27.97 13.29 -48.06
N ALA D 224 -27.25 14.01 -47.15
CA ALA D 224 -26.55 15.27 -47.45
C ALA D 224 -25.44 15.05 -48.50
N LYS D 225 -24.73 13.89 -48.42
CA LYS D 225 -23.68 13.47 -49.36
C LYS D 225 -24.23 13.26 -50.78
N GLY D 226 -25.47 12.79 -50.88
CA GLY D 226 -26.17 12.59 -52.14
C GLY D 226 -26.64 13.89 -52.79
N PHE D 227 -26.86 14.94 -51.96
CA PHE D 227 -27.32 16.27 -52.37
C PHE D 227 -26.19 17.22 -52.69
N PHE D 228 -25.05 17.04 -52.01
CA PHE D 228 -23.85 17.86 -52.21
C PHE D 228 -22.64 16.90 -52.44
N PRO D 229 -22.57 16.22 -53.63
CA PRO D 229 -21.48 15.27 -53.87
C PRO D 229 -20.09 15.89 -54.04
N GLY D 230 -20.06 17.15 -54.52
CA GLY D 230 -18.83 17.91 -54.71
C GLY D 230 -18.19 18.27 -53.38
N SER D 231 -19.05 18.59 -52.39
CA SER D 231 -18.68 18.94 -51.02
C SER D 231 -18.17 17.71 -50.27
N ALA D 232 -18.82 16.54 -50.50
CA ALA D 232 -18.48 15.25 -49.88
C ALA D 232 -17.13 14.70 -50.37
N GLN D 233 -16.80 14.94 -51.66
CA GLN D 233 -15.54 14.49 -52.27
C GLN D 233 -14.34 15.30 -51.73
N SER D 234 -14.54 16.61 -51.48
CA SER D 234 -13.50 17.52 -50.98
C SER D 234 -13.22 17.35 -49.47
N CYS D 235 -14.28 17.10 -48.67
CA CYS D 235 -14.17 16.93 -47.21
C CYS D 235 -15.04 15.78 -46.74
N GLU D 236 -14.49 14.93 -45.85
CA GLU D 236 -15.17 13.78 -45.24
C GLU D 236 -16.32 14.26 -44.35
N ALA D 237 -16.03 15.23 -43.44
CA ALA D 237 -17.03 15.81 -42.54
C ALA D 237 -17.37 17.26 -42.96
N PHE D 238 -17.94 17.42 -44.16
CA PHE D 238 -18.31 18.72 -44.73
C PHE D 238 -19.47 19.42 -43.98
N LEU D 239 -20.24 18.67 -43.17
CA LEU D 239 -21.33 19.20 -42.36
C LEU D 239 -20.80 20.00 -41.17
N ARG D 240 -19.52 19.78 -40.81
CA ARG D 240 -18.82 20.48 -39.72
C ARG D 240 -18.46 21.92 -40.15
N HIS D 241 -18.64 22.25 -41.46
CA HIS D 241 -18.43 23.60 -42.01
C HIS D 241 -19.59 24.51 -41.59
N LYS D 242 -20.74 23.91 -41.18
CA LYS D 242 -21.98 24.56 -40.70
C LYS D 242 -22.58 25.50 -41.74
N MET D 243 -22.68 25.01 -42.98
CA MET D 243 -23.19 25.77 -44.12
C MET D 243 -24.41 25.13 -44.77
N THR D 244 -24.88 23.98 -44.26
CA THR D 244 -25.97 23.20 -44.86
C THR D 244 -27.32 23.34 -44.14
N LEU D 245 -28.33 23.85 -44.89
CA LEU D 245 -29.73 24.00 -44.48
C LEU D 245 -30.58 23.03 -45.31
N ILE D 246 -31.36 22.18 -44.62
CA ILE D 246 -32.24 21.16 -45.19
C ILE D 246 -33.54 21.30 -44.41
N SER D 247 -34.64 21.47 -45.15
CA SER D 247 -35.97 21.68 -44.58
C SER D 247 -36.64 20.41 -44.02
N PRO D 248 -37.57 20.54 -43.02
CA PRO D 248 -38.27 19.35 -42.49
C PRO D 248 -39.09 18.58 -43.52
N LEU D 249 -39.58 19.26 -44.58
CA LEU D 249 -40.35 18.67 -45.70
C LEU D 249 -39.45 17.76 -46.55
N MET D 250 -38.17 18.12 -46.67
CA MET D 250 -37.14 17.39 -47.40
C MET D 250 -36.74 16.14 -46.59
N LEU D 251 -36.71 16.26 -45.24
CA LEU D 251 -36.40 15.15 -44.32
C LEU D 251 -37.51 14.09 -44.34
N LYS D 252 -38.78 14.53 -44.33
CA LYS D 252 -39.98 13.69 -44.34
C LYS D 252 -40.10 12.93 -45.67
N LYS D 253 -39.69 13.57 -46.79
CA LYS D 253 -39.73 13.01 -48.14
C LYS D 253 -38.78 11.83 -48.31
N TYR D 254 -37.62 11.88 -47.64
CA TYR D 254 -36.61 10.82 -47.75
C TYR D 254 -36.60 9.86 -46.55
N GLY D 255 -37.61 9.95 -45.70
CA GLY D 255 -37.76 9.01 -44.57
C GLY D 255 -36.80 9.23 -43.43
N ILE D 256 -36.20 10.42 -43.32
CA ILE D 256 -35.27 10.65 -42.18
C ILE D 256 -36.11 11.06 -40.98
N PRO D 257 -36.04 10.35 -39.84
CA PRO D 257 -36.83 10.67 -38.65
C PRO D 257 -36.31 11.92 -37.95
N PHE D 258 -37.21 12.76 -37.44
CA PHE D 258 -36.79 14.00 -36.75
C PHE D 258 -37.90 14.51 -35.86
N ASP D 259 -37.56 15.43 -34.95
CA ASP D 259 -38.51 16.09 -34.05
C ASP D 259 -38.23 17.59 -34.01
N LYS D 260 -39.23 18.40 -33.58
CA LYS D 260 -39.19 19.87 -33.49
C LYS D 260 -39.46 20.32 -32.05
N VAL D 261 -38.91 21.49 -31.66
CA VAL D 261 -39.11 22.07 -30.32
C VAL D 261 -38.83 23.60 -30.35
N THR D 262 -39.61 24.38 -29.56
CA THR D 262 -39.47 25.82 -29.43
C THR D 262 -39.00 26.15 -28.01
N GLN D 263 -37.84 26.85 -27.92
CA GLN D 263 -37.22 27.26 -26.66
C GLN D 263 -37.58 28.72 -26.40
N GLU D 264 -38.15 29.00 -25.23
CA GLU D 264 -38.55 30.35 -24.84
C GLU D 264 -37.59 30.94 -23.81
N ALA D 265 -37.62 32.28 -23.61
CA ALA D 265 -36.75 32.99 -22.66
C ALA D 265 -36.83 32.35 -21.28
N GLY D 266 -35.65 32.04 -20.73
CA GLY D 266 -35.49 31.41 -19.43
C GLY D 266 -35.54 29.90 -19.44
N GLU D 267 -35.32 29.28 -20.61
CA GLU D 267 -35.31 27.81 -20.71
C GLU D 267 -33.95 27.34 -21.20
N PHE D 268 -33.49 26.18 -20.71
CA PHE D 268 -32.23 25.54 -21.12
C PHE D 268 -32.53 24.46 -22.15
N MET D 269 -31.62 24.31 -23.11
CA MET D 269 -31.68 23.24 -24.15
C MET D 269 -30.38 22.43 -24.05
N ILE D 270 -30.47 21.09 -24.00
CA ILE D 270 -29.27 20.22 -23.93
C ILE D 270 -29.18 19.38 -25.22
N THR D 271 -27.99 19.39 -25.85
CA THR D 271 -27.71 18.58 -27.07
C THR D 271 -26.77 17.46 -26.63
N PHE D 272 -26.98 16.25 -27.14
CA PHE D 272 -26.23 15.07 -26.73
C PHE D 272 -25.22 14.64 -27.80
N PRO D 273 -24.15 13.86 -27.44
CA PRO D 273 -23.19 13.40 -28.46
C PRO D 273 -23.79 12.77 -29.71
N TYR D 274 -23.34 13.27 -30.90
CA TYR D 274 -23.74 12.81 -32.24
C TYR D 274 -25.23 13.10 -32.54
N GLY D 275 -25.76 14.13 -31.87
CA GLY D 275 -27.13 14.59 -32.06
C GLY D 275 -27.15 15.76 -33.03
N TYR D 276 -27.58 15.50 -34.27
CA TYR D 276 -27.65 16.52 -35.32
C TYR D 276 -28.80 17.46 -35.07
N HIS D 277 -28.51 18.77 -35.07
CA HIS D 277 -29.50 19.81 -34.83
C HIS D 277 -29.31 21.03 -35.76
N ALA D 278 -30.44 21.73 -36.03
CA ALA D 278 -30.57 22.94 -36.86
C ALA D 278 -31.74 23.81 -36.32
N GLY D 279 -31.86 25.04 -36.80
CA GLY D 279 -32.94 25.91 -36.36
C GLY D 279 -32.80 27.37 -36.72
N PHE D 280 -33.72 28.20 -36.17
CA PHE D 280 -33.79 29.64 -36.40
C PHE D 280 -34.33 30.42 -35.20
N ASN D 281 -34.05 31.73 -35.18
CA ASN D 281 -34.52 32.69 -34.17
C ASN D 281 -35.79 33.40 -34.68
N HIS D 282 -36.80 33.60 -33.77
CA HIS D 282 -38.11 34.21 -34.07
C HIS D 282 -38.02 35.73 -34.18
N GLY D 283 -37.11 36.33 -33.42
CA GLY D 283 -36.88 37.77 -33.38
C GLY D 283 -35.72 38.10 -32.48
N PHE D 284 -35.60 39.39 -32.06
CA PHE D 284 -34.50 39.85 -31.20
C PHE D 284 -34.44 39.09 -29.86
N ASN D 285 -33.25 38.53 -29.55
CA ASN D 285 -32.98 37.73 -28.34
C ASN D 285 -31.48 37.62 -28.04
N CYS D 286 -31.14 36.86 -26.98
CA CYS D 286 -29.77 36.59 -26.54
C CYS D 286 -29.70 35.25 -25.84
N ALA D 287 -28.77 34.38 -26.31
CA ALA D 287 -28.48 33.05 -25.78
C ALA D 287 -27.03 32.94 -25.33
N GLU D 288 -26.77 32.07 -24.34
CA GLU D 288 -25.42 31.76 -23.83
C GLU D 288 -25.17 30.26 -24.02
N SER D 289 -23.99 29.89 -24.60
CA SER D 289 -23.65 28.50 -24.88
C SER D 289 -22.18 28.12 -24.62
N THR D 290 -21.98 26.83 -24.31
CA THR D 290 -20.69 26.16 -24.10
C THR D 290 -20.88 24.63 -24.31
N ASN D 291 -19.77 23.89 -24.37
CA ASN D 291 -19.75 22.45 -24.54
C ASN D 291 -19.35 21.80 -23.23
N PHE D 292 -19.80 20.55 -22.99
CA PHE D 292 -19.45 19.79 -21.80
C PHE D 292 -19.34 18.28 -22.12
N ALA D 293 -18.86 17.49 -21.16
CA ALA D 293 -18.66 16.06 -21.34
C ALA D 293 -19.09 15.22 -20.13
N THR D 294 -19.33 13.91 -20.36
CA THR D 294 -19.59 12.87 -19.35
C THR D 294 -18.63 11.71 -19.64
N ARG D 295 -18.72 10.59 -18.89
CA ARG D 295 -17.86 9.42 -19.11
C ARG D 295 -18.26 8.69 -20.42
N ARG D 296 -19.54 8.87 -20.86
CA ARG D 296 -20.13 8.30 -22.08
C ARG D 296 -19.51 8.93 -23.33
N TRP D 297 -19.24 10.25 -23.26
CA TRP D 297 -18.65 11.02 -24.36
C TRP D 297 -17.26 10.52 -24.83
N ILE D 298 -16.38 10.06 -23.90
CA ILE D 298 -15.02 9.60 -24.20
C ILE D 298 -14.96 8.69 -25.45
N GLU D 299 -15.89 7.72 -25.55
CA GLU D 299 -16.05 6.80 -26.69
C GLU D 299 -16.43 7.51 -28.01
N TYR D 300 -17.23 8.59 -27.93
CA TYR D 300 -17.66 9.41 -29.09
C TYR D 300 -16.53 10.31 -29.62
N GLY D 301 -15.72 10.85 -28.70
CA GLY D 301 -14.58 11.72 -29.02
C GLY D 301 -13.44 11.00 -29.72
N LYS D 302 -13.24 9.71 -29.39
CA LYS D 302 -12.23 8.82 -29.95
C LYS D 302 -12.62 8.38 -31.38
N GLN D 303 -13.94 8.34 -31.66
CA GLN D 303 -14.53 7.87 -32.93
C GLN D 303 -15.09 8.99 -33.82
N ALA D 304 -14.99 10.27 -33.39
CA ALA D 304 -15.47 11.44 -34.12
C ALA D 304 -14.79 11.60 -35.49
N VAL D 305 -15.58 11.72 -36.57
CA VAL D 305 -15.06 11.91 -37.94
C VAL D 305 -14.93 13.42 -38.12
N LEU D 306 -13.68 13.91 -38.22
CA LEU D 306 -13.36 15.33 -38.27
C LEU D 306 -13.13 15.90 -39.67
N CYS D 307 -13.10 17.24 -39.78
CA CYS D 307 -12.85 17.99 -41.01
C CYS D 307 -11.40 17.82 -41.45
N SER D 308 -11.19 17.53 -42.74
CA SER D 308 -9.89 17.28 -43.35
C SER D 308 -9.29 18.45 -44.16
N CYS D 309 -10.13 19.28 -44.80
CA CYS D 309 -9.72 20.34 -45.71
C CYS D 309 -9.19 21.64 -45.05
N ARG D 310 -9.58 21.96 -43.80
CA ARG D 310 -9.10 23.21 -43.19
C ARG D 310 -8.65 23.05 -41.74
N LYS D 311 -8.46 24.21 -41.03
CA LYS D 311 -8.12 24.35 -39.60
C LYS D 311 -8.23 25.81 -39.16
N MET D 313 -10.38 24.23 -37.47
CA MET D 313 -11.07 23.08 -36.91
C MET D 313 -10.58 22.69 -35.52
N VAL D 314 -11.53 22.43 -34.61
CA VAL D 314 -11.27 22.04 -33.23
C VAL D 314 -10.97 20.53 -33.13
N LYS D 315 -9.81 20.23 -32.54
CA LYS D 315 -9.35 18.87 -32.31
C LYS D 315 -8.75 18.78 -30.90
N ILE D 316 -9.30 17.88 -30.08
CA ILE D 316 -8.85 17.65 -28.70
C ILE D 316 -8.05 16.35 -28.63
N SER D 317 -6.91 16.37 -27.93
CA SER D 317 -6.07 15.19 -27.72
C SER D 317 -6.86 14.27 -26.78
N MET D 318 -7.24 13.07 -27.28
N MET D 318 -7.20 13.06 -27.28
CA MET D 318 -8.02 12.09 -26.51
CA MET D 318 -7.98 12.02 -26.60
C MET D 318 -7.16 11.27 -25.53
C MET D 318 -7.16 11.27 -25.56
N ASP D 319 -5.82 11.17 -25.76
CA ASP D 319 -4.86 10.44 -24.90
C ASP D 319 -5.00 10.68 -23.40
N VAL D 320 -5.25 11.94 -22.95
CA VAL D 320 -5.45 12.32 -21.54
C VAL D 320 -6.70 11.66 -20.93
N PHE D 321 -7.78 11.52 -21.72
CA PHE D 321 -9.04 10.91 -21.31
C PHE D 321 -8.92 9.38 -21.27
N VAL D 322 -8.18 8.79 -22.25
CA VAL D 322 -7.93 7.34 -22.35
C VAL D 322 -7.15 6.82 -21.14
N ARG D 323 -6.05 7.51 -20.76
CA ARG D 323 -5.16 7.18 -19.64
C ARG D 323 -5.85 7.05 -18.28
N LYS D 324 -6.71 8.05 -17.94
CA LYS D 324 -7.40 8.14 -16.67
C LYS D 324 -8.68 7.31 -16.53
N PHE D 325 -9.50 7.27 -17.58
CA PHE D 325 -10.81 6.61 -17.56
C PHE D 325 -10.87 5.23 -18.22
N GLN D 326 -9.95 4.94 -19.16
CA GLN D 326 -9.89 3.64 -19.83
C GLN D 326 -8.44 3.08 -19.78
N PRO D 327 -7.79 2.93 -18.59
CA PRO D 327 -6.38 2.44 -18.58
C PRO D 327 -6.16 1.05 -19.18
N GLU D 328 -7.19 0.21 -19.13
CA GLU D 328 -7.11 -1.17 -19.68
C GLU D 328 -6.92 -1.15 -21.22
N ARG D 329 -7.61 -0.24 -21.92
CA ARG D 329 -7.58 -0.22 -23.40
C ARG D 329 -6.57 0.77 -23.98
N TYR D 330 -5.77 1.44 -23.16
CA TYR D 330 -4.84 2.46 -23.73
C TYR D 330 -3.87 1.80 -24.73
N LYS D 331 -3.30 0.64 -24.38
CA LYS D 331 -2.35 -0.09 -25.27
C LYS D 331 -3.07 -0.54 -26.55
N LEU D 332 -4.31 -1.03 -26.39
CA LEU D 332 -5.15 -1.53 -27.48
C LEU D 332 -5.57 -0.39 -28.42
N TRP D 333 -5.85 0.81 -27.87
CA TRP D 333 -6.23 2.01 -28.60
C TRP D 333 -5.03 2.64 -29.31
N LYS D 334 -3.83 2.57 -28.68
CA LYS D 334 -2.59 3.11 -29.24
C LYS D 334 -2.12 2.32 -30.47
N ALA D 335 -2.33 0.98 -30.44
CA ALA D 335 -1.97 0.06 -31.52
C ALA D 335 -3.05 0.03 -32.63
N GLY D 336 -4.20 0.65 -32.37
CA GLY D 336 -5.33 0.73 -33.29
C GLY D 336 -6.18 -0.52 -33.32
N LYS D 337 -6.06 -1.35 -32.26
CA LYS D 337 -6.79 -2.61 -32.11
C LYS D 337 -8.12 -2.47 -31.34
N ASP D 338 -8.45 -1.26 -30.85
CA ASP D 338 -9.69 -0.98 -30.13
C ASP D 338 -10.82 -0.85 -31.17
N ASN D 339 -11.65 -1.91 -31.27
CA ASN D 339 -12.77 -1.99 -32.22
C ASN D 339 -14.15 -1.99 -31.53
N THR D 340 -14.36 -1.07 -30.57
CA THR D 340 -15.60 -0.96 -29.80
C THR D 340 -16.72 -0.33 -30.63
N VAL D 341 -17.91 -0.95 -30.61
CA VAL D 341 -19.09 -0.45 -31.31
C VAL D 341 -19.97 0.30 -30.28
N ILE D 342 -20.25 1.59 -30.56
CA ILE D 342 -21.06 2.46 -29.69
C ILE D 342 -22.56 2.09 -29.78
N ASP D 343 -23.24 2.02 -28.62
CA ASP D 343 -24.68 1.82 -28.54
C ASP D 343 -25.27 3.17 -28.14
N HIS D 344 -26.02 3.83 -29.04
CA HIS D 344 -26.62 5.15 -28.83
C HIS D 344 -27.77 5.18 -27.81
N THR D 345 -28.42 4.04 -27.57
CA THR D 345 -29.55 3.88 -26.63
C THR D 345 -29.09 3.85 -25.15
N LEU D 346 -27.86 3.37 -24.90
CA LEU D 346 -27.24 3.23 -23.58
C LEU D 346 -26.96 4.59 -22.87
N PRO D 347 -27.36 4.76 -21.58
CA PRO D 347 -27.07 6.02 -20.88
C PRO D 347 -25.67 6.03 -20.26
N THR D 348 -25.24 7.22 -19.76
CA THR D 348 -23.92 7.48 -19.14
C THR D 348 -23.71 6.58 -17.90
N PRO D 349 -22.48 6.04 -17.62
CA PRO D 349 -22.30 5.17 -16.43
C PRO D 349 -22.71 5.79 -15.09
N GLU D 350 -22.72 7.13 -15.02
CA GLU D 350 -23.12 7.93 -13.85
C GLU D 350 -24.62 7.77 -13.49
N ALA D 351 -25.42 7.26 -14.44
CA ALA D 351 -26.86 7.03 -14.31
C ALA D 351 -27.22 5.73 -13.54
N ALA D 352 -26.20 5.06 -12.98
CA ALA D 352 -26.30 3.81 -12.22
C ALA D 352 -27.21 3.90 -10.98
N GLU D 353 -27.16 5.03 -10.23
CA GLU D 353 -27.97 5.25 -9.03
C GLU D 353 -29.46 5.44 -9.33
N ALA E 5 -21.87 10.03 21.15
CA ALA E 5 -20.74 10.89 21.52
C ALA E 5 -19.76 11.09 20.34
N ARG E 6 -18.73 11.97 20.50
CA ARG E 6 -17.74 12.26 19.46
C ARG E 6 -16.39 12.71 20.05
N ARG E 7 -15.26 12.16 19.51
CA ARG E 7 -13.91 12.56 19.90
C ARG E 7 -13.63 13.91 19.25
N SER E 8 -13.02 14.84 20.01
CA SER E 8 -12.78 16.22 19.56
C SER E 8 -11.38 16.74 19.93
N THR E 9 -10.99 17.88 19.32
CA THR E 9 -9.73 18.57 19.55
C THR E 9 -9.96 19.81 20.48
N GLY E 10 -11.21 20.02 20.88
CA GLY E 10 -11.64 21.08 21.79
C GLY E 10 -11.80 22.46 21.18
N GLY E 11 -11.25 23.46 21.88
CA GLY E 11 -11.28 24.85 21.50
C GLY E 11 -12.56 25.57 21.83
N ALA F 5 51.36 6.66 36.53
CA ALA F 5 50.25 5.85 36.03
C ALA F 5 50.54 5.24 34.65
N ARG F 6 49.62 4.39 34.17
CA ARG F 6 49.70 3.72 32.87
C ARG F 6 48.31 3.51 32.26
N ARG F 7 48.24 3.37 30.93
CA ARG F 7 47.01 3.09 30.18
C ARG F 7 46.54 1.67 30.60
N SER F 8 45.23 1.51 30.77
CA SER F 8 44.63 0.24 31.21
C SER F 8 43.39 -0.17 30.39
N THR F 9 43.01 -1.46 30.50
CA THR F 9 41.86 -2.07 29.83
C THR F 9 40.67 -2.17 30.84
N GLY F 10 40.95 -1.88 32.12
CA GLY F 10 39.96 -1.87 33.20
C GLY F 10 39.73 -3.19 33.89
CA ALA G 5 -3.53 -31.66 1.20
C ALA G 5 -3.16 -32.53 0.00
N ARG G 6 -4.04 -33.49 -0.35
CA ARG G 6 -3.88 -34.41 -1.49
C ARG G 6 -5.22 -34.84 -2.06
N ARG G 7 -5.24 -35.15 -3.37
CA ARG G 7 -6.38 -35.66 -4.11
C ARG G 7 -6.69 -37.06 -3.56
N SER G 8 -7.98 -37.40 -3.42
CA SER G 8 -8.42 -38.67 -2.86
C SER G 8 -9.59 -39.30 -3.65
N THR G 9 -9.86 -40.59 -3.37
CA THR G 9 -10.96 -41.35 -3.98
C THR G 9 -12.18 -41.41 -2.99
N GLY G 10 -11.98 -40.92 -1.76
CA GLY G 10 -13.00 -40.85 -0.73
C GLY G 10 -13.17 -42.08 0.11
N GLY G 11 -14.43 -42.52 0.23
C ALA H 5 -9.83 27.54 -31.87
N ARG H 6 -10.97 27.89 -32.50
CA ARG H 6 -12.16 28.31 -31.78
C ARG H 6 -13.45 27.80 -32.42
N ARG H 7 -14.51 27.65 -31.59
CA ARG H 7 -15.86 27.25 -32.01
C ARG H 7 -16.41 28.36 -32.93
N SER H 8 -17.08 27.97 -34.03
CA SER H 8 -17.62 28.93 -35.01
C SER H 8 -19.03 28.56 -35.49
N THR H 9 -19.69 29.54 -36.14
CA THR H 9 -21.01 29.41 -36.75
C THR H 9 -20.90 29.21 -38.30
N GLY H 10 -19.66 29.10 -38.80
CA GLY H 10 -19.36 28.85 -40.21
C GLY H 10 -19.26 30.09 -41.07
ZN ZN I . -4.11 11.99 22.16
ZN ZN J . -15.72 20.24 31.38
C1 OGA K . -3.23 11.08 19.42
C2 OGA K . -3.17 12.60 19.26
C4 OGA K . -3.98 14.19 17.62
C5 OGA K . -3.23 15.09 16.67
O1 OGA K . -3.10 10.30 18.47
O2 OGA K . -3.44 10.67 20.64
O2' OGA K . -3.14 13.35 20.24
O3 OGA K . -3.36 16.28 16.68
N1 OGA K . -3.24 13.01 18.00
O4 OGA K . -2.44 14.45 15.86
ZN ZN L . 40.31 3.03 22.90
ZN ZN M . 36.54 6.73 39.26
C1 OGA N . 41.91 1.38 20.97
C2 OGA N . 41.18 0.26 21.73
C4 OGA N . 41.85 -1.80 22.83
C5 OGA N . 41.55 -3.24 22.50
O1 OGA N . 41.47 2.59 21.26
O2 OGA N . 42.82 1.16 20.20
O2' OGA N . 40.16 0.47 22.41
O3 OGA N . 41.02 -4.00 23.29
N1 OGA N . 41.78 -0.92 21.67
O4 OGA N . 41.92 -3.58 21.32
ZN ZN O . -12.78 -36.83 -11.47
ZN ZN P . -17.12 -32.39 4.37
C1 OGA Q . -10.78 -38.40 -13.19
C2 OGA Q . -11.44 -39.53 -12.39
C4 OGA Q . -10.64 -41.46 -11.15
C5 OGA Q . -10.82 -42.93 -11.39
O1 OGA Q . -11.34 -37.24 -13.01
O2 OGA Q . -9.80 -38.57 -13.92
O2' OGA Q . -12.47 -39.36 -11.75
O3 OGA Q . -11.30 -43.70 -10.57
N1 OGA Q . -10.73 -40.67 -12.36
O4 OGA Q . -10.37 -43.31 -12.55
ZN ZN R . -24.90 23.16 -31.67
ZN ZN S . -13.69 20.20 -44.33
C1 OGA T . -26.00 25.08 -29.59
C2 OGA T . -26.31 25.82 -30.89
C4 OGA T . -26.04 28.10 -31.70
C5 OGA T . -27.07 29.16 -31.99
O1 OGA T . -25.56 23.86 -29.76
O2 OGA T . -26.13 25.59 -28.48
O2' OGA T . -26.30 25.25 -32.00
O3 OGA T . -27.84 29.62 -31.17
N1 OGA T . -26.50 27.13 -30.74
O4 OGA T . -27.02 29.57 -33.24
#